data_3BJW
#
_entry.id   3BJW
#
_cell.length_a   51.450
_cell.length_b   132.250
_cell.length_c   86.100
_cell.angle_alpha   90.000
_cell.angle_beta   99.330
_cell.angle_gamma   90.000
#
_symmetry.space_group_name_H-M   'P 1 21 1'
#
loop_
_entity.id
_entity.type
_entity.pdbx_description
1 polymer 'Phospholipase A2'
2 non-polymer "8,8'-[CARBONYLBIS[IMINO-3,1-PHENYLENECARBONYLIMINO(4-METHYL-3,1-PHENYLENE)CARBONYLIMINO]]BIS-1,3,5-NAPHTHALENETRISULFON IC ACID"
3 water water
#
_entity_poly.entity_id   1
_entity_poly.type   'polypeptide(L)'
_entity_poly.pdbx_seq_one_letter_code
;SVVELGKMIIQETGKSPFPSYTSYGCFCGGGERGPPLDATDRCCLAHSCCYDTLPDCSPKTDRYKYKRENGEIICENSTS
CKKRICECDKAVAVCLRKNLNTYNKKYTYYPNFWCKGDIEKC
;
_entity_poly.pdbx_strand_id   A,B,C,D,E,F,G,H
#
loop_
_chem_comp.id
_chem_comp.type
_chem_comp.name
_chem_comp.formula
SVR non-polymer '8,8'-[CARBONYLBIS[IMINO-3,1-PHENYLENECARBONYLIMINO(4-METHYL-3,1-PHENYLENE)CARBONYLIMINO]]BIS-1,3,5-NAPHTHALENETRISULFON IC ACID' 'C51 H40 N6 O23 S6'
#
# COMPACT_ATOMS: atom_id res chain seq x y z
N SER A 1 29.77 -1.70 14.43
CA SER A 1 29.72 -1.95 12.96
C SER A 1 28.27 -1.93 12.45
N VAL A 2 27.33 -2.07 13.37
CA VAL A 2 25.91 -2.08 13.04
C VAL A 2 25.63 -1.06 11.93
N VAL A 3 26.29 0.08 11.99
CA VAL A 3 26.13 1.11 10.97
C VAL A 3 26.75 0.63 9.65
N GLU A 4 27.98 0.12 9.71
CA GLU A 4 28.65 -0.38 8.50
C GLU A 4 27.88 -1.55 7.91
N LEU A 5 27.37 -2.41 8.77
CA LEU A 5 26.60 -3.57 8.33
C LEU A 5 25.34 -3.16 7.57
N GLY A 6 24.62 -2.18 8.14
CA GLY A 6 23.41 -1.71 7.50
C GLY A 6 23.67 -1.16 6.12
N LYS A 7 24.76 -0.42 5.99
CA LYS A 7 25.13 0.15 4.70
C LYS A 7 25.47 -0.95 3.71
N MET A 8 25.96 -2.08 4.22
CA MET A 8 26.29 -3.21 3.34
C MET A 8 25.00 -3.89 2.90
N ILE A 9 24.01 -3.90 3.78
CA ILE A 9 22.71 -4.50 3.46
C ILE A 9 22.04 -3.70 2.35
N ILE A 10 22.04 -2.38 2.53
CA ILE A 10 21.45 -1.48 1.55
C ILE A 10 22.14 -1.65 0.20
N GLN A 11 23.47 -1.72 0.24
CA GLN A 11 24.27 -1.87 -0.97
C GLN A 11 24.03 -3.21 -1.65
N GLU A 12 24.27 -4.29 -0.91
CA GLU A 12 24.13 -5.64 -1.41
C GLU A 12 22.73 -6.17 -1.72
N THR A 13 21.75 -5.82 -0.89
CA THR A 13 20.37 -6.30 -1.09
C THR A 13 19.42 -5.30 -1.74
N GLY A 14 19.65 -4.01 -1.53
CA GLY A 14 18.75 -3.04 -2.11
C GLY A 14 17.57 -2.82 -1.16
N LYS A 15 17.63 -3.45 0.01
CA LYS A 15 16.61 -3.31 1.03
C LYS A 15 17.26 -2.65 2.25
N SER A 16 16.51 -1.81 2.95
CA SER A 16 17.05 -1.19 4.15
C SER A 16 16.81 -2.15 5.31
N PRO A 17 17.74 -2.20 6.28
CA PRO A 17 17.64 -3.06 7.46
C PRO A 17 16.29 -2.87 8.14
N PHE A 18 15.82 -1.63 8.12
CA PHE A 18 14.49 -1.36 8.66
C PHE A 18 13.63 -1.01 7.46
N PRO A 19 12.52 -1.73 7.27
CA PRO A 19 12.11 -2.81 8.15
C PRO A 19 12.32 -4.18 7.52
N SER A 20 13.09 -4.23 6.44
CA SER A 20 13.31 -5.48 5.72
C SER A 20 13.99 -6.63 6.46
N TYR A 21 14.87 -6.32 7.40
CA TYR A 21 15.57 -7.37 8.10
C TYR A 21 15.63 -7.28 9.63
N THR A 22 15.37 -6.10 10.18
CA THR A 22 15.45 -5.93 11.63
C THR A 22 14.56 -6.83 12.48
N SER A 23 13.59 -7.48 11.84
CA SER A 23 12.68 -8.38 12.54
C SER A 23 12.41 -9.64 11.72
N TYR A 24 13.30 -9.95 10.80
CA TYR A 24 13.14 -11.11 9.94
C TYR A 24 13.41 -12.43 10.66
N GLY A 25 12.41 -13.31 10.62
CA GLY A 25 12.55 -14.62 11.23
C GLY A 25 13.02 -14.63 12.66
N CYS A 26 13.61 -15.76 13.07
CA CYS A 26 14.11 -15.94 14.43
C CYS A 26 15.50 -15.35 14.70
N PHE A 27 16.28 -15.06 13.65
CA PHE A 27 17.63 -14.56 13.90
C PHE A 27 18.05 -13.18 13.41
N CYS A 28 17.42 -12.67 12.36
CA CYS A 28 17.79 -11.35 11.86
C CYS A 28 17.46 -10.29 12.89
N GLY A 29 18.41 -9.40 13.15
CA GLY A 29 18.20 -8.34 14.12
C GLY A 29 18.38 -8.81 15.56
N GLY A 30 18.37 -10.12 15.76
CA GLY A 30 18.52 -10.67 17.09
C GLY A 30 17.79 -12.00 17.21
N GLY A 31 18.05 -12.72 18.30
CA GLY A 31 17.41 -14.00 18.55
C GLY A 31 18.45 -15.11 18.64
N GLU A 32 18.20 -16.10 19.49
CA GLU A 32 19.13 -17.22 19.64
C GLU A 32 18.40 -18.54 19.49
N ARG A 33 17.06 -18.47 19.50
CA ARG A 33 16.23 -19.67 19.39
C ARG A 33 15.55 -19.88 18.06
N GLY A 34 15.73 -21.09 17.53
CA GLY A 34 15.12 -21.43 16.26
C GLY A 34 13.86 -22.28 16.42
N PRO A 35 13.58 -23.13 15.43
CA PRO A 35 14.39 -23.30 14.24
C PRO A 35 14.30 -22.12 13.27
N PRO A 36 15.38 -21.87 12.50
CA PRO A 36 15.39 -20.77 11.54
C PRO A 36 14.36 -21.01 10.44
N LEU A 37 13.61 -19.97 10.10
CA LEU A 37 12.57 -20.05 9.09
C LEU A 37 13.03 -20.42 7.68
N ASP A 38 14.10 -19.81 7.20
CA ASP A 38 14.56 -20.11 5.85
C ASP A 38 16.05 -19.77 5.64
N ALA A 39 16.44 -19.73 4.37
CA ALA A 39 17.83 -19.44 4.00
C ALA A 39 18.23 -18.05 4.51
N THR A 40 17.39 -17.06 4.26
CA THR A 40 17.69 -15.70 4.71
C THR A 40 17.93 -15.70 6.20
N ASP A 41 17.02 -16.31 6.96
CA ASP A 41 17.16 -16.37 8.40
C ASP A 41 18.48 -17.06 8.71
N ARG A 42 18.70 -18.21 8.07
CA ARG A 42 19.92 -18.96 8.28
C ARG A 42 21.19 -18.15 8.02
N CYS A 43 21.11 -17.14 7.17
CA CYS A 43 22.27 -16.29 6.93
C CYS A 43 22.54 -15.57 8.24
N CYS A 44 21.46 -15.06 8.84
CA CYS A 44 21.56 -14.34 10.09
C CYS A 44 22.09 -15.20 11.22
N LEU A 45 21.64 -16.45 11.28
CA LEU A 45 22.13 -17.36 12.29
C LEU A 45 23.65 -17.50 12.14
N ALA A 46 24.10 -17.72 10.90
CA ALA A 46 25.53 -17.84 10.63
C ALA A 46 26.26 -16.56 11.05
N HIS A 47 25.60 -15.42 10.86
CA HIS A 47 26.19 -14.13 11.23
C HIS A 47 26.32 -14.07 12.75
N SER A 48 25.24 -14.42 13.44
CA SER A 48 25.23 -14.43 14.89
C SER A 48 26.38 -15.32 15.37
N CYS A 49 26.51 -16.51 14.78
CA CYS A 49 27.59 -17.43 15.17
C CYS A 49 28.94 -16.79 14.89
N CYS A 50 29.01 -16.05 13.79
CA CYS A 50 30.23 -15.39 13.37
C CYS A 50 30.63 -14.36 14.42
N TYR A 51 29.64 -13.59 14.88
CA TYR A 51 29.89 -12.57 15.88
C TYR A 51 30.42 -13.19 17.18
N ASP A 52 30.00 -14.42 17.44
CA ASP A 52 30.43 -15.14 18.64
C ASP A 52 31.91 -15.52 18.67
N THR A 53 32.55 -15.62 17.51
CA THR A 53 33.97 -15.97 17.48
C THR A 53 34.80 -14.71 17.70
N LEU A 54 34.16 -13.67 18.24
CA LEU A 54 34.82 -12.40 18.48
C LEU A 54 34.59 -11.86 19.88
N PRO A 55 34.66 -12.73 20.91
CA PRO A 55 34.45 -12.29 22.28
C PRO A 55 35.44 -11.20 22.68
N ASP A 56 36.57 -11.17 21.97
CA ASP A 56 37.58 -10.17 22.24
C ASP A 56 37.22 -8.83 21.59
N CYS A 57 36.07 -8.80 20.93
CA CYS A 57 35.64 -7.57 20.25
C CYS A 57 34.26 -7.08 20.70
N SER A 58 33.83 -6.00 20.05
CA SER A 58 32.54 -5.36 20.23
C SER A 58 31.94 -5.24 18.84
N PRO A 59 31.70 -6.38 18.17
CA PRO A 59 31.14 -6.36 16.81
C PRO A 59 30.02 -5.35 16.56
N LYS A 60 29.01 -5.33 17.42
CA LYS A 60 27.90 -4.40 17.22
C LYS A 60 28.24 -2.92 17.26
N THR A 61 29.27 -2.54 18.02
CA THR A 61 29.58 -1.12 18.12
C THR A 61 30.93 -0.62 17.63
N ASP A 62 31.90 -1.52 17.45
CA ASP A 62 33.21 -1.08 17.00
C ASP A 62 33.08 -0.68 15.53
N ARG A 63 33.28 0.61 15.26
CA ARG A 63 33.16 1.13 13.90
C ARG A 63 34.38 0.81 13.04
N TYR A 64 34.18 0.43 11.78
CA TYR A 64 35.29 0.15 10.87
C TYR A 64 35.06 0.75 9.48
N LYS A 65 36.05 0.62 8.62
CA LYS A 65 35.98 1.14 7.25
C LYS A 65 36.08 -0.01 6.26
N TYR A 66 35.58 0.20 5.04
CA TYR A 66 35.66 -0.80 3.98
C TYR A 66 35.47 -0.09 2.64
N LYS A 67 35.82 -0.76 1.55
CA LYS A 67 35.68 -0.16 0.23
C LYS A 67 34.97 -1.15 -0.68
N ARG A 68 34.53 -0.66 -1.84
CA ARG A 68 33.89 -1.52 -2.82
C ARG A 68 34.77 -1.44 -4.06
N GLU A 69 35.37 -2.58 -4.42
CA GLU A 69 36.26 -2.64 -5.57
C GLU A 69 35.85 -3.74 -6.52
N ASN A 70 35.49 -3.36 -7.75
CA ASN A 70 35.06 -4.31 -8.77
C ASN A 70 33.89 -5.15 -8.29
N GLY A 71 32.93 -4.51 -7.65
CA GLY A 71 31.75 -5.21 -7.16
C GLY A 71 31.90 -5.96 -5.86
N GLU A 72 33.07 -5.91 -5.24
CA GLU A 72 33.26 -6.65 -4.01
C GLU A 72 33.60 -5.79 -2.82
N ILE A 73 33.16 -6.25 -1.65
CA ILE A 73 33.42 -5.57 -0.38
C ILE A 73 34.83 -5.95 0.06
N ILE A 74 35.61 -4.95 0.45
CA ILE A 74 36.99 -5.16 0.89
C ILE A 74 37.19 -4.55 2.26
N CYS A 75 37.28 -5.41 3.28
CA CYS A 75 37.45 -4.99 4.67
C CYS A 75 38.78 -4.31 5.00
N GLU A 76 38.80 -3.59 6.12
CA GLU A 76 40.00 -2.89 6.59
C GLU A 76 40.82 -3.78 7.51
N ASN A 77 41.95 -3.27 8.00
CA ASN A 77 42.82 -4.05 8.88
C ASN A 77 43.47 -3.30 10.04
N SER A 78 43.18 -2.01 10.20
CA SER A 78 43.81 -1.23 11.28
C SER A 78 43.99 -2.06 12.55
N THR A 79 43.03 -2.93 12.84
CA THR A 79 43.10 -3.82 14.00
C THR A 79 42.47 -5.14 13.61
N SER A 80 42.79 -6.19 14.38
CA SER A 80 42.25 -7.51 14.11
C SER A 80 40.72 -7.54 14.22
N CYS A 81 40.20 -7.03 15.33
CA CYS A 81 38.76 -7.00 15.55
C CYS A 81 38.04 -6.34 14.38
N LYS A 82 38.51 -5.15 14.00
CA LYS A 82 37.88 -4.44 12.89
C LYS A 82 37.84 -5.30 11.62
N LYS A 83 38.92 -6.02 11.36
CA LYS A 83 38.98 -6.88 10.17
C LYS A 83 38.00 -8.04 10.28
N ARG A 84 38.04 -8.76 11.39
CA ARG A 84 37.15 -9.90 11.61
C ARG A 84 35.67 -9.52 11.66
N ILE A 85 35.35 -8.43 12.35
CA ILE A 85 33.97 -7.98 12.44
C ILE A 85 33.47 -7.72 11.03
N CYS A 86 34.25 -6.94 10.30
CA CYS A 86 33.91 -6.59 8.93
C CYS A 86 33.69 -7.81 8.04
N GLU A 87 34.50 -8.85 8.22
CA GLU A 87 34.37 -10.07 7.44
C GLU A 87 33.05 -10.77 7.78
N CYS A 88 32.64 -10.69 9.04
CA CYS A 88 31.38 -11.30 9.45
C CYS A 88 30.26 -10.58 8.71
N ASP A 89 30.29 -9.26 8.76
CA ASP A 89 29.27 -8.42 8.11
C ASP A 89 29.21 -8.63 6.60
N LYS A 90 30.37 -8.62 5.96
CA LYS A 90 30.45 -8.80 4.52
C LYS A 90 29.75 -10.08 4.09
N ALA A 91 30.04 -11.17 4.79
CA ALA A 91 29.47 -12.46 4.46
C ALA A 91 27.95 -12.53 4.61
N VAL A 92 27.40 -11.85 5.61
CA VAL A 92 25.96 -11.89 5.80
C VAL A 92 25.32 -11.03 4.71
N ALA A 93 25.92 -9.87 4.43
CA ALA A 93 25.38 -8.99 3.42
C ALA A 93 25.27 -9.76 2.11
N VAL A 94 26.37 -10.40 1.72
CA VAL A 94 26.39 -11.18 0.50
C VAL A 94 25.40 -12.31 0.61
N CYS A 95 25.39 -12.96 1.77
CA CYS A 95 24.49 -14.09 2.00
C CYS A 95 23.05 -13.67 1.81
N LEU A 96 22.68 -12.56 2.44
CA LEU A 96 21.32 -12.03 2.31
C LEU A 96 20.97 -11.78 0.83
N ARG A 97 21.91 -11.19 0.10
CA ARG A 97 21.71 -10.91 -1.33
C ARG A 97 21.44 -12.20 -2.10
N LYS A 98 22.33 -13.16 -1.92
CA LYS A 98 22.26 -14.46 -2.57
C LYS A 98 20.93 -15.17 -2.41
N ASN A 99 20.18 -14.84 -1.35
CA ASN A 99 18.91 -15.50 -1.10
C ASN A 99 17.65 -14.66 -1.25
N LEU A 100 17.77 -13.54 -1.96
CA LEU A 100 16.61 -12.68 -2.20
C LEU A 100 15.54 -13.46 -2.95
N ASN A 101 15.95 -14.55 -3.60
CA ASN A 101 15.03 -15.38 -4.37
C ASN A 101 14.01 -16.13 -3.53
N THR A 102 14.17 -16.12 -2.21
CA THR A 102 13.22 -16.78 -1.33
C THR A 102 12.81 -15.90 -0.16
N TYR A 103 13.08 -14.60 -0.27
CA TYR A 103 12.72 -13.65 0.77
C TYR A 103 11.21 -13.64 0.97
N ASN A 104 10.75 -13.86 2.20
CA ASN A 104 9.32 -13.85 2.48
C ASN A 104 8.97 -12.70 3.43
N LYS A 105 8.17 -11.76 2.93
CA LYS A 105 7.76 -10.59 3.69
C LYS A 105 6.97 -10.92 4.97
N LYS A 106 6.20 -12.00 4.95
CA LYS A 106 5.41 -12.38 6.11
C LYS A 106 6.30 -12.74 7.31
N TYR A 107 7.54 -13.14 7.02
CA TYR A 107 8.47 -13.51 8.07
C TYR A 107 8.98 -12.26 8.81
N THR A 108 8.57 -11.11 8.28
CA THR A 108 8.89 -9.81 8.85
C THR A 108 7.95 -9.54 10.05
N TYR A 109 6.83 -10.25 10.09
CA TYR A 109 5.87 -10.14 11.18
C TYR A 109 5.33 -11.51 11.52
N TYR A 110 6.24 -12.46 11.71
CA TYR A 110 5.87 -13.86 12.02
C TYR A 110 5.15 -14.01 13.35
N PRO A 111 4.38 -15.10 13.50
CA PRO A 111 3.64 -15.37 14.74
C PRO A 111 4.59 -15.35 15.93
N ASN A 112 4.15 -14.75 17.04
CA ASN A 112 4.98 -14.64 18.25
C ASN A 112 5.28 -15.96 18.98
N PHE A 113 4.69 -17.05 18.52
CA PHE A 113 4.93 -18.34 19.15
C PHE A 113 5.88 -19.16 18.29
N TRP A 114 6.46 -18.51 17.28
CA TRP A 114 7.35 -19.14 16.31
C TRP A 114 8.86 -19.32 16.50
N CYS A 115 9.46 -18.80 17.55
CA CYS A 115 10.91 -18.99 17.66
C CYS A 115 11.33 -19.40 19.05
N LYS A 116 10.64 -20.41 19.58
CA LYS A 116 10.88 -20.88 20.93
C LYS A 116 11.44 -22.30 20.97
N GLY A 117 12.27 -22.63 19.98
CA GLY A 117 12.89 -23.94 19.93
C GLY A 117 14.25 -23.95 20.59
N ASP A 118 15.05 -24.98 20.31
CA ASP A 118 16.39 -25.08 20.89
C ASP A 118 17.32 -23.96 20.42
N ILE A 119 18.31 -23.66 21.26
CA ILE A 119 19.32 -22.67 20.92
C ILE A 119 20.17 -23.40 19.88
N GLU A 120 20.35 -22.80 18.71
CA GLU A 120 21.11 -23.45 17.64
C GLU A 120 22.63 -23.58 17.86
N LYS A 121 23.18 -24.72 17.45
CA LYS A 121 24.61 -25.00 17.56
C LYS A 121 25.35 -24.26 16.43
N CYS A 122 26.49 -23.66 16.75
CA CYS A 122 27.26 -22.97 15.72
C CYS A 122 28.12 -23.99 14.97
N SER B 1 27.47 13.58 19.59
CA SER B 1 26.00 13.62 19.77
C SER B 1 25.26 13.10 18.55
N VAL B 2 25.82 13.31 17.35
CA VAL B 2 25.16 12.82 16.14
C VAL B 2 24.67 11.39 16.32
N VAL B 3 25.53 10.54 16.88
CA VAL B 3 25.21 9.14 17.15
C VAL B 3 24.06 9.06 18.17
N GLU B 4 24.21 9.78 19.27
CA GLU B 4 23.20 9.81 20.32
C GLU B 4 21.86 10.38 19.84
N LEU B 5 21.92 11.46 19.05
CA LEU B 5 20.70 12.07 18.55
C LEU B 5 19.98 11.09 17.63
N GLY B 6 20.75 10.44 16.75
CA GLY B 6 20.16 9.48 15.83
C GLY B 6 19.46 8.37 16.59
N LYS B 7 20.17 7.77 17.54
CA LYS B 7 19.62 6.70 18.35
C LYS B 7 18.31 7.12 18.99
N MET B 8 18.34 8.24 19.71
CA MET B 8 17.12 8.74 20.35
C MET B 8 15.93 8.80 19.40
N ILE B 9 16.16 9.29 18.18
CA ILE B 9 15.09 9.44 17.20
C ILE B 9 14.47 8.16 16.63
N ILE B 10 15.27 7.18 16.19
CA ILE B 10 14.65 5.95 15.67
C ILE B 10 13.89 5.35 16.84
N GLN B 11 14.53 5.41 18.00
CA GLN B 11 13.97 4.87 19.24
C GLN B 11 12.63 5.49 19.59
N GLU B 12 12.55 6.81 19.55
CA GLU B 12 11.33 7.50 19.89
C GLU B 12 10.27 7.54 18.79
N THR B 13 10.70 7.48 17.53
CA THR B 13 9.77 7.56 16.41
C THR B 13 9.58 6.33 15.53
N GLY B 14 10.57 5.45 15.50
CA GLY B 14 10.46 4.29 14.66
C GLY B 14 11.02 4.60 13.29
N LYS B 15 11.30 5.89 13.06
CA LYS B 15 11.83 6.33 11.78
C LYS B 15 13.35 6.57 11.83
N SER B 16 14.04 6.07 10.81
CA SER B 16 15.48 6.27 10.70
C SER B 16 15.72 7.75 10.40
N PRO B 17 16.53 8.44 11.23
CA PRO B 17 16.81 9.87 11.04
C PRO B 17 17.04 10.19 9.57
N PHE B 18 17.85 9.37 8.90
CA PHE B 18 18.05 9.56 7.48
C PHE B 18 17.22 8.45 6.90
N PRO B 19 16.29 8.78 5.98
CA PRO B 19 15.95 10.10 5.43
C PRO B 19 14.65 10.74 5.97
N SER B 20 14.02 10.11 6.95
CA SER B 20 12.77 10.64 7.47
C SER B 20 12.86 12.06 8.03
N TYR B 21 13.93 12.37 8.76
CA TYR B 21 14.05 13.69 9.35
C TYR B 21 15.26 14.55 8.95
N THR B 22 16.17 14.01 8.15
CA THR B 22 17.37 14.77 7.76
C THR B 22 17.17 15.97 6.83
N SER B 23 16.07 16.00 6.09
CA SER B 23 15.81 17.14 5.23
C SER B 23 14.33 17.55 5.24
N TYR B 24 13.63 17.14 6.30
CA TYR B 24 12.21 17.43 6.44
C TYR B 24 11.93 18.92 6.65
N GLY B 25 11.04 19.47 5.84
CA GLY B 25 10.67 20.86 5.98
C GLY B 25 11.78 21.87 5.80
N CYS B 26 11.72 22.95 6.57
CA CYS B 26 12.70 24.02 6.49
C CYS B 26 13.84 23.97 7.51
N PHE B 27 13.64 23.26 8.62
CA PHE B 27 14.67 23.26 9.65
C PHE B 27 15.28 21.94 10.09
N CYS B 28 14.62 20.82 9.78
CA CYS B 28 15.14 19.53 10.17
C CYS B 28 16.40 19.25 9.35
N GLY B 29 17.54 19.19 10.02
CA GLY B 29 18.80 18.96 9.31
C GLY B 29 19.50 20.29 9.15
N GLY B 30 18.97 21.31 9.81
CA GLY B 30 19.56 22.62 9.72
C GLY B 30 18.69 23.53 8.88
N GLY B 31 18.95 24.82 8.98
CA GLY B 31 18.17 25.79 8.24
C GLY B 31 17.90 26.91 9.20
N GLU B 32 17.83 28.13 8.68
CA GLU B 32 17.59 29.29 9.51
C GLU B 32 16.45 30.14 8.99
N ARG B 33 15.95 29.81 7.81
CA ARG B 33 14.86 30.54 7.20
C ARG B 33 13.60 29.68 7.08
N GLY B 34 12.47 30.22 7.48
CA GLY B 34 11.22 29.48 7.38
C GLY B 34 10.21 30.23 6.54
N PRO B 35 8.98 30.39 7.03
CA PRO B 35 8.55 29.89 8.34
C PRO B 35 8.43 28.37 8.32
N PRO B 36 8.27 27.77 9.50
CA PRO B 36 8.14 26.31 9.63
C PRO B 36 6.93 25.81 8.83
N LEU B 37 7.00 24.57 8.35
CA LEU B 37 5.89 24.00 7.60
C LEU B 37 4.85 23.49 8.57
N ASP B 38 5.30 22.77 9.60
CA ASP B 38 4.40 22.23 10.62
C ASP B 38 5.06 22.10 12.00
N ALA B 39 4.42 21.32 12.87
CA ALA B 39 4.91 21.12 14.22
C ALA B 39 6.24 20.37 14.22
N THR B 40 6.36 19.39 13.34
CA THR B 40 7.60 18.63 13.25
C THR B 40 8.73 19.60 12.91
N ASP B 41 8.48 20.48 11.95
CA ASP B 41 9.50 21.45 11.57
C ASP B 41 9.82 22.33 12.76
N ARG B 42 8.81 22.61 13.60
CA ARG B 42 9.04 23.45 14.79
C ARG B 42 9.97 22.75 15.78
N CYS B 43 9.75 21.46 16.01
CA CYS B 43 10.61 20.70 16.91
C CYS B 43 12.07 20.94 16.50
N CYS B 44 12.30 20.94 15.19
CA CYS B 44 13.64 21.15 14.67
C CYS B 44 14.19 22.54 14.90
N LEU B 45 13.35 23.56 14.73
CA LEU B 45 13.82 24.92 14.95
C LEU B 45 14.19 25.03 16.42
N ALA B 46 13.33 24.51 17.29
CA ALA B 46 13.59 24.55 18.72
C ALA B 46 14.93 23.89 19.02
N HIS B 47 15.13 22.69 18.48
CA HIS B 47 16.38 21.95 18.68
C HIS B 47 17.60 22.81 18.31
N SER B 48 17.55 23.46 17.16
CA SER B 48 18.67 24.30 16.73
C SER B 48 18.85 25.42 17.74
N CYS B 49 17.76 26.10 18.06
CA CYS B 49 17.80 27.19 19.02
C CYS B 49 18.46 26.69 20.30
N CYS B 50 18.14 25.45 20.66
CA CYS B 50 18.66 24.81 21.86
C CYS B 50 20.19 24.69 21.77
N TYR B 51 20.68 24.10 20.68
CA TYR B 51 22.13 23.95 20.48
C TYR B 51 22.82 25.31 20.56
N ASP B 52 22.15 26.36 20.08
CA ASP B 52 22.72 27.70 20.11
C ASP B 52 22.96 28.24 21.52
N THR B 53 22.44 27.56 22.54
CA THR B 53 22.65 27.99 23.92
C THR B 53 23.88 27.28 24.49
N LEU B 54 24.55 26.53 23.63
CA LEU B 54 25.74 25.78 24.06
C LEU B 54 26.95 26.11 23.19
N PRO B 55 27.38 27.39 23.15
CA PRO B 55 28.53 27.79 22.35
C PRO B 55 29.83 27.24 22.93
N ASP B 56 29.80 26.92 24.22
CA ASP B 56 30.98 26.38 24.90
C ASP B 56 31.09 24.88 24.70
N CYS B 57 30.24 24.34 23.81
CA CYS B 57 30.24 22.92 23.51
C CYS B 57 30.34 22.65 22.01
N SER B 58 30.35 21.36 21.69
CA SER B 58 30.41 20.90 20.31
C SER B 58 29.26 19.89 20.18
N PRO B 59 28.02 20.38 20.18
CA PRO B 59 26.82 19.55 20.08
C PRO B 59 26.84 18.41 19.07
N LYS B 60 27.66 18.51 18.03
CA LYS B 60 27.69 17.44 17.03
C LYS B 60 28.65 16.29 17.31
N THR B 61 29.81 16.59 17.91
CA THR B 61 30.82 15.56 18.18
C THR B 61 30.88 15.10 19.62
N ASP B 62 30.30 15.90 20.51
CA ASP B 62 30.29 15.58 21.93
C ASP B 62 29.53 14.28 22.14
N ARG B 63 30.24 13.21 22.49
CA ARG B 63 29.60 11.92 22.75
C ARG B 63 29.16 11.92 24.21
N TYR B 64 28.01 11.34 24.51
CA TYR B 64 27.53 11.29 25.89
C TYR B 64 26.71 10.03 26.09
N LYS B 65 26.25 9.80 27.32
CA LYS B 65 25.46 8.62 27.64
C LYS B 65 24.06 8.97 28.10
N TYR B 66 23.11 8.05 27.91
CA TYR B 66 21.75 8.25 28.35
C TYR B 66 21.07 6.91 28.55
N LYS B 67 20.11 6.85 29.48
CA LYS B 67 19.39 5.62 29.77
C LYS B 67 17.89 5.88 29.72
N ARG B 68 17.12 4.80 29.73
CA ARG B 68 15.67 4.90 29.70
C ARG B 68 15.16 4.44 31.05
N GLU B 69 14.14 5.12 31.57
CA GLU B 69 13.59 4.74 32.87
C GLU B 69 12.10 5.06 32.91
N ASN B 70 11.29 4.03 32.68
CA ASN B 70 9.85 4.16 32.68
C ASN B 70 9.39 5.01 31.50
N GLY B 71 10.06 4.84 30.37
CA GLY B 71 9.69 5.58 29.18
C GLY B 71 10.41 6.90 28.94
N GLU B 72 10.92 7.53 30.00
CA GLU B 72 11.61 8.79 29.84
C GLU B 72 13.12 8.60 29.62
N ILE B 73 13.70 9.48 28.82
CA ILE B 73 15.12 9.43 28.54
C ILE B 73 15.82 10.15 29.69
N ILE B 74 16.83 9.51 30.27
CA ILE B 74 17.59 10.10 31.36
C ILE B 74 19.01 10.44 30.93
N CYS B 75 19.29 11.73 30.90
CA CYS B 75 20.61 12.24 30.52
C CYS B 75 21.64 12.07 31.63
N GLU B 76 22.86 11.72 31.25
CA GLU B 76 23.94 11.57 32.22
C GLU B 76 24.36 12.96 32.71
N ASN B 77 25.27 13.00 33.69
CA ASN B 77 25.73 14.26 34.24
C ASN B 77 27.23 14.30 34.45
N SER B 78 27.97 13.43 33.77
CA SER B 78 29.42 13.40 33.95
C SER B 78 30.03 14.76 33.69
N THR B 79 29.53 15.47 32.69
CA THR B 79 30.04 16.80 32.39
C THR B 79 28.87 17.73 32.01
N SER B 80 29.12 19.03 32.13
CA SER B 80 28.13 20.06 31.82
C SER B 80 27.56 19.94 30.41
N CYS B 81 28.43 19.97 29.41
CA CYS B 81 28.00 19.88 28.02
C CYS B 81 27.18 18.62 27.74
N LYS B 82 27.73 17.46 28.08
CA LYS B 82 27.05 16.19 27.85
C LYS B 82 25.60 16.28 28.31
N LYS B 83 25.41 16.77 29.54
CA LYS B 83 24.08 16.92 30.12
C LYS B 83 23.20 17.86 29.29
N ARG B 84 23.68 19.07 29.05
CA ARG B 84 22.94 20.07 28.28
C ARG B 84 22.69 19.61 26.84
N ILE B 85 23.72 19.08 26.20
CA ILE B 85 23.58 18.60 24.84
C ILE B 85 22.55 17.48 24.80
N CYS B 86 22.65 16.56 25.76
CA CYS B 86 21.71 15.46 25.84
C CYS B 86 20.30 16.03 26.00
N GLU B 87 20.13 17.01 26.89
CA GLU B 87 18.80 17.58 27.10
C GLU B 87 18.22 18.17 25.81
N CYS B 88 19.06 18.75 24.97
CA CYS B 88 18.60 19.33 23.70
C CYS B 88 18.05 18.22 22.80
N ASP B 89 18.86 17.18 22.61
CA ASP B 89 18.49 16.04 21.78
C ASP B 89 17.30 15.28 22.36
N LYS B 90 17.27 15.12 23.68
CA LYS B 90 16.16 14.42 24.31
C LYS B 90 14.84 15.11 23.99
N ALA B 91 14.83 16.43 24.08
CA ALA B 91 13.64 17.23 23.82
C ALA B 91 13.13 17.13 22.39
N VAL B 92 14.04 17.20 21.41
CA VAL B 92 13.62 17.13 20.01
C VAL B 92 13.06 15.76 19.69
N ALA B 93 13.63 14.72 20.27
CA ALA B 93 13.16 13.37 20.00
C ALA B 93 11.73 13.20 20.50
N VAL B 94 11.50 13.63 21.73
CA VAL B 94 10.16 13.53 22.32
C VAL B 94 9.16 14.37 21.53
N CYS B 95 9.63 15.53 21.04
CA CYS B 95 8.78 16.42 20.29
C CYS B 95 8.40 15.80 18.95
N LEU B 96 9.37 15.23 18.26
CA LEU B 96 9.11 14.58 16.99
C LEU B 96 8.05 13.50 17.18
N ARG B 97 8.21 12.71 18.25
CA ARG B 97 7.27 11.64 18.54
C ARG B 97 5.88 12.19 18.81
N LYS B 98 5.78 13.17 19.71
CA LYS B 98 4.47 13.73 20.04
C LYS B 98 3.80 14.31 18.80
N ASN B 99 4.59 14.61 17.79
CA ASN B 99 4.04 15.19 16.58
C ASN B 99 3.95 14.27 15.37
N LEU B 100 4.22 12.98 15.57
CA LEU B 100 4.14 12.02 14.48
C LEU B 100 2.74 12.00 13.85
N ASN B 101 1.75 12.46 14.62
CA ASN B 101 0.37 12.52 14.17
C ASN B 101 0.15 13.42 12.94
N THR B 102 1.03 14.39 12.73
CA THR B 102 0.92 15.27 11.58
C THR B 102 2.17 15.20 10.70
N TYR B 103 3.00 14.18 10.91
CA TYR B 103 4.20 14.03 10.09
C TYR B 103 3.71 13.86 8.64
N ASN B 104 4.26 14.66 7.73
CA ASN B 104 3.85 14.59 6.33
C ASN B 104 4.92 13.98 5.40
N LYS B 105 4.63 12.79 4.88
CA LYS B 105 5.54 12.09 3.99
C LYS B 105 6.08 13.00 2.88
N LYS B 106 5.23 13.87 2.37
CA LYS B 106 5.65 14.74 1.29
C LYS B 106 6.49 15.93 1.74
N TYR B 107 6.67 16.09 3.04
CA TYR B 107 7.52 17.18 3.54
C TYR B 107 8.91 16.63 3.86
N THR B 108 9.01 15.30 3.85
CA THR B 108 10.26 14.62 4.14
C THR B 108 11.44 15.19 3.34
N TYR B 109 11.24 15.45 2.05
CA TYR B 109 12.31 16.02 1.25
C TYR B 109 11.82 17.34 0.71
N TYR B 110 12.05 18.38 1.50
CA TYR B 110 11.62 19.72 1.18
C TYR B 110 12.79 20.58 0.70
N PRO B 111 12.69 21.15 -0.51
CA PRO B 111 13.72 22.00 -1.09
C PRO B 111 14.04 23.20 -0.21
N ASN B 112 15.25 23.19 0.35
CA ASN B 112 15.69 24.27 1.21
C ASN B 112 15.42 25.67 0.66
N PHE B 113 15.77 25.92 -0.59
CA PHE B 113 15.58 27.24 -1.19
C PHE B 113 14.12 27.68 -1.35
N TRP B 114 13.19 26.89 -0.82
CA TRP B 114 11.77 27.24 -0.88
C TRP B 114 11.43 28.01 0.38
N CYS B 115 12.36 27.99 1.33
CA CYS B 115 12.22 28.66 2.61
C CYS B 115 12.89 30.02 2.45
N LYS B 116 12.08 31.07 2.33
CA LYS B 116 12.62 32.40 2.13
C LYS B 116 12.26 33.43 3.22
N GLY B 117 11.71 32.97 4.33
CA GLY B 117 11.36 33.89 5.40
C GLY B 117 12.62 34.48 6.01
N ASP B 118 12.47 35.50 6.85
CA ASP B 118 13.61 36.12 7.49
C ASP B 118 14.32 35.06 8.33
N ILE B 119 15.57 35.33 8.67
CA ILE B 119 16.35 34.41 9.49
C ILE B 119 15.75 34.35 10.90
N GLU B 120 15.39 33.16 11.34
CA GLU B 120 14.80 32.94 12.66
C GLU B 120 15.68 33.54 13.76
N LYS B 121 15.09 33.81 14.93
CA LYS B 121 15.86 34.43 16.02
C LYS B 121 16.08 33.61 17.31
N CYS B 122 15.11 32.81 17.71
CA CYS B 122 15.20 31.98 18.93
C CYS B 122 14.75 32.78 20.15
N SER C 1 5.46 29.45 -13.49
CA SER C 1 4.30 29.73 -12.57
C SER C 1 3.64 28.44 -12.16
N VAL C 2 3.56 27.51 -13.10
CA VAL C 2 2.96 26.23 -12.82
C VAL C 2 3.83 25.69 -11.67
N VAL C 3 5.08 26.11 -11.65
CA VAL C 3 6.05 25.74 -10.63
C VAL C 3 5.67 26.38 -9.30
N GLU C 4 5.33 27.66 -9.33
CA GLU C 4 4.95 28.38 -8.12
C GLU C 4 3.62 27.87 -7.57
N LEU C 5 2.70 27.54 -8.47
CA LEU C 5 1.39 27.03 -8.07
C LEU C 5 1.61 25.73 -7.34
N GLY C 6 2.58 24.96 -7.83
CA GLY C 6 2.90 23.69 -7.24
C GLY C 6 3.40 23.80 -5.82
N LYS C 7 4.16 24.86 -5.54
CA LYS C 7 4.67 25.08 -4.20
C LYS C 7 3.49 25.41 -3.31
N MET C 8 2.72 26.40 -3.72
CA MET C 8 1.56 26.81 -2.94
C MET C 8 0.74 25.60 -2.53
N ILE C 9 0.49 24.72 -3.49
CA ILE C 9 -0.30 23.52 -3.23
C ILE C 9 0.38 22.62 -2.19
N ILE C 10 1.64 22.29 -2.43
CA ILE C 10 2.39 21.48 -1.50
C ILE C 10 2.33 22.11 -0.10
N GLN C 11 2.61 23.41 -0.02
CA GLN C 11 2.60 24.13 1.25
C GLN C 11 1.22 24.31 1.88
N GLU C 12 0.20 24.47 1.05
CA GLU C 12 -1.15 24.68 1.55
C GLU C 12 -1.95 23.43 1.84
N THR C 13 -2.15 22.61 0.81
CA THR C 13 -2.93 21.39 0.96
C THR C 13 -2.12 20.32 1.64
N GLY C 14 -0.80 20.44 1.57
CA GLY C 14 0.04 19.44 2.18
C GLY C 14 0.20 18.23 1.26
N LYS C 15 -0.29 18.34 0.02
CA LYS C 15 -0.16 17.25 -0.95
C LYS C 15 0.71 17.73 -2.11
N SER C 16 1.20 16.81 -2.92
CA SER C 16 2.01 17.19 -4.07
C SER C 16 1.11 17.11 -5.30
N PRO C 17 1.06 18.18 -6.11
CA PRO C 17 0.23 18.17 -7.32
C PRO C 17 0.23 16.80 -7.98
N PHE C 18 1.40 16.26 -8.27
CA PHE C 18 1.40 14.91 -8.82
C PHE C 18 1.64 14.00 -7.63
N PRO C 19 0.78 12.98 -7.43
CA PRO C 19 -0.38 12.62 -8.24
C PRO C 19 -1.70 13.06 -7.64
N SER C 20 -1.65 13.76 -6.51
CA SER C 20 -2.86 14.19 -5.81
C SER C 20 -3.85 15.08 -6.56
N TYR C 21 -3.33 15.97 -7.42
CA TYR C 21 -4.20 16.88 -8.16
C TYR C 21 -4.05 16.97 -9.70
N THR C 22 -3.04 16.33 -10.27
CA THR C 22 -2.87 16.41 -11.72
C THR C 22 -3.92 15.66 -12.53
N SER C 23 -4.73 14.85 -11.85
CA SER C 23 -5.78 14.07 -12.51
C SER C 23 -7.07 14.05 -11.70
N TYR C 24 -7.24 15.02 -10.80
CA TYR C 24 -8.43 15.05 -9.97
C TYR C 24 -9.62 15.61 -10.72
N GLY C 25 -10.65 14.78 -10.86
CA GLY C 25 -11.88 15.21 -11.50
C GLY C 25 -11.83 15.68 -12.94
N CYS C 26 -12.81 16.51 -13.29
CA CYS C 26 -12.93 17.02 -14.65
C CYS C 26 -12.14 18.27 -14.97
N PHE C 27 -11.60 18.95 -13.95
CA PHE C 27 -10.86 20.18 -14.21
C PHE C 27 -9.48 20.32 -13.56
N CYS C 28 -9.19 19.58 -12.49
CA CYS C 28 -7.88 19.69 -11.84
C CYS C 28 -6.78 19.18 -12.75
N GLY C 29 -5.79 20.03 -13.01
CA GLY C 29 -4.72 19.63 -13.89
C GLY C 29 -5.14 19.80 -15.33
N GLY C 30 -6.40 20.19 -15.54
CA GLY C 30 -6.90 20.41 -16.90
C GLY C 30 -8.28 19.85 -17.20
N GLY C 31 -8.90 20.34 -18.27
CA GLY C 31 -10.23 19.86 -18.64
C GLY C 31 -11.22 21.00 -18.79
N GLU C 32 -12.17 20.87 -19.71
CA GLU C 32 -13.16 21.93 -19.94
C GLU C 32 -14.61 21.49 -19.75
N ARG C 33 -14.87 20.21 -19.98
CA ARG C 33 -16.22 19.67 -19.85
C ARG C 33 -16.50 19.13 -18.45
N GLY C 34 -17.69 19.45 -17.94
CA GLY C 34 -18.05 18.98 -16.61
C GLY C 34 -19.12 17.91 -16.63
N PRO C 35 -20.00 17.90 -15.62
CA PRO C 35 -19.97 18.87 -14.52
C PRO C 35 -18.87 18.51 -13.51
N PRO C 36 -18.38 19.50 -12.75
CA PRO C 36 -17.33 19.22 -11.77
C PRO C 36 -17.81 18.17 -10.76
N LEU C 37 -16.88 17.38 -10.22
CA LEU C 37 -17.24 16.30 -9.31
C LEU C 37 -17.57 16.70 -7.86
N ASP C 38 -16.81 17.64 -7.32
CA ASP C 38 -17.04 18.05 -5.94
C ASP C 38 -16.43 19.42 -5.71
N ALA C 39 -16.35 19.81 -4.44
CA ALA C 39 -15.79 21.11 -4.10
C ALA C 39 -14.38 21.29 -4.69
N THR C 40 -13.51 20.31 -4.48
CA THR C 40 -12.14 20.37 -4.99
C THR C 40 -12.12 20.61 -6.50
N ASP C 41 -12.86 19.79 -7.23
CA ASP C 41 -12.94 19.93 -8.67
C ASP C 41 -13.31 21.37 -9.01
N ARG C 42 -14.35 21.88 -8.34
CA ARG C 42 -14.83 23.25 -8.56
C ARG C 42 -13.76 24.30 -8.29
N CYS C 43 -12.83 24.01 -7.38
CA CYS C 43 -11.74 24.95 -7.10
C CYS C 43 -10.94 25.15 -8.37
N CYS C 44 -10.73 24.04 -9.06
CA CYS C 44 -9.97 24.02 -10.29
C CYS C 44 -10.73 24.64 -11.44
N LEU C 45 -12.04 24.49 -11.45
CA LEU C 45 -12.82 25.11 -12.50
C LEU C 45 -12.66 26.63 -12.35
N ALA C 46 -12.84 27.11 -11.11
CA ALA C 46 -12.73 28.53 -10.79
C ALA C 46 -11.32 29.01 -11.13
N HIS C 47 -10.33 28.18 -10.83
CA HIS C 47 -8.95 28.52 -11.13
C HIS C 47 -8.86 28.73 -12.65
N SER C 48 -9.38 27.76 -13.39
CA SER C 48 -9.38 27.81 -14.85
C SER C 48 -10.07 29.08 -15.37
N CYS C 49 -11.16 29.48 -14.70
CA CYS C 49 -11.89 30.68 -15.11
C CYS C 49 -11.08 31.94 -14.78
N CYS C 50 -10.36 31.89 -13.67
CA CYS C 50 -9.54 33.02 -13.28
C CYS C 50 -8.46 33.28 -14.35
N TYR C 51 -7.85 32.21 -14.84
CA TYR C 51 -6.82 32.31 -15.88
C TYR C 51 -7.40 32.89 -17.17
N ASP C 52 -8.69 32.67 -17.42
CA ASP C 52 -9.33 33.19 -18.62
C ASP C 52 -9.46 34.70 -18.57
N THR C 53 -9.20 35.30 -17.42
CA THR C 53 -9.29 36.73 -17.32
C THR C 53 -7.89 37.32 -17.46
N LEU C 54 -6.97 36.49 -17.93
CA LEU C 54 -5.58 36.88 -18.13
C LEU C 54 -5.11 36.48 -19.52
N PRO C 55 -5.90 36.80 -20.56
CA PRO C 55 -5.55 36.46 -21.94
C PRO C 55 -4.34 37.27 -22.39
N ASP C 56 -4.02 38.29 -21.61
CA ASP C 56 -2.89 39.15 -21.91
C ASP C 56 -1.66 38.67 -21.17
N CYS C 57 -1.76 37.50 -20.54
CA CYS C 57 -0.64 36.91 -19.80
C CYS C 57 -0.45 35.46 -20.21
N SER C 58 0.52 34.79 -19.59
CA SER C 58 0.82 33.37 -19.82
C SER C 58 0.91 32.78 -18.43
N PRO C 59 -0.24 32.50 -17.80
CA PRO C 59 -0.18 31.94 -16.44
C PRO C 59 0.64 30.66 -16.27
N LYS C 60 0.58 29.76 -17.23
CA LYS C 60 1.33 28.52 -17.08
C LYS C 60 2.85 28.72 -17.01
N THR C 61 3.36 29.68 -17.77
CA THR C 61 4.81 29.88 -17.81
C THR C 61 5.46 31.10 -17.16
N ASP C 62 4.74 32.21 -17.07
CA ASP C 62 5.32 33.42 -16.47
C ASP C 62 5.69 33.18 -15.01
N ARG C 63 6.99 33.17 -14.72
CA ARG C 63 7.48 32.94 -13.37
C ARG C 63 7.28 34.16 -12.47
N TYR C 64 6.79 33.92 -11.25
CA TYR C 64 6.57 35.00 -10.29
C TYR C 64 7.01 34.61 -8.88
N LYS C 65 7.21 35.60 -8.03
CA LYS C 65 7.63 35.35 -6.66
C LYS C 65 6.52 35.67 -5.67
N TYR C 66 6.62 35.10 -4.48
CA TYR C 66 5.65 35.36 -3.44
C TYR C 66 6.34 35.18 -2.10
N LYS C 67 5.72 35.71 -1.06
CA LYS C 67 6.26 35.62 0.29
C LYS C 67 5.16 35.12 1.21
N ARG C 68 5.52 34.85 2.46
CA ARG C 68 4.54 34.39 3.43
C ARG C 68 4.59 35.28 4.66
N GLU C 69 3.52 36.05 4.87
CA GLU C 69 3.44 36.94 6.00
C GLU C 69 2.24 36.59 6.87
N ASN C 70 2.51 36.29 8.14
CA ASN C 70 1.48 35.92 9.08
C ASN C 70 0.77 34.64 8.59
N GLY C 71 1.55 33.79 7.92
CA GLY C 71 1.01 32.54 7.42
C GLY C 71 0.32 32.70 6.08
N GLU C 72 0.09 33.94 5.65
CA GLU C 72 -0.60 34.17 4.39
C GLU C 72 0.36 34.39 3.21
N ILE C 73 -0.06 33.91 2.04
CA ILE C 73 0.71 34.04 0.81
C ILE C 73 0.56 35.46 0.26
N ILE C 74 1.68 36.18 0.13
CA ILE C 74 1.62 37.55 -0.39
C ILE C 74 2.29 37.63 -1.76
N CYS C 75 1.46 37.88 -2.77
CA CYS C 75 1.93 37.99 -4.15
C CYS C 75 2.81 39.20 -4.43
N GLU C 76 3.79 39.04 -5.31
CA GLU C 76 4.71 40.12 -5.67
C GLU C 76 3.98 41.15 -6.54
N ASN C 77 4.73 42.09 -7.11
CA ASN C 77 4.18 43.15 -7.95
C ASN C 77 5.07 43.65 -9.07
N SER C 78 6.19 42.98 -9.34
CA SER C 78 7.09 43.46 -10.38
C SER C 78 6.38 43.80 -11.70
N THR C 79 5.30 43.07 -11.99
CA THR C 79 4.49 43.29 -13.20
C THR C 79 3.04 42.89 -12.88
N SER C 80 2.08 43.48 -13.58
CA SER C 80 0.68 43.20 -13.31
C SER C 80 0.32 41.74 -13.53
N CYS C 81 0.84 41.15 -14.61
CA CYS C 81 0.56 39.75 -14.90
C CYS C 81 1.03 38.91 -13.71
N LYS C 82 2.31 38.98 -13.38
CA LYS C 82 2.84 38.23 -12.25
C LYS C 82 1.93 38.37 -11.02
N LYS C 83 1.52 39.61 -10.73
CA LYS C 83 0.64 39.85 -9.60
C LYS C 83 -0.68 39.09 -9.82
N ARG C 84 -1.31 39.34 -10.96
CA ARG C 84 -2.57 38.72 -11.31
C ARG C 84 -2.54 37.19 -11.45
N ILE C 85 -1.50 36.64 -12.08
CA ILE C 85 -1.36 35.18 -12.20
C ILE C 85 -1.23 34.61 -10.78
N CYS C 86 -0.39 35.26 -9.98
CA CYS C 86 -0.16 34.83 -8.61
C CYS C 86 -1.43 34.82 -7.78
N GLU C 87 -2.27 35.84 -7.91
CA GLU C 87 -3.50 35.88 -7.14
C GLU C 87 -4.44 34.72 -7.51
N CYS C 88 -4.45 34.34 -8.79
CA CYS C 88 -5.28 33.22 -9.24
C CYS C 88 -4.82 31.94 -8.55
N ASP C 89 -3.51 31.72 -8.54
CA ASP C 89 -2.92 30.53 -7.92
C ASP C 89 -3.15 30.47 -6.42
N LYS C 90 -3.06 31.62 -5.76
CA LYS C 90 -3.26 31.68 -4.32
C LYS C 90 -4.65 31.22 -3.95
N ALA C 91 -5.63 31.70 -4.68
CA ALA C 91 -7.03 31.36 -4.46
C ALA C 91 -7.29 29.87 -4.62
N VAL C 92 -6.69 29.25 -5.61
CA VAL C 92 -6.90 27.82 -5.84
C VAL C 92 -6.23 27.00 -4.75
N ALA C 93 -5.06 27.45 -4.28
CA ALA C 93 -4.34 26.73 -3.23
C ALA C 93 -5.13 26.82 -1.93
N VAL C 94 -5.70 27.98 -1.65
CA VAL C 94 -6.50 28.16 -0.45
C VAL C 94 -7.83 27.41 -0.58
N CYS C 95 -8.39 27.40 -1.77
CA CYS C 95 -9.68 26.72 -1.98
C CYS C 95 -9.48 25.21 -1.89
N LEU C 96 -8.29 24.74 -2.27
CA LEU C 96 -8.01 23.30 -2.19
C LEU C 96 -7.85 22.93 -0.72
N ARG C 97 -7.11 23.77 0.02
CA ARG C 97 -6.88 23.53 1.44
C ARG C 97 -8.22 23.49 2.19
N LYS C 98 -9.07 24.46 1.88
CA LYS C 98 -10.38 24.55 2.52
C LYS C 98 -11.25 23.32 2.30
N ASN C 99 -11.06 22.64 1.18
CA ASN C 99 -11.89 21.49 0.88
C ASN C 99 -11.23 20.12 1.00
N LEU C 100 -10.16 20.02 1.79
CA LEU C 100 -9.50 18.75 1.99
C LEU C 100 -10.44 17.77 2.67
N ASN C 101 -11.44 18.32 3.37
CA ASN C 101 -12.41 17.52 4.10
C ASN C 101 -13.36 16.69 3.24
N THR C 102 -13.40 16.96 1.94
CA THR C 102 -14.25 16.16 1.06
C THR C 102 -13.43 15.62 -0.11
N TYR C 103 -12.11 15.73 0.02
CA TYR C 103 -11.18 15.25 -1.01
C TYR C 103 -11.40 13.75 -1.17
N ASN C 104 -11.66 13.31 -2.39
CA ASN C 104 -11.89 11.89 -2.66
C ASN C 104 -10.81 11.31 -3.57
N LYS C 105 -9.95 10.45 -3.00
CA LYS C 105 -8.86 9.84 -3.74
C LYS C 105 -9.32 9.16 -5.06
N LYS C 106 -10.49 8.55 -5.07
CA LYS C 106 -10.97 7.88 -6.27
C LYS C 106 -11.18 8.82 -7.46
N TYR C 107 -11.43 10.11 -7.19
CA TYR C 107 -11.65 11.06 -8.29
C TYR C 107 -10.35 11.36 -9.00
N THR C 108 -9.28 10.76 -8.46
CA THR C 108 -7.94 10.91 -8.98
C THR C 108 -7.74 9.88 -10.12
N TYR C 109 -8.69 8.95 -10.24
CA TYR C 109 -8.67 7.94 -11.30
C TYR C 109 -10.10 7.64 -11.71
N TYR C 110 -10.89 8.70 -11.89
CA TYR C 110 -12.29 8.58 -12.26
C TYR C 110 -12.56 7.89 -13.59
N PRO C 111 -13.74 7.27 -13.71
CA PRO C 111 -14.16 6.57 -14.92
C PRO C 111 -14.00 7.48 -16.15
N ASN C 112 -13.33 6.99 -17.18
CA ASN C 112 -13.09 7.77 -18.40
C ASN C 112 -14.33 8.25 -19.12
N PHE C 113 -15.51 7.80 -18.71
CA PHE C 113 -16.73 8.22 -19.38
C PHE C 113 -17.46 9.31 -18.61
N TRP C 114 -16.83 9.86 -17.57
CA TRP C 114 -17.47 10.86 -16.72
C TRP C 114 -17.54 12.33 -17.12
N CYS C 115 -16.46 12.91 -17.61
CA CYS C 115 -16.50 14.34 -17.92
C CYS C 115 -17.02 14.65 -19.31
N LYS C 116 -18.17 14.09 -19.65
CA LYS C 116 -18.72 14.30 -20.98
C LYS C 116 -19.96 15.17 -21.08
N GLY C 117 -20.01 16.22 -20.26
CA GLY C 117 -21.12 17.14 -20.31
C GLY C 117 -20.65 18.28 -21.19
N ASP C 118 -21.44 19.34 -21.35
CA ASP C 118 -21.02 20.46 -22.18
C ASP C 118 -20.23 21.50 -21.41
N ILE C 119 -19.30 22.17 -22.10
CA ILE C 119 -18.42 23.19 -21.51
C ILE C 119 -19.08 24.15 -20.52
N GLU C 120 -18.41 24.34 -19.39
CA GLU C 120 -18.91 25.23 -18.34
C GLU C 120 -18.59 26.70 -18.60
N LYS C 121 -19.54 27.57 -18.28
CA LYS C 121 -19.36 29.01 -18.45
C LYS C 121 -18.76 29.51 -17.14
N CYS C 122 -17.99 30.60 -17.21
CA CYS C 122 -17.37 31.16 -16.02
C CYS C 122 -18.27 32.22 -15.43
N SER D 1 -24.13 -5.77 -22.34
CA SER D 1 -22.84 -6.47 -22.58
C SER D 1 -21.77 -6.05 -21.57
N VAL D 2 -21.78 -4.79 -21.19
CA VAL D 2 -20.79 -4.28 -20.25
C VAL D 2 -20.46 -5.29 -19.15
N VAL D 3 -21.46 -6.05 -18.70
CA VAL D 3 -21.23 -7.06 -17.67
C VAL D 3 -20.39 -8.23 -18.19
N GLU D 4 -20.77 -8.77 -19.34
CA GLU D 4 -20.04 -9.90 -19.93
C GLU D 4 -18.59 -9.55 -20.26
N LEU D 5 -18.37 -8.30 -20.68
CA LEU D 5 -17.03 -7.83 -21.03
C LEU D 5 -16.13 -7.82 -19.78
N GLY D 6 -16.65 -7.26 -18.70
CA GLY D 6 -15.87 -7.19 -17.48
C GLY D 6 -15.35 -8.54 -17.05
N LYS D 7 -16.24 -9.52 -17.03
CA LYS D 7 -15.88 -10.87 -16.64
C LYS D 7 -14.84 -11.41 -17.62
N MET D 8 -14.93 -11.02 -18.88
CA MET D 8 -13.94 -11.46 -19.87
C MET D 8 -12.62 -10.89 -19.42
N ILE D 9 -12.60 -9.58 -19.16
CA ILE D 9 -11.40 -8.89 -18.70
C ILE D 9 -10.83 -9.62 -17.50
N ILE D 10 -11.70 -9.83 -16.52
CA ILE D 10 -11.32 -10.52 -15.29
C ILE D 10 -10.68 -11.87 -15.55
N GLN D 11 -11.27 -12.65 -16.43
CA GLN D 11 -10.75 -13.99 -16.73
C GLN D 11 -9.51 -13.97 -17.61
N GLU D 12 -9.44 -13.02 -18.53
CA GLU D 12 -8.33 -12.92 -19.46
C GLU D 12 -7.10 -12.21 -18.94
N THR D 13 -7.29 -11.05 -18.31
CA THR D 13 -6.17 -10.26 -17.79
C THR D 13 -5.82 -10.53 -16.32
N GLY D 14 -6.79 -11.01 -15.56
CA GLY D 14 -6.54 -11.24 -14.15
C GLY D 14 -6.78 -9.95 -13.38
N LYS D 15 -7.18 -8.91 -14.09
CA LYS D 15 -7.45 -7.61 -13.47
C LYS D 15 -8.94 -7.30 -13.52
N SER D 16 -9.43 -6.55 -12.54
CA SER D 16 -10.83 -6.16 -12.52
C SER D 16 -10.94 -4.79 -13.21
N PRO D 17 -11.94 -4.61 -14.08
CA PRO D 17 -12.14 -3.35 -14.81
C PRO D 17 -11.90 -2.13 -13.91
N PHE D 18 -12.50 -2.16 -12.72
CA PHE D 18 -12.28 -1.08 -11.78
C PHE D 18 -11.31 -1.64 -10.75
N PRO D 19 -10.20 -0.94 -10.51
CA PRO D 19 -9.82 0.33 -11.15
C PRO D 19 -8.75 0.15 -12.22
N SER D 20 -8.49 -1.09 -12.61
CA SER D 20 -7.44 -1.39 -13.59
C SER D 20 -7.61 -0.82 -15.00
N TYR D 21 -8.84 -0.70 -15.48
CA TYR D 21 -9.08 -0.21 -16.82
C TYR D 21 -10.14 0.87 -17.01
N THR D 22 -11.09 0.98 -16.08
CA THR D 22 -12.16 1.97 -16.20
C THR D 22 -11.70 3.41 -16.40
N SER D 23 -10.39 3.64 -16.28
CA SER D 23 -9.82 4.99 -16.48
C SER D 23 -8.43 4.94 -17.10
N TYR D 24 -8.11 3.85 -17.79
CA TYR D 24 -6.79 3.72 -18.40
C TYR D 24 -6.66 4.57 -19.65
N GLY D 25 -5.63 5.41 -19.68
CA GLY D 25 -5.38 6.26 -20.83
C GLY D 25 -6.53 7.06 -21.38
N CYS D 26 -6.50 7.30 -22.68
CA CYS D 26 -7.51 8.10 -23.38
C CYS D 26 -8.77 7.36 -23.83
N PHE D 27 -8.71 6.04 -23.96
CA PHE D 27 -9.87 5.30 -24.46
C PHE D 27 -10.51 4.19 -23.63
N CYS D 28 -9.81 3.66 -22.64
CA CYS D 28 -10.40 2.59 -21.83
C CYS D 28 -11.48 3.18 -20.94
N GLY D 29 -12.64 2.53 -20.90
CA GLY D 29 -13.74 3.01 -20.09
C GLY D 29 -14.47 4.15 -20.79
N GLY D 30 -13.87 4.66 -21.86
CA GLY D 30 -14.48 5.75 -22.61
C GLY D 30 -13.46 6.76 -23.11
N GLY D 31 -13.90 7.62 -24.03
CA GLY D 31 -13.04 8.64 -24.59
C GLY D 31 -13.02 8.61 -26.11
N GLU D 32 -12.90 9.78 -26.72
CA GLU D 32 -12.86 9.88 -28.19
C GLU D 32 -11.58 10.50 -28.72
N ARG D 33 -10.94 11.32 -27.90
CA ARG D 33 -9.73 11.98 -28.33
C ARG D 33 -8.46 11.38 -27.75
N GLY D 34 -7.46 11.25 -28.61
CA GLY D 34 -6.19 10.70 -28.18
C GLY D 34 -5.14 11.78 -28.19
N PRO D 35 -3.93 11.46 -28.69
CA PRO D 35 -3.59 10.14 -29.21
C PRO D 35 -3.58 9.07 -28.11
N PRO D 36 -3.75 7.80 -28.51
CA PRO D 36 -3.74 6.73 -27.51
C PRO D 36 -2.38 6.72 -26.83
N LEU D 37 -2.32 6.27 -25.58
CA LEU D 37 -1.07 6.27 -24.83
C LEU D 37 -0.15 5.09 -25.10
N ASP D 38 -0.72 3.91 -25.29
CA ASP D 38 0.09 2.73 -25.52
C ASP D 38 -0.71 1.62 -26.17
N ALA D 39 -0.11 0.43 -26.20
CA ALA D 39 -0.74 -0.74 -26.80
C ALA D 39 -2.07 -1.04 -26.13
N THR D 40 -2.11 -0.94 -24.81
CA THR D 40 -3.34 -1.19 -24.06
C THR D 40 -4.42 -0.19 -24.43
N ASP D 41 -4.05 1.08 -24.44
CA ASP D 41 -4.98 2.14 -24.78
C ASP D 41 -5.49 1.91 -26.20
N ARG D 42 -4.61 1.47 -27.09
CA ARG D 42 -5.03 1.22 -28.46
C ARG D 42 -6.02 0.06 -28.56
N CYS D 43 -5.94 -0.89 -27.63
CA CYS D 43 -6.88 -2.02 -27.64
C CYS D 43 -8.28 -1.47 -27.42
N CYS D 44 -8.37 -0.47 -26.54
CA CYS D 44 -9.64 0.15 -26.23
C CYS D 44 -10.14 1.06 -27.34
N LEU D 45 -9.23 1.66 -28.10
CA LEU D 45 -9.64 2.51 -29.21
C LEU D 45 -10.27 1.60 -30.27
N ALA D 46 -9.64 0.44 -30.49
CA ALA D 46 -10.11 -0.55 -31.46
C ALA D 46 -11.46 -1.10 -31.03
N HIS D 47 -11.64 -1.22 -29.71
CA HIS D 47 -12.87 -1.71 -29.13
C HIS D 47 -13.97 -0.68 -29.37
N SER D 48 -13.61 0.58 -29.18
CA SER D 48 -14.55 1.67 -29.40
C SER D 48 -14.98 1.61 -30.87
N CYS D 49 -14.00 1.52 -31.77
CA CYS D 49 -14.27 1.44 -33.21
C CYS D 49 -15.15 0.24 -33.56
N CYS D 50 -14.83 -0.91 -32.97
CA CYS D 50 -15.57 -2.12 -33.23
C CYS D 50 -17.05 -1.92 -32.83
N TYR D 51 -17.29 -1.28 -31.70
CA TYR D 51 -18.66 -1.02 -31.27
C TYR D 51 -19.41 -0.15 -32.29
N ASP D 52 -18.70 0.81 -32.88
CA ASP D 52 -19.30 1.71 -33.85
C ASP D 52 -19.83 1.03 -35.11
N THR D 53 -19.47 -0.24 -35.32
CA THR D 53 -19.95 -0.95 -36.50
C THR D 53 -21.26 -1.65 -36.17
N LEU D 54 -21.83 -1.33 -35.00
CA LEU D 54 -23.07 -1.94 -34.56
C LEU D 54 -24.16 -0.95 -34.17
N PRO D 55 -24.46 0.03 -35.05
CA PRO D 55 -25.50 1.02 -34.76
C PRO D 55 -26.88 0.38 -34.63
N ASP D 56 -26.99 -0.85 -35.13
CA ASP D 56 -28.23 -1.61 -35.10
C ASP D 56 -28.28 -2.49 -33.85
N CYS D 57 -27.44 -2.16 -32.88
CA CYS D 57 -27.38 -2.92 -31.63
C CYS D 57 -27.14 -1.94 -30.48
N SER D 58 -27.12 -2.47 -29.26
CA SER D 58 -26.86 -1.68 -28.07
C SER D 58 -25.68 -2.38 -27.40
N PRO D 59 -24.48 -2.22 -27.98
CA PRO D 59 -23.24 -2.83 -27.50
C PRO D 59 -23.08 -2.85 -25.99
N LYS D 60 -23.28 -1.71 -25.36
CA LYS D 60 -23.09 -1.62 -23.92
C LYS D 60 -24.14 -2.25 -23.02
N THR D 61 -25.38 -2.39 -23.48
CA THR D 61 -26.42 -2.94 -22.62
C THR D 61 -27.17 -4.18 -23.08
N ASP D 62 -26.84 -4.72 -24.23
CA ASP D 62 -27.54 -5.90 -24.70
C ASP D 62 -26.75 -7.12 -24.22
N ARG D 63 -27.31 -7.82 -23.24
CA ARG D 63 -26.64 -8.98 -22.65
C ARG D 63 -26.59 -10.20 -23.57
N TYR D 64 -25.57 -11.04 -23.38
CA TYR D 64 -25.40 -12.22 -24.20
C TYR D 64 -24.67 -13.30 -23.44
N LYS D 65 -24.52 -14.47 -24.05
CA LYS D 65 -23.83 -15.58 -23.41
C LYS D 65 -22.60 -15.99 -24.21
N TYR D 66 -21.69 -16.73 -23.57
CA TYR D 66 -20.48 -17.21 -24.21
C TYR D 66 -19.87 -18.32 -23.36
N LYS D 67 -19.16 -19.24 -24.00
CA LYS D 67 -18.53 -20.35 -23.29
C LYS D 67 -17.02 -20.36 -23.51
N ARG D 68 -16.36 -21.25 -22.79
CA ARG D 68 -14.91 -21.41 -22.90
C ARG D 68 -14.61 -22.86 -23.26
N GLU D 69 -13.86 -23.04 -24.34
CA GLU D 69 -13.50 -24.36 -24.82
C GLU D 69 -12.02 -24.37 -25.17
N ASN D 70 -11.29 -25.31 -24.60
CA ASN D 70 -9.85 -25.41 -24.83
C ASN D 70 -9.17 -24.12 -24.38
N GLY D 71 -9.81 -23.44 -23.43
CA GLY D 71 -9.27 -22.21 -22.91
C GLY D 71 -9.52 -20.97 -23.75
N GLU D 72 -10.46 -21.06 -24.69
CA GLU D 72 -10.75 -19.91 -25.54
C GLU D 72 -12.19 -19.46 -25.41
N ILE D 73 -12.40 -18.16 -25.60
CA ILE D 73 -13.73 -17.60 -25.54
C ILE D 73 -14.50 -18.01 -26.79
N ILE D 74 -15.73 -18.46 -26.61
CA ILE D 74 -16.57 -18.87 -27.73
C ILE D 74 -17.87 -18.10 -27.60
N CYS D 75 -18.12 -17.21 -28.56
CA CYS D 75 -19.32 -16.39 -28.55
C CYS D 75 -20.56 -17.14 -29.05
N GLU D 76 -21.72 -16.76 -28.54
CA GLU D 76 -22.97 -17.39 -28.95
C GLU D 76 -23.48 -16.64 -30.17
N ASN D 77 -24.63 -17.05 -30.69
CA ASN D 77 -25.18 -16.39 -31.87
C ASN D 77 -26.71 -16.41 -31.92
N SER D 78 -27.37 -16.39 -30.75
CA SER D 78 -28.84 -16.40 -30.73
C SER D 78 -29.34 -15.28 -31.65
N THR D 79 -28.78 -14.08 -31.51
CA THR D 79 -29.15 -12.96 -32.38
C THR D 79 -27.84 -12.52 -33.01
N SER D 80 -27.91 -11.76 -34.10
CA SER D 80 -26.69 -11.32 -34.75
C SER D 80 -25.93 -10.31 -33.89
N CYS D 81 -26.67 -9.40 -33.25
CA CYS D 81 -26.03 -8.41 -32.39
C CYS D 81 -25.21 -9.11 -31.33
N LYS D 82 -25.86 -9.96 -30.55
CA LYS D 82 -25.21 -10.71 -29.49
C LYS D 82 -23.89 -11.30 -29.98
N LYS D 83 -23.91 -11.84 -31.20
CA LYS D 83 -22.71 -12.43 -31.76
C LYS D 83 -21.63 -11.38 -32.04
N ARG D 84 -22.00 -10.35 -32.80
CA ARG D 84 -21.06 -9.29 -33.15
C ARG D 84 -20.58 -8.51 -31.93
N ILE D 85 -21.48 -8.25 -30.96
CA ILE D 85 -21.11 -7.51 -29.76
C ILE D 85 -20.04 -8.32 -29.03
N CYS D 86 -20.38 -9.58 -28.77
CA CYS D 86 -19.50 -10.52 -28.09
C CYS D 86 -18.13 -10.60 -28.78
N GLU D 87 -18.11 -10.59 -30.10
CA GLU D 87 -16.84 -10.67 -30.80
C GLU D 87 -15.98 -9.45 -30.49
N CYS D 88 -16.61 -8.27 -30.41
CA CYS D 88 -15.91 -7.04 -30.09
C CYS D 88 -15.24 -7.17 -28.72
N ASP D 89 -16.01 -7.61 -27.74
CA ASP D 89 -15.52 -7.77 -26.36
C ASP D 89 -14.42 -8.81 -26.26
N LYS D 90 -14.62 -9.95 -26.91
CA LYS D 90 -13.62 -11.00 -26.89
C LYS D 90 -12.30 -10.44 -27.41
N ALA D 91 -12.40 -9.66 -28.48
CA ALA D 91 -11.22 -9.07 -29.08
C ALA D 91 -10.46 -8.17 -28.11
N VAL D 92 -11.17 -7.29 -27.42
CA VAL D 92 -10.49 -6.37 -26.51
C VAL D 92 -9.84 -7.11 -25.33
N ALA D 93 -10.55 -8.06 -24.75
CA ALA D 93 -10.00 -8.82 -23.63
C ALA D 93 -8.70 -9.51 -24.06
N VAL D 94 -8.70 -10.09 -25.25
CA VAL D 94 -7.51 -10.79 -25.76
C VAL D 94 -6.37 -9.81 -25.99
N CYS D 95 -6.69 -8.65 -26.54
CA CYS D 95 -5.67 -7.64 -26.80
C CYS D 95 -5.14 -7.14 -25.45
N LEU D 96 -6.02 -6.97 -24.48
CA LEU D 96 -5.62 -6.51 -23.16
C LEU D 96 -4.65 -7.51 -22.51
N ARG D 97 -5.03 -8.77 -22.51
CA ARG D 97 -4.20 -9.80 -21.93
C ARG D 97 -2.84 -9.80 -22.63
N LYS D 98 -2.89 -9.82 -23.96
CA LYS D 98 -1.70 -9.83 -24.78
C LYS D 98 -0.72 -8.69 -24.51
N ASN D 99 -1.25 -7.55 -24.06
CA ASN D 99 -0.39 -6.41 -23.81
C ASN D 99 -0.08 -6.12 -22.35
N LEU D 100 -0.37 -7.09 -21.47
CA LEU D 100 -0.09 -6.91 -20.05
C LEU D 100 1.39 -6.56 -19.85
N ASN D 101 2.24 -6.98 -20.78
CA ASN D 101 3.66 -6.70 -20.66
C ASN D 101 4.02 -5.20 -20.67
N THR D 102 3.13 -4.35 -21.17
CA THR D 102 3.40 -2.90 -21.19
C THR D 102 2.35 -2.10 -20.38
N TYR D 103 1.53 -2.81 -19.61
CA TYR D 103 0.51 -2.16 -18.78
C TYR D 103 1.22 -1.20 -17.83
N ASN D 104 0.87 0.09 -17.94
CA ASN D 104 1.46 1.13 -17.10
C ASN D 104 0.40 1.62 -16.09
N LYS D 105 0.64 1.37 -14.81
CA LYS D 105 -0.28 1.75 -13.74
C LYS D 105 -0.56 3.27 -13.70
N LYS D 106 0.46 4.07 -13.99
CA LYS D 106 0.33 5.52 -13.99
C LYS D 106 -0.65 6.05 -15.03
N TYR D 107 -0.92 5.27 -16.07
CA TYR D 107 -1.86 5.72 -17.10
C TYR D 107 -3.29 5.56 -16.61
N THR D 108 -3.40 5.06 -15.39
CA THR D 108 -4.67 4.85 -14.72
C THR D 108 -5.10 6.16 -14.06
N TYR D 109 -4.15 7.09 -13.95
CA TYR D 109 -4.41 8.41 -13.39
C TYR D 109 -3.49 9.42 -14.05
N TYR D 110 -3.53 9.40 -15.38
CA TYR D 110 -2.71 10.26 -16.20
C TYR D 110 -3.11 11.72 -16.02
N PRO D 111 -2.23 12.65 -16.43
CA PRO D 111 -2.50 14.09 -16.31
C PRO D 111 -3.79 14.46 -17.07
N ASN D 112 -4.58 15.37 -16.50
CA ASN D 112 -5.82 15.79 -17.16
C ASN D 112 -5.59 16.63 -18.42
N PHE D 113 -4.34 16.97 -18.72
CA PHE D 113 -4.09 17.74 -19.92
C PHE D 113 -3.76 16.87 -21.15
N TRP D 114 -3.83 15.56 -20.98
CA TRP D 114 -3.58 14.62 -22.09
C TRP D 114 -4.93 14.28 -22.72
N CYS D 115 -4.89 13.55 -23.83
CA CYS D 115 -6.13 13.15 -24.53
C CYS D 115 -6.97 14.36 -24.94
N LYS D 116 -6.34 15.36 -25.54
CA LYS D 116 -7.08 16.53 -25.97
C LYS D 116 -6.85 16.82 -27.44
N GLY D 117 -6.37 15.82 -28.16
CA GLY D 117 -6.13 15.97 -29.59
C GLY D 117 -7.31 15.56 -30.47
N ASP D 118 -7.06 15.37 -31.77
CA ASP D 118 -8.11 15.00 -32.72
C ASP D 118 -8.82 13.72 -32.34
N ILE D 119 -10.02 13.56 -32.89
CA ILE D 119 -10.80 12.36 -32.65
C ILE D 119 -10.27 11.32 -33.62
N GLU D 120 -9.88 10.16 -33.09
CA GLU D 120 -9.34 9.09 -33.93
C GLU D 120 -10.40 8.52 -34.85
N LYS D 121 -9.99 8.24 -36.08
CA LYS D 121 -10.90 7.66 -37.08
C LYS D 121 -10.71 6.15 -37.01
N CYS D 122 -11.80 5.41 -37.20
CA CYS D 122 -11.72 3.96 -37.15
C CYS D 122 -11.24 3.36 -38.47
N SER E 1 -12.40 -32.77 9.78
CA SER E 1 -11.29 -32.54 8.82
C SER E 1 -11.14 -31.06 8.49
N VAL E 2 -12.23 -30.31 8.62
CA VAL E 2 -12.25 -28.88 8.35
C VAL E 2 -11.13 -28.19 9.13
N VAL E 3 -10.90 -28.69 10.35
CA VAL E 3 -9.87 -28.13 11.21
C VAL E 3 -8.48 -28.48 10.69
N GLU E 4 -8.17 -29.77 10.59
CA GLU E 4 -6.86 -30.21 10.11
C GLU E 4 -6.50 -29.52 8.80
N LEU E 5 -7.46 -29.52 7.88
CA LEU E 5 -7.28 -28.89 6.58
C LEU E 5 -7.05 -27.40 6.82
N GLY E 6 -7.86 -26.81 7.68
CA GLY E 6 -7.68 -25.39 7.98
C GLY E 6 -6.26 -25.16 8.46
N LYS E 7 -5.89 -25.87 9.51
CA LYS E 7 -4.55 -25.75 10.08
C LYS E 7 -3.49 -25.84 8.99
N MET E 8 -3.47 -26.96 8.27
CA MET E 8 -2.50 -27.14 7.20
C MET E 8 -2.40 -25.92 6.31
N ILE E 9 -3.53 -25.42 5.83
CA ILE E 9 -3.56 -24.26 4.94
C ILE E 9 -2.78 -23.03 5.43
N ILE E 10 -3.17 -22.40 6.55
CA ILE E 10 -2.42 -21.24 7.01
C ILE E 10 -0.97 -21.60 7.25
N GLN E 11 -0.75 -22.79 7.77
CA GLN E 11 0.62 -23.24 8.05
C GLN E 11 1.49 -23.26 6.79
N GLU E 12 0.94 -23.77 5.69
CA GLU E 12 1.67 -23.86 4.42
C GLU E 12 1.72 -22.57 3.61
N THR E 13 0.58 -21.89 3.47
CA THR E 13 0.51 -20.66 2.68
C THR E 13 0.69 -19.35 3.44
N GLY E 14 0.11 -19.27 4.64
CA GLY E 14 0.21 -18.05 5.42
C GLY E 14 -1.00 -17.19 5.22
N LYS E 15 -2.01 -17.75 4.57
CA LYS E 15 -3.26 -17.05 4.32
C LYS E 15 -4.34 -17.77 5.08
N SER E 16 -5.17 -17.04 5.81
CA SER E 16 -6.27 -17.64 6.53
C SER E 16 -7.24 -18.23 5.49
N PRO E 17 -7.49 -19.55 5.55
CA PRO E 17 -8.40 -20.24 4.62
C PRO E 17 -9.62 -19.40 4.27
N PHE E 18 -10.26 -18.84 5.28
CA PHE E 18 -11.38 -17.95 5.04
C PHE E 18 -10.73 -16.63 5.37
N PRO E 19 -10.88 -15.62 4.50
CA PRO E 19 -11.61 -15.65 3.23
C PRO E 19 -10.68 -15.84 2.01
N SER E 20 -9.42 -16.20 2.25
CA SER E 20 -8.47 -16.36 1.14
C SER E 20 -8.66 -17.52 0.17
N TYR E 21 -9.21 -18.64 0.63
CA TYR E 21 -9.40 -19.79 -0.25
C TYR E 21 -10.82 -20.35 -0.29
N THR E 22 -11.67 -19.96 0.64
CA THR E 22 -13.02 -20.51 0.69
C THR E 22 -13.91 -20.21 -0.52
N SER E 23 -13.48 -19.31 -1.39
CA SER E 23 -14.28 -19.01 -2.59
C SER E 23 -13.41 -18.57 -3.78
N TYR E 24 -12.15 -18.99 -3.78
CA TYR E 24 -11.23 -18.65 -4.86
C TYR E 24 -11.67 -19.43 -6.09
N GLY E 25 -11.49 -18.83 -7.26
CA GLY E 25 -11.85 -19.50 -8.50
C GLY E 25 -13.20 -20.21 -8.54
N CYS E 26 -13.26 -21.26 -9.34
CA CYS E 26 -14.47 -22.04 -9.52
C CYS E 26 -14.58 -23.26 -8.60
N PHE E 27 -13.43 -23.74 -8.10
CA PHE E 27 -13.45 -24.95 -7.28
C PHE E 27 -13.06 -24.89 -5.81
N CYS E 28 -12.59 -23.74 -5.33
CA CYS E 28 -12.20 -23.64 -3.93
C CYS E 28 -13.44 -23.51 -3.04
N GLY E 29 -13.54 -24.41 -2.07
CA GLY E 29 -14.68 -24.38 -1.17
C GLY E 29 -15.84 -25.14 -1.77
N GLY E 30 -15.58 -25.78 -2.91
CA GLY E 30 -16.60 -26.55 -3.58
C GLY E 30 -16.86 -26.03 -4.98
N GLY E 31 -17.40 -26.90 -5.83
CA GLY E 31 -17.68 -26.52 -7.19
C GLY E 31 -17.33 -27.63 -8.16
N GLU E 32 -18.20 -27.88 -9.12
CA GLU E 32 -17.99 -28.94 -10.11
C GLU E 32 -17.86 -28.35 -11.53
N ARG E 33 -18.33 -27.13 -11.72
CA ARG E 33 -18.26 -26.48 -13.01
C ARG E 33 -17.11 -25.48 -13.13
N GLY E 34 -16.26 -25.66 -14.13
CA GLY E 34 -15.13 -24.78 -14.34
C GLY E 34 -15.25 -23.97 -15.62
N PRO E 35 -14.16 -23.86 -16.40
CA PRO E 35 -12.84 -24.43 -16.13
C PRO E 35 -12.09 -23.67 -15.04
N PRO E 36 -11.02 -24.27 -14.51
CA PRO E 36 -10.22 -23.61 -13.47
C PRO E 36 -9.67 -22.30 -14.03
N LEU E 37 -9.42 -21.33 -13.16
CA LEU E 37 -8.92 -20.02 -13.58
C LEU E 37 -7.41 -20.01 -13.63
N ASP E 38 -6.80 -20.70 -12.68
CA ASP E 38 -5.36 -20.79 -12.60
C ASP E 38 -4.91 -22.04 -11.85
N ALA E 39 -3.62 -22.13 -11.56
CA ALA E 39 -3.05 -23.27 -10.87
C ALA E 39 -3.67 -23.46 -9.50
N THR E 40 -3.93 -22.35 -8.81
CA THR E 40 -4.52 -22.44 -7.49
C THR E 40 -5.88 -23.09 -7.59
N ASP E 41 -6.71 -22.57 -8.48
CA ASP E 41 -8.05 -23.12 -8.66
C ASP E 41 -7.98 -24.60 -9.05
N ARG E 42 -6.83 -25.02 -9.59
CA ARG E 42 -6.66 -26.42 -9.97
C ARG E 42 -6.30 -27.29 -8.77
N CYS E 43 -5.64 -26.70 -7.77
CA CYS E 43 -5.26 -27.45 -6.56
C CYS E 43 -6.55 -27.83 -5.83
N CYS E 44 -7.53 -26.94 -5.89
CA CYS E 44 -8.79 -27.20 -5.23
C CYS E 44 -9.65 -28.22 -5.97
N LEU E 45 -9.46 -28.34 -7.29
CA LEU E 45 -10.22 -29.32 -8.06
C LEU E 45 -9.61 -30.68 -7.81
N ALA E 46 -8.29 -30.69 -7.66
CA ALA E 46 -7.56 -31.93 -7.42
C ALA E 46 -7.96 -32.46 -6.05
N HIS E 47 -8.16 -31.53 -5.12
CA HIS E 47 -8.56 -31.85 -3.76
C HIS E 47 -9.89 -32.56 -3.80
N SER E 48 -10.87 -31.92 -4.43
CA SER E 48 -12.22 -32.47 -4.55
C SER E 48 -12.20 -33.89 -5.11
N CYS E 49 -11.40 -34.10 -6.15
CA CYS E 49 -11.33 -35.41 -6.77
C CYS E 49 -10.69 -36.42 -5.81
N CYS E 50 -9.87 -35.94 -4.89
CA CYS E 50 -9.22 -36.83 -3.93
C CYS E 50 -10.26 -37.28 -2.89
N TYR E 51 -11.24 -36.43 -2.61
CA TYR E 51 -12.31 -36.75 -1.67
C TYR E 51 -13.31 -37.66 -2.36
N ASP E 52 -13.41 -37.53 -3.67
CA ASP E 52 -14.32 -38.32 -4.49
C ASP E 52 -13.98 -39.80 -4.42
N THR E 53 -12.80 -40.11 -3.88
CA THR E 53 -12.36 -41.49 -3.77
C THR E 53 -12.46 -41.99 -2.32
N LEU E 54 -13.36 -41.37 -1.56
CA LEU E 54 -13.57 -41.74 -0.18
C LEU E 54 -15.07 -41.80 0.10
N PRO E 55 -15.76 -42.67 -0.64
CA PRO E 55 -17.12 -43.09 -0.26
C PRO E 55 -17.10 -44.16 0.83
N ASP E 56 -15.81 -44.36 1.22
CA ASP E 56 -15.11 -45.16 2.15
C ASP E 56 -15.29 -44.38 3.47
N CYS E 57 -15.40 -43.03 3.18
CA CYS E 57 -15.50 -42.08 4.31
C CYS E 57 -16.35 -40.84 4.11
N SER E 58 -16.22 -39.91 5.19
CA SER E 58 -16.88 -38.60 5.22
C SER E 58 -15.85 -37.47 5.26
N PRO E 59 -14.96 -37.45 4.26
CA PRO E 59 -13.77 -36.60 4.31
C PRO E 59 -13.94 -35.18 4.83
N LYS E 60 -15.10 -34.56 4.57
CA LYS E 60 -15.33 -33.19 5.02
C LYS E 60 -15.44 -33.07 6.54
N THR E 61 -15.92 -34.13 7.19
CA THR E 61 -16.11 -34.11 8.63
C THR E 61 -15.10 -34.92 9.45
N ASP E 62 -14.83 -36.15 9.04
CA ASP E 62 -13.90 -37.02 9.74
C ASP E 62 -12.72 -36.26 10.38
N ARG E 63 -12.38 -36.64 11.61
CA ARG E 63 -11.28 -35.99 12.33
C ARG E 63 -10.04 -36.89 12.37
N TYR E 64 -8.86 -36.28 12.46
CA TYR E 64 -7.61 -37.04 12.50
C TYR E 64 -6.46 -36.22 13.06
N LYS E 65 -5.23 -36.70 12.89
CA LYS E 65 -4.05 -36.00 13.40
C LYS E 65 -2.87 -36.06 12.43
N TYR E 66 -1.88 -35.20 12.64
CA TYR E 66 -0.70 -35.17 11.80
C TYR E 66 0.43 -34.43 12.53
N LYS E 67 1.68 -34.74 12.19
CA LYS E 67 2.82 -34.10 12.82
C LYS E 67 3.57 -33.21 11.84
N ARG E 68 4.49 -32.42 12.39
CA ARG E 68 5.33 -31.52 11.61
C ARG E 68 6.78 -31.95 11.80
N GLU E 69 7.16 -33.06 11.19
CA GLU E 69 8.52 -33.56 11.34
C GLU E 69 9.45 -33.03 10.24
N ASN E 70 10.39 -32.19 10.65
CA ASN E 70 11.35 -31.56 9.75
C ASN E 70 10.68 -30.68 8.72
N GLY E 71 9.67 -29.93 9.16
CA GLY E 71 8.97 -29.05 8.24
C GLY E 71 8.31 -29.78 7.09
N GLU E 72 7.27 -30.54 7.42
CA GLU E 72 6.51 -31.29 6.43
C GLU E 72 5.33 -31.92 7.14
N ILE E 73 4.35 -32.36 6.37
CA ILE E 73 3.17 -32.98 6.94
C ILE E 73 3.26 -34.49 6.84
N ILE E 74 3.21 -35.14 8.00
CA ILE E 74 3.25 -36.60 8.09
C ILE E 74 1.89 -37.02 8.61
N CYS E 75 1.17 -37.80 7.82
CA CYS E 75 -0.15 -38.26 8.19
C CYS E 75 -0.11 -39.45 9.13
N GLU E 76 -1.18 -39.64 9.90
CA GLU E 76 -1.26 -40.75 10.84
C GLU E 76 -1.77 -42.01 10.13
N ASN E 77 -1.64 -43.14 10.80
CA ASN E 77 -2.10 -44.40 10.24
C ASN E 77 -3.18 -45.06 11.11
N SER E 78 -3.73 -44.28 12.06
CA SER E 78 -4.77 -44.76 12.96
C SER E 78 -5.76 -45.68 12.25
N THR E 79 -6.37 -45.17 11.19
CA THR E 79 -7.32 -45.93 10.39
C THR E 79 -7.15 -45.54 8.93
N SER E 80 -7.58 -46.43 8.04
CA SER E 80 -7.47 -46.18 6.61
C SER E 80 -8.05 -44.81 6.27
N CYS E 81 -9.34 -44.63 6.52
CA CYS E 81 -9.99 -43.35 6.23
C CYS E 81 -9.17 -42.17 6.74
N LYS E 82 -8.89 -42.15 8.04
CA LYS E 82 -8.13 -41.07 8.64
C LYS E 82 -6.85 -40.79 7.87
N LYS E 83 -6.12 -41.85 7.55
CA LYS E 83 -4.85 -41.73 6.82
C LYS E 83 -5.02 -41.23 5.38
N ARG E 84 -6.09 -41.66 4.72
CA ARG E 84 -6.32 -41.27 3.34
C ARG E 84 -6.94 -39.89 3.16
N ILE E 85 -7.58 -39.37 4.20
CA ILE E 85 -8.18 -38.05 4.10
C ILE E 85 -7.08 -37.04 4.42
N CYS E 86 -6.13 -37.46 5.25
CA CYS E 86 -5.03 -36.59 5.63
C CYS E 86 -4.11 -36.40 4.43
N GLU E 87 -4.04 -37.41 3.57
CA GLU E 87 -3.20 -37.31 2.40
C GLU E 87 -3.84 -36.39 1.37
N CYS E 88 -5.17 -36.29 1.41
CA CYS E 88 -5.88 -35.41 0.49
C CYS E 88 -5.57 -33.98 0.89
N ASP E 89 -5.71 -33.70 2.18
CA ASP E 89 -5.48 -32.37 2.73
C ASP E 89 -4.02 -31.94 2.65
N LYS E 90 -3.12 -32.86 2.93
CA LYS E 90 -1.70 -32.55 2.87
C LYS E 90 -1.36 -32.10 1.44
N ALA E 91 -1.82 -32.89 0.48
CA ALA E 91 -1.58 -32.62 -0.92
C ALA E 91 -2.10 -31.26 -1.41
N VAL E 92 -3.26 -30.84 -0.92
CA VAL E 92 -3.81 -29.57 -1.37
C VAL E 92 -3.16 -28.34 -0.73
N ALA E 93 -2.73 -28.47 0.52
CA ALA E 93 -2.08 -27.36 1.21
C ALA E 93 -0.73 -27.10 0.54
N VAL E 94 -0.01 -28.18 0.28
CA VAL E 94 1.29 -28.10 -0.37
C VAL E 94 1.10 -27.52 -1.75
N CYS E 95 0.12 -28.05 -2.47
CA CYS E 95 -0.17 -27.58 -3.82
C CYS E 95 -0.41 -26.07 -3.81
N LEU E 96 -1.32 -25.60 -2.96
CA LEU E 96 -1.62 -24.17 -2.86
C LEU E 96 -0.38 -23.31 -2.58
N ARG E 97 0.45 -23.76 -1.64
CA ARG E 97 1.66 -23.04 -1.27
C ARG E 97 2.55 -22.93 -2.50
N LYS E 98 2.83 -24.09 -3.10
CA LYS E 98 3.67 -24.19 -4.29
C LYS E 98 3.24 -23.23 -5.42
N ASN E 99 1.95 -22.90 -5.46
CA ASN E 99 1.40 -22.02 -6.50
C ASN E 99 1.11 -20.59 -6.06
N LEU E 100 1.56 -20.24 -4.87
CA LEU E 100 1.33 -18.90 -4.35
C LEU E 100 1.86 -17.82 -5.29
N ASN E 101 2.79 -18.17 -6.17
CA ASN E 101 3.35 -17.20 -7.10
C ASN E 101 2.38 -16.76 -8.21
N THR E 102 1.20 -17.35 -8.24
CA THR E 102 0.22 -16.95 -9.25
C THR E 102 -1.13 -16.76 -8.59
N TYR E 103 -1.13 -16.73 -7.26
CA TYR E 103 -2.35 -16.50 -6.52
C TYR E 103 -2.82 -15.10 -6.91
N ASN E 104 -4.08 -14.96 -7.32
CA ASN E 104 -4.61 -13.68 -7.74
C ASN E 104 -5.69 -13.14 -6.78
N LYS E 105 -5.34 -12.10 -6.04
CA LYS E 105 -6.25 -11.48 -5.08
C LYS E 105 -7.62 -11.15 -5.66
N LYS E 106 -7.70 -11.03 -6.97
CA LYS E 106 -8.98 -10.70 -7.55
C LYS E 106 -9.77 -11.96 -7.93
N TYR E 107 -9.18 -13.13 -7.64
CA TYR E 107 -9.85 -14.40 -7.90
C TYR E 107 -10.36 -14.96 -6.57
N THR E 108 -9.90 -14.35 -5.47
CA THR E 108 -10.27 -14.75 -4.12
C THR E 108 -11.78 -14.82 -3.97
N TYR E 109 -12.45 -13.76 -4.43
CA TYR E 109 -13.90 -13.67 -4.37
C TYR E 109 -14.47 -13.86 -5.77
N TYR E 110 -14.66 -15.11 -6.17
CA TYR E 110 -15.18 -15.41 -7.51
C TYR E 110 -16.58 -16.02 -7.39
N PRO E 111 -17.60 -15.38 -8.00
CA PRO E 111 -18.95 -15.92 -7.92
C PRO E 111 -19.03 -17.19 -8.77
N ASN E 112 -19.55 -18.26 -8.18
CA ASN E 112 -19.61 -19.54 -8.88
C ASN E 112 -20.58 -19.61 -10.07
N PHE E 113 -21.50 -18.66 -10.18
CA PHE E 113 -22.43 -18.72 -11.30
C PHE E 113 -21.77 -18.24 -12.60
N TRP E 114 -20.49 -17.89 -12.51
CA TRP E 114 -19.71 -17.46 -13.68
C TRP E 114 -19.03 -18.68 -14.27
N CYS E 115 -19.10 -19.79 -13.53
CA CYS E 115 -18.50 -21.05 -13.94
C CYS E 115 -19.57 -21.84 -14.69
N LYS E 116 -19.66 -21.59 -16.00
CA LYS E 116 -20.66 -22.24 -16.84
C LYS E 116 -20.23 -23.61 -17.38
N GLY E 117 -18.93 -23.88 -17.37
CA GLY E 117 -18.43 -25.14 -17.88
C GLY E 117 -19.23 -26.35 -17.44
N ASP E 118 -19.14 -27.44 -18.20
CA ASP E 118 -19.86 -28.65 -17.86
C ASP E 118 -19.18 -29.33 -16.68
N ILE E 119 -19.95 -30.09 -15.90
CA ILE E 119 -19.44 -30.80 -14.73
C ILE E 119 -18.06 -31.39 -15.01
N GLU E 120 -17.13 -31.14 -14.10
CA GLU E 120 -15.76 -31.62 -14.23
C GLU E 120 -15.56 -33.12 -14.07
N LYS E 121 -14.84 -33.71 -15.01
CA LYS E 121 -14.53 -35.13 -14.96
C LYS E 121 -13.21 -35.20 -14.21
N CYS E 122 -12.96 -36.31 -13.51
CA CYS E 122 -11.71 -36.47 -12.78
C CYS E 122 -10.73 -37.21 -13.68
N SER F 1 18.46 25.22 -18.07
CA SER F 1 18.66 23.80 -18.48
C SER F 1 18.14 22.84 -17.40
N VAL F 2 17.96 23.37 -16.19
CA VAL F 2 17.42 22.57 -15.09
C VAL F 2 15.94 22.37 -15.40
N VAL F 3 15.41 23.28 -16.22
CA VAL F 3 14.02 23.24 -16.64
C VAL F 3 13.86 22.18 -17.70
N GLU F 4 14.64 22.31 -18.77
CA GLU F 4 14.60 21.35 -19.88
C GLU F 4 14.80 19.93 -19.38
N LEU F 5 15.89 19.72 -18.66
CA LEU F 5 16.22 18.42 -18.10
C LEU F 5 15.13 17.95 -17.15
N GLY F 6 14.64 18.85 -16.30
CA GLY F 6 13.60 18.48 -15.37
C GLY F 6 12.35 18.03 -16.11
N LYS F 7 11.97 18.77 -17.14
CA LYS F 7 10.80 18.44 -17.93
C LYS F 7 10.98 17.11 -18.65
N MET F 8 12.13 16.93 -19.30
CA MET F 8 12.42 15.69 -20.01
C MET F 8 12.25 14.49 -19.09
N ILE F 9 12.74 14.63 -17.86
CA ILE F 9 12.67 13.55 -16.86
C ILE F 9 11.25 13.08 -16.55
N ILE F 10 10.39 13.98 -16.06
CA ILE F 10 9.02 13.61 -15.70
C ILE F 10 8.30 13.07 -16.91
N GLN F 11 8.52 13.73 -18.04
CA GLN F 11 7.84 13.33 -19.26
C GLN F 11 8.20 11.89 -19.59
N GLU F 12 9.50 11.60 -19.58
CA GLU F 12 9.95 10.25 -19.91
C GLU F 12 9.67 9.18 -18.86
N THR F 13 9.81 9.51 -17.58
CA THR F 13 9.61 8.53 -16.52
C THR F 13 8.35 8.66 -15.64
N GLY F 14 7.73 9.82 -15.64
CA GLY F 14 6.53 10.01 -14.81
C GLY F 14 6.85 10.31 -13.35
N LYS F 15 8.14 10.43 -13.06
CA LYS F 15 8.59 10.74 -11.71
C LYS F 15 9.13 12.16 -11.68
N SER F 16 8.79 12.90 -10.64
CA SER F 16 9.27 14.27 -10.51
C SER F 16 10.77 14.21 -10.18
N PRO F 17 11.62 14.81 -11.04
CA PRO F 17 13.07 14.84 -10.84
C PRO F 17 13.39 15.01 -9.37
N PHE F 18 12.73 15.99 -8.76
CA PHE F 18 12.86 16.18 -7.32
C PHE F 18 11.55 15.60 -6.78
N PRO F 19 11.62 14.70 -5.79
CA PRO F 19 12.84 14.18 -5.13
C PRO F 19 13.26 12.81 -5.65
N SER F 20 12.66 12.34 -6.72
CA SER F 20 12.97 11.01 -7.22
C SER F 20 14.36 10.76 -7.84
N TYR F 21 15.04 11.81 -8.30
CA TYR F 21 16.37 11.60 -8.90
C TYR F 21 17.40 12.62 -8.45
N THR F 22 16.97 13.63 -7.71
CA THR F 22 17.89 14.67 -7.27
C THR F 22 18.98 14.24 -6.30
N SER F 23 18.89 13.02 -5.80
CA SER F 23 19.91 12.50 -4.88
C SER F 23 20.00 10.98 -4.92
N TYR F 24 19.47 10.39 -5.98
CA TYR F 24 19.50 8.93 -6.18
C TYR F 24 20.95 8.45 -6.34
N GLY F 25 21.22 7.24 -5.85
CA GLY F 25 22.55 6.65 -5.94
C GLY F 25 23.70 7.54 -5.54
N CYS F 26 24.85 7.30 -6.16
CA CYS F 26 26.04 8.10 -5.86
C CYS F 26 26.22 9.23 -6.86
N PHE F 27 25.60 9.10 -8.03
CA PHE F 27 25.81 10.13 -9.05
C PHE F 27 24.67 11.05 -9.48
N CYS F 28 23.45 10.75 -9.08
CA CYS F 28 22.33 11.61 -9.47
C CYS F 28 22.45 12.93 -8.72
N GLY F 29 22.14 14.02 -9.39
CA GLY F 29 22.24 15.32 -8.75
C GLY F 29 23.68 15.77 -8.58
N GLY F 30 24.60 15.08 -9.26
CA GLY F 30 26.00 15.45 -9.16
C GLY F 30 26.76 14.45 -8.33
N GLY F 31 28.08 14.57 -8.34
CA GLY F 31 28.89 13.64 -7.58
C GLY F 31 29.92 13.06 -8.52
N GLU F 32 31.08 12.67 -7.98
CA GLU F 32 32.15 12.13 -8.81
C GLU F 32 32.70 10.81 -8.26
N ARG F 33 32.15 10.36 -7.13
CA ARG F 33 32.63 9.11 -6.52
C ARG F 33 31.55 8.05 -6.41
N GLY F 34 31.91 6.83 -6.77
CA GLY F 34 30.98 5.72 -6.70
C GLY F 34 31.50 4.64 -5.78
N PRO F 35 31.43 3.38 -6.21
CA PRO F 35 30.90 2.95 -7.51
C PRO F 35 29.40 3.17 -7.63
N PRO F 36 28.85 3.06 -8.86
CA PRO F 36 27.41 3.25 -9.07
C PRO F 36 26.65 2.16 -8.32
N LEU F 37 25.47 2.50 -7.82
CA LEU F 37 24.68 1.52 -7.09
C LEU F 37 23.89 0.57 -8.00
N ASP F 38 23.45 1.08 -9.15
CA ASP F 38 22.68 0.27 -10.09
C ASP F 38 22.58 0.89 -11.49
N ALA F 39 21.69 0.34 -12.30
CA ALA F 39 21.49 0.82 -13.66
C ALA F 39 21.21 2.32 -13.66
N THR F 40 20.17 2.71 -12.95
CA THR F 40 19.78 4.11 -12.86
C THR F 40 20.95 5.03 -12.52
N ASP F 41 21.69 4.65 -11.49
CA ASP F 41 22.83 5.45 -11.06
C ASP F 41 23.84 5.65 -12.18
N ARG F 42 24.05 4.64 -13.00
CA ARG F 42 25.02 4.78 -14.08
C ARG F 42 24.57 5.80 -15.12
N CYS F 43 23.26 5.90 -15.35
CA CYS F 43 22.73 6.87 -16.30
C CYS F 43 23.29 8.24 -15.95
N CYS F 44 23.15 8.61 -14.68
CA CYS F 44 23.60 9.90 -14.21
C CYS F 44 25.08 10.10 -14.38
N LEU F 45 25.86 9.07 -14.08
CA LEU F 45 27.31 9.15 -14.24
C LEU F 45 27.55 9.47 -15.72
N ALA F 46 26.95 8.67 -16.59
CA ALA F 46 27.09 8.86 -18.03
C ALA F 46 26.67 10.27 -18.40
N HIS F 47 25.71 10.80 -17.65
CA HIS F 47 25.23 12.16 -17.88
C HIS F 47 26.29 13.18 -17.44
N SER F 48 26.90 12.94 -16.29
CA SER F 48 27.94 13.85 -15.80
C SER F 48 29.12 13.85 -16.77
N CYS F 49 29.44 12.68 -17.31
CA CYS F 49 30.53 12.55 -18.27
C CYS F 49 30.18 13.35 -19.52
N CYS F 50 28.93 13.24 -19.96
CA CYS F 50 28.49 13.95 -21.16
C CYS F 50 28.73 15.45 -20.98
N TYR F 51 28.31 16.00 -19.86
CA TYR F 51 28.52 17.41 -19.59
C TYR F 51 30.01 17.73 -19.68
N ASP F 52 30.85 16.84 -19.15
CA ASP F 52 32.30 17.06 -19.17
C ASP F 52 32.89 17.19 -20.57
N THR F 53 32.15 16.74 -21.59
CA THR F 53 32.64 16.84 -22.95
C THR F 53 32.26 18.21 -23.53
N LEU F 54 31.72 19.07 -22.67
CA LEU F 54 31.29 20.41 -23.09
C LEU F 54 31.88 21.53 -22.22
N PRO F 55 33.21 21.57 -22.07
CA PRO F 55 33.85 22.61 -21.26
C PRO F 55 33.65 24.01 -21.83
N ASP F 56 33.34 24.07 -23.12
CA ASP F 56 33.12 25.36 -23.77
C ASP F 56 31.71 25.87 -23.55
N CYS F 57 30.88 25.10 -22.86
CA CYS F 57 29.50 25.50 -22.61
C CYS F 57 29.18 25.48 -21.12
N SER F 58 27.93 25.79 -20.79
CA SER F 58 27.47 25.79 -19.40
C SER F 58 26.19 24.95 -19.35
N PRO F 59 26.34 23.63 -19.55
CA PRO F 59 25.23 22.65 -19.54
C PRO F 59 24.22 22.74 -18.40
N LYS F 60 24.68 23.01 -17.19
CA LYS F 60 23.76 23.08 -16.06
C LYS F 60 22.82 24.28 -16.10
N THR F 61 23.28 25.38 -16.71
CA THR F 61 22.48 26.60 -16.77
C THR F 61 21.96 27.00 -18.15
N ASP F 62 22.82 26.95 -19.17
CA ASP F 62 22.44 27.32 -20.53
C ASP F 62 21.02 26.87 -20.91
N ARG F 63 20.17 27.81 -21.31
CA ARG F 63 18.79 27.48 -21.70
C ARG F 63 18.71 27.07 -23.17
N TYR F 64 17.68 26.30 -23.50
CA TYR F 64 17.49 25.84 -24.87
C TYR F 64 16.08 25.27 -24.98
N LYS F 65 15.73 24.80 -26.17
CA LYS F 65 14.41 24.22 -26.38
C LYS F 65 14.45 22.89 -27.11
N TYR F 66 13.35 22.16 -27.05
CA TYR F 66 13.28 20.87 -27.71
C TYR F 66 11.83 20.63 -28.09
N LYS F 67 11.60 19.66 -28.97
CA LYS F 67 10.25 19.33 -29.41
C LYS F 67 10.03 17.85 -29.18
N ARG F 68 8.78 17.42 -29.14
CA ARG F 68 8.46 16.01 -28.95
C ARG F 68 7.63 15.52 -30.13
N GLU F 69 8.26 14.73 -31.01
CA GLU F 69 7.55 14.21 -32.17
C GLU F 69 7.45 12.70 -32.13
N ASN F 70 6.23 12.21 -32.24
CA ASN F 70 5.96 10.77 -32.20
C ASN F 70 6.52 10.09 -30.96
N GLY F 71 6.68 10.86 -29.89
CA GLY F 71 7.19 10.28 -28.65
C GLY F 71 8.68 10.34 -28.39
N GLU F 72 9.41 11.08 -29.21
CA GLU F 72 10.85 11.20 -29.02
C GLU F 72 11.18 12.67 -28.77
N ILE F 73 12.34 12.92 -28.18
CA ILE F 73 12.78 14.28 -27.91
C ILE F 73 13.59 14.77 -29.10
N ILE F 74 13.26 15.96 -29.58
CA ILE F 74 13.97 16.52 -30.72
C ILE F 74 14.66 17.82 -30.36
N CYS F 75 15.97 17.73 -30.17
CA CYS F 75 16.79 18.87 -29.82
C CYS F 75 16.89 19.92 -30.93
N GLU F 76 17.12 21.17 -30.51
CA GLU F 76 17.25 22.31 -31.44
C GLU F 76 18.71 22.53 -31.80
N ASN F 77 18.96 23.37 -32.80
CA ASN F 77 20.33 23.66 -33.24
C ASN F 77 20.68 25.15 -33.33
N SER F 78 19.97 26.01 -32.62
CA SER F 78 20.26 27.46 -32.68
C SER F 78 21.77 27.69 -32.49
N THR F 79 22.35 27.09 -31.45
CA THR F 79 23.79 27.22 -31.22
C THR F 79 24.30 25.81 -30.97
N SER F 80 25.61 25.61 -31.08
CA SER F 80 26.17 24.28 -30.88
C SER F 80 25.97 23.77 -29.46
N CYS F 81 26.26 24.63 -28.48
CA CYS F 81 26.10 24.28 -27.09
C CYS F 81 24.69 23.75 -26.84
N LYS F 82 23.70 24.58 -27.11
CA LYS F 82 22.31 24.21 -26.92
C LYS F 82 21.98 22.84 -27.50
N LYS F 83 22.63 22.50 -28.62
CA LYS F 83 22.39 21.21 -29.26
C LYS F 83 23.10 20.07 -28.53
N ARG F 84 24.38 20.27 -28.22
CA ARG F 84 25.17 19.25 -27.54
C ARG F 84 24.61 19.01 -26.13
N ILE F 85 24.32 20.08 -25.41
CA ILE F 85 23.76 19.96 -24.07
C ILE F 85 22.45 19.18 -24.11
N CYS F 86 21.52 19.64 -24.94
CA CYS F 86 20.21 19.00 -25.06
C CYS F 86 20.32 17.50 -25.32
N GLU F 87 21.26 17.09 -26.16
CA GLU F 87 21.42 15.67 -26.46
C GLU F 87 21.92 14.91 -25.23
N CYS F 88 22.57 15.62 -24.32
CA CYS F 88 23.05 15.01 -23.07
C CYS F 88 21.84 14.78 -22.17
N ASP F 89 21.02 15.81 -22.00
CA ASP F 89 19.84 15.72 -21.16
C ASP F 89 18.89 14.65 -21.66
N LYS F 90 18.68 14.62 -22.98
CA LYS F 90 17.81 13.63 -23.59
C LYS F 90 18.32 12.22 -23.31
N ALA F 91 19.62 12.03 -23.51
CA ALA F 91 20.23 10.73 -23.28
C ALA F 91 19.95 10.21 -21.87
N VAL F 92 20.11 11.07 -20.87
CA VAL F 92 19.89 10.65 -19.49
C VAL F 92 18.41 10.40 -19.23
N ALA F 93 17.56 11.19 -19.86
CA ALA F 93 16.12 11.04 -19.69
C ALA F 93 15.69 9.69 -20.24
N VAL F 94 16.26 9.33 -21.40
CA VAL F 94 15.94 8.06 -22.04
C VAL F 94 16.53 6.94 -21.19
N CYS F 95 17.76 7.13 -20.77
CA CYS F 95 18.42 6.12 -19.97
C CYS F 95 17.56 5.81 -18.73
N LEU F 96 17.12 6.85 -18.05
CA LEU F 96 16.27 6.66 -16.86
C LEU F 96 15.02 5.85 -17.15
N ARG F 97 14.25 6.26 -18.15
CA ARG F 97 13.03 5.54 -18.50
C ARG F 97 13.35 4.08 -18.78
N LYS F 98 14.39 3.87 -19.56
CA LYS F 98 14.82 2.54 -19.98
C LYS F 98 15.14 1.63 -18.81
N ASN F 99 15.55 2.20 -17.68
CA ASN F 99 15.91 1.39 -16.53
C ASN F 99 14.99 1.49 -15.32
N LEU F 100 13.77 1.96 -15.53
CA LEU F 100 12.83 2.07 -14.42
C LEU F 100 12.53 0.69 -13.83
N ASN F 101 12.84 -0.35 -14.59
CA ASN F 101 12.60 -1.71 -14.15
C ASN F 101 13.44 -2.11 -12.94
N THR F 102 14.42 -1.27 -12.59
CA THR F 102 15.27 -1.53 -11.44
C THR F 102 15.37 -0.31 -10.53
N TYR F 103 14.59 0.72 -10.82
CA TYR F 103 14.59 1.91 -9.98
C TYR F 103 14.33 1.40 -8.55
N ASN F 104 15.21 1.72 -7.61
CA ASN F 104 15.05 1.29 -6.21
C ASN F 104 14.71 2.50 -5.34
N LYS F 105 13.58 2.45 -4.66
CA LYS F 105 13.15 3.55 -3.80
C LYS F 105 14.00 3.68 -2.54
N LYS F 106 14.85 2.69 -2.29
CA LYS F 106 15.70 2.75 -1.12
C LYS F 106 16.98 3.48 -1.52
N TYR F 107 17.10 3.77 -2.81
CA TYR F 107 18.28 4.48 -3.32
C TYR F 107 17.94 5.93 -3.68
N THR F 108 16.66 6.27 -3.63
CA THR F 108 16.21 7.62 -3.96
C THR F 108 17.01 8.62 -3.15
N TYR F 109 17.26 8.28 -1.89
CA TYR F 109 18.07 9.15 -1.03
C TYR F 109 19.22 8.32 -0.55
N TYR F 110 20.39 8.58 -1.11
CA TYR F 110 21.59 7.85 -0.74
C TYR F 110 22.59 8.87 -0.22
N PRO F 111 23.08 8.67 1.02
CA PRO F 111 24.05 9.60 1.59
C PRO F 111 25.26 9.61 0.67
N ASN F 112 25.63 10.79 0.17
CA ASN F 112 26.77 10.86 -0.74
C ASN F 112 28.11 10.54 -0.08
N PHE F 113 28.23 10.78 1.22
CA PHE F 113 29.49 10.47 1.89
C PHE F 113 29.73 8.96 1.99
N TRP F 114 28.75 8.15 1.58
CA TRP F 114 28.87 6.70 1.59
C TRP F 114 29.57 6.25 0.31
N CYS F 115 29.66 7.15 -0.66
CA CYS F 115 30.32 6.85 -1.93
C CYS F 115 31.79 7.21 -1.75
N LYS F 116 32.63 6.21 -1.51
CA LYS F 116 34.04 6.46 -1.28
C LYS F 116 34.96 6.05 -2.42
N GLY F 117 34.41 5.52 -3.50
CA GLY F 117 35.24 5.11 -4.62
C GLY F 117 36.11 6.25 -5.14
N ASP F 118 37.05 5.91 -6.00
CA ASP F 118 37.94 6.93 -6.56
C ASP F 118 37.22 7.79 -7.61
N ILE F 119 37.63 9.05 -7.70
CA ILE F 119 37.04 9.98 -8.66
C ILE F 119 36.90 9.31 -10.03
N GLU F 120 35.66 9.21 -10.50
CA GLU F 120 35.37 8.58 -11.78
C GLU F 120 36.10 9.23 -12.95
N LYS F 121 36.63 8.40 -13.84
CA LYS F 121 37.30 8.90 -15.04
C LYS F 121 36.40 8.48 -16.20
N CYS F 122 35.80 9.46 -16.85
CA CYS F 122 34.88 9.21 -17.97
C CYS F 122 35.49 8.42 -19.13
N SER G 1 -10.94 -22.82 21.52
CA SER G 1 -11.08 -21.45 22.09
C SER G 1 -10.28 -20.44 21.28
N VAL G 2 -9.14 -20.87 20.76
CA VAL G 2 -8.30 -19.99 19.97
C VAL G 2 -9.14 -19.42 18.83
N VAL G 3 -10.06 -20.24 18.31
CA VAL G 3 -10.97 -19.84 17.24
C VAL G 3 -11.99 -18.84 17.78
N GLU G 4 -12.57 -19.16 18.93
CA GLU G 4 -13.57 -18.31 19.58
C GLU G 4 -12.99 -16.95 19.97
N LEU G 5 -11.71 -16.95 20.34
CA LEU G 5 -11.04 -15.70 20.72
C LEU G 5 -10.88 -14.83 19.47
N GLY G 6 -10.43 -15.45 18.39
CA GLY G 6 -10.22 -14.74 17.15
C GLY G 6 -11.48 -14.04 16.68
N LYS G 7 -12.61 -14.74 16.76
CA LYS G 7 -13.89 -14.18 16.35
C LYS G 7 -14.16 -12.97 17.25
N MET G 8 -13.87 -13.14 18.53
CA MET G 8 -14.07 -12.06 19.50
C MET G 8 -13.25 -10.84 19.15
N ILE G 9 -12.03 -11.07 18.68
CA ILE G 9 -11.14 -9.98 18.32
C ILE G 9 -11.64 -9.23 17.08
N ILE G 10 -12.10 -9.98 16.09
CA ILE G 10 -12.62 -9.36 14.87
C ILE G 10 -13.86 -8.52 15.20
N GLN G 11 -14.74 -9.06 16.03
CA GLN G 11 -15.97 -8.38 16.43
C GLN G 11 -15.72 -7.13 17.27
N GLU G 12 -14.82 -7.24 18.24
CA GLU G 12 -14.49 -6.15 19.14
C GLU G 12 -13.52 -5.09 18.62
N THR G 13 -12.38 -5.51 18.07
CA THR G 13 -11.40 -4.54 17.58
C THR G 13 -11.63 -4.10 16.14
N GLY G 14 -12.20 -4.97 15.34
CA GLY G 14 -12.42 -4.63 13.94
C GLY G 14 -11.14 -4.99 13.20
N LYS G 15 -10.31 -5.82 13.81
CA LYS G 15 -9.05 -6.25 13.21
C LYS G 15 -8.93 -7.76 13.28
N SER G 16 -8.42 -8.36 12.21
CA SER G 16 -8.27 -9.81 12.19
C SER G 16 -6.99 -10.19 12.93
N PRO G 17 -7.07 -11.19 13.83
CA PRO G 17 -5.89 -11.61 14.56
C PRO G 17 -4.66 -11.57 13.67
N PHE G 18 -4.71 -12.24 12.52
CA PHE G 18 -3.57 -12.19 11.60
C PHE G 18 -3.84 -11.12 10.54
N PRO G 19 -2.89 -10.18 10.34
CA PRO G 19 -1.60 -10.05 11.03
C PRO G 19 -1.64 -8.95 12.09
N SER G 20 -2.84 -8.51 12.43
CA SER G 20 -3.00 -7.44 13.42
C SER G 20 -2.47 -7.70 14.82
N TYR G 21 -2.70 -8.90 15.35
CA TYR G 21 -2.25 -9.20 16.70
C TYR G 21 -1.37 -10.43 16.90
N THR G 22 -1.33 -11.32 15.92
CA THR G 22 -0.51 -12.53 16.06
C THR G 22 0.98 -12.29 16.27
N SER G 23 1.45 -11.07 16.01
CA SER G 23 2.86 -10.75 16.19
C SER G 23 3.11 -9.44 16.92
N TYR G 24 2.07 -8.89 17.55
CA TYR G 24 2.15 -7.62 18.26
C TYR G 24 2.88 -7.63 19.60
N GLY G 25 3.90 -6.79 19.71
CA GLY G 25 4.66 -6.68 20.94
C GLY G 25 5.36 -7.94 21.39
N CYS G 26 5.64 -8.00 22.69
CA CYS G 26 6.32 -9.14 23.28
C CYS G 26 5.37 -10.22 23.77
N PHE G 27 4.06 -9.96 23.75
CA PHE G 27 3.12 -10.95 24.26
C PHE G 27 1.93 -11.36 23.40
N CYS G 28 1.50 -10.50 22.49
CA CYS G 28 0.36 -10.86 21.65
C CYS G 28 0.69 -12.05 20.76
N GLY G 29 -0.18 -13.06 20.80
CA GLY G 29 0.03 -14.25 19.99
C GLY G 29 1.20 -15.09 20.48
N GLY G 30 1.72 -14.78 21.67
CA GLY G 30 2.83 -15.54 22.21
C GLY G 30 3.96 -14.72 22.80
N GLY G 31 4.81 -15.37 23.58
CA GLY G 31 5.93 -14.67 24.20
C GLY G 31 5.80 -14.68 25.72
N GLU G 32 6.94 -14.70 26.41
CA GLU G 32 6.97 -14.72 27.88
C GLU G 32 7.84 -13.61 28.45
N ARG G 33 8.89 -13.27 27.72
CA ARG G 33 9.82 -12.24 28.16
C ARG G 33 9.37 -10.85 27.78
N GLY G 34 9.40 -9.95 28.76
CA GLY G 34 8.99 -8.58 28.51
C GLY G 34 10.21 -7.72 28.23
N PRO G 35 10.14 -6.41 28.53
CA PRO G 35 8.96 -5.77 29.10
C PRO G 35 7.92 -5.52 28.01
N PRO G 36 6.63 -5.55 28.38
CA PRO G 36 5.60 -5.30 27.37
C PRO G 36 5.88 -3.96 26.69
N LEU G 37 5.42 -3.81 25.44
CA LEU G 37 5.66 -2.59 24.70
C LEU G 37 4.70 -1.44 25.02
N ASP G 38 3.40 -1.72 25.04
CA ASP G 38 2.41 -0.67 25.33
C ASP G 38 1.15 -1.25 25.96
N ALA G 39 0.07 -0.48 25.95
CA ALA G 39 -1.17 -0.95 26.54
C ALA G 39 -1.69 -2.22 25.86
N THR G 40 -1.66 -2.24 24.53
CA THR G 40 -2.13 -3.39 23.78
C THR G 40 -1.38 -4.65 24.20
N ASP G 41 -0.08 -4.51 24.39
CA ASP G 41 0.78 -5.60 24.76
C ASP G 41 0.46 -6.10 26.17
N ARG G 42 0.16 -5.19 27.08
CA ARG G 42 -0.15 -5.61 28.44
C ARG G 42 -1.48 -6.36 28.49
N CYS G 43 -2.38 -6.05 27.57
CA CYS G 43 -3.66 -6.76 27.51
C CYS G 43 -3.35 -8.23 27.35
N CYS G 44 -2.45 -8.53 26.42
CA CYS G 44 -2.05 -9.89 26.14
C CYS G 44 -1.32 -10.54 27.29
N LEU G 45 -0.44 -9.79 27.94
CA LEU G 45 0.28 -10.34 29.08
C LEU G 45 -0.77 -10.77 30.12
N ALA G 46 -1.68 -9.86 30.42
CA ALA G 46 -2.74 -10.12 31.40
C ALA G 46 -3.47 -11.37 30.92
N HIS G 47 -3.82 -11.39 29.64
CA HIS G 47 -4.51 -12.53 29.06
C HIS G 47 -3.72 -13.81 29.34
N SER G 48 -2.42 -13.77 29.02
CA SER G 48 -1.55 -14.91 29.25
C SER G 48 -1.57 -15.26 30.73
N CYS G 49 -1.63 -14.24 31.58
CA CYS G 49 -1.68 -14.47 33.02
C CYS G 49 -3.00 -15.11 33.39
N CYS G 50 -4.07 -14.69 32.73
CA CYS G 50 -5.39 -15.23 33.00
C CYS G 50 -5.38 -16.74 32.72
N TYR G 51 -4.66 -17.14 31.68
CA TYR G 51 -4.57 -18.55 31.31
C TYR G 51 -3.83 -19.41 32.32
N ASP G 52 -2.93 -18.81 33.10
CA ASP G 52 -2.15 -19.55 34.08
C ASP G 52 -2.99 -19.93 35.29
N THR G 53 -4.18 -19.34 35.41
CA THR G 53 -5.06 -19.65 36.53
C THR G 53 -6.04 -20.71 36.07
N LEU G 54 -5.72 -21.35 34.95
CA LEU G 54 -6.55 -22.41 34.39
C LEU G 54 -5.68 -23.61 34.01
N PRO G 55 -4.75 -24.01 34.90
CA PRO G 55 -3.85 -25.14 34.65
C PRO G 55 -4.58 -26.46 34.40
N ASP G 56 -5.81 -26.54 34.88
CA ASP G 56 -6.63 -27.75 34.73
C ASP G 56 -7.48 -27.67 33.48
N CYS G 57 -7.18 -26.71 32.61
CA CYS G 57 -7.93 -26.54 31.39
C CYS G 57 -6.97 -26.47 30.20
N SER G 58 -7.53 -26.46 29.00
CA SER G 58 -6.76 -26.39 27.77
C SER G 58 -7.36 -25.20 27.02
N PRO G 59 -7.13 -23.98 27.54
CA PRO G 59 -7.64 -22.75 26.94
C PRO G 59 -7.46 -22.55 25.43
N LYS G 60 -6.36 -23.04 24.86
CA LYS G 60 -6.13 -22.87 23.42
C LYS G 60 -6.99 -23.73 22.51
N THR G 61 -7.32 -24.94 22.96
CA THR G 61 -8.10 -25.87 22.15
C THR G 61 -9.55 -26.10 22.58
N ASP G 62 -9.84 -25.94 23.87
CA ASP G 62 -11.19 -26.17 24.37
C ASP G 62 -12.21 -25.20 23.80
N ARG G 63 -13.07 -25.72 22.92
CA ARG G 63 -14.13 -24.95 22.26
C ARG G 63 -15.27 -24.59 23.22
N TYR G 64 -15.82 -23.39 23.05
CA TYR G 64 -16.93 -22.93 23.86
C TYR G 64 -17.87 -22.05 23.05
N LYS G 65 -19.04 -21.77 23.61
CA LYS G 65 -20.03 -20.93 22.94
C LYS G 65 -20.15 -19.60 23.67
N TYR G 66 -20.71 -18.61 22.98
CA TYR G 66 -20.94 -17.31 23.59
C TYR G 66 -21.91 -16.53 22.72
N LYS G 67 -22.63 -15.60 23.34
CA LYS G 67 -23.61 -14.81 22.61
C LYS G 67 -23.26 -13.33 22.69
N ARG G 68 -24.12 -12.49 22.13
CA ARG G 68 -23.88 -11.05 22.15
C ARG G 68 -25.18 -10.32 22.40
N GLU G 69 -25.37 -9.85 23.63
CA GLU G 69 -26.57 -9.11 23.98
C GLU G 69 -27.00 -8.01 23.01
N ASN G 70 -26.27 -6.90 23.07
CA ASN G 70 -26.43 -5.78 22.16
C ASN G 70 -25.04 -5.66 21.57
N GLY G 71 -24.11 -5.21 22.39
CA GLY G 71 -22.69 -5.36 22.13
C GLY G 71 -21.84 -6.19 23.08
N GLU G 72 -22.38 -6.55 24.24
CA GLU G 72 -21.58 -7.32 25.19
C GLU G 72 -21.54 -8.81 24.94
N ILE G 73 -20.37 -9.39 25.15
CA ILE G 73 -20.16 -10.83 24.98
C ILE G 73 -20.63 -11.53 26.26
N ILE G 74 -21.34 -12.64 26.09
CA ILE G 74 -21.84 -13.41 27.23
C ILE G 74 -21.34 -14.85 27.12
N CYS G 75 -20.55 -15.28 28.09
CA CYS G 75 -19.97 -16.62 28.11
C CYS G 75 -20.87 -17.76 28.59
N GLU G 76 -20.79 -18.90 27.90
CA GLU G 76 -21.59 -20.08 28.23
C GLU G 76 -21.23 -20.67 29.60
N ASN G 77 -21.91 -21.74 29.98
CA ASN G 77 -21.72 -22.40 31.27
C ASN G 77 -21.47 -23.91 31.25
N SER G 78 -21.90 -24.59 30.18
CA SER G 78 -21.76 -26.05 30.07
C SER G 78 -20.72 -26.66 31.02
N THR G 79 -19.55 -26.04 31.13
CA THR G 79 -18.51 -26.54 32.03
C THR G 79 -17.75 -25.38 32.66
N SER G 80 -16.98 -25.69 33.70
CA SER G 80 -16.19 -24.70 34.42
C SER G 80 -15.15 -24.04 33.51
N CYS G 81 -14.38 -24.84 32.78
CA CYS G 81 -13.35 -24.31 31.89
C CYS G 81 -13.90 -23.36 30.84
N LYS G 82 -14.82 -23.86 30.02
CA LYS G 82 -15.43 -23.07 28.97
C LYS G 82 -15.82 -21.69 29.44
N LYS G 83 -16.31 -21.60 30.68
CA LYS G 83 -16.71 -20.32 31.26
C LYS G 83 -15.49 -19.52 31.63
N ARG G 84 -14.55 -20.18 32.31
CA ARG G 84 -13.33 -19.53 32.74
C ARG G 84 -12.45 -19.13 31.55
N ILE G 85 -12.29 -20.03 30.59
CA ILE G 85 -11.48 -19.72 29.41
C ILE G 85 -12.13 -18.56 28.69
N CYS G 86 -13.43 -18.68 28.49
CA CYS G 86 -14.20 -17.66 27.78
C CYS G 86 -14.08 -16.29 28.42
N GLU G 87 -14.15 -16.23 29.75
CA GLU G 87 -14.04 -14.95 30.43
C GLU G 87 -12.66 -14.36 30.20
N CYS G 88 -11.66 -15.23 30.04
CA CYS G 88 -10.29 -14.76 29.79
C CYS G 88 -10.23 -14.05 28.45
N ASP G 89 -10.83 -14.67 27.44
CA ASP G 89 -10.85 -14.13 26.09
C ASP G 89 -11.68 -12.86 25.97
N LYS G 90 -12.85 -12.87 26.61
CA LYS G 90 -13.69 -11.69 26.59
C LYS G 90 -12.86 -10.55 27.17
N ALA G 91 -12.11 -10.87 28.21
CA ALA G 91 -11.26 -9.87 28.86
C ALA G 91 -10.28 -9.24 27.89
N VAL G 92 -9.48 -10.07 27.22
CA VAL G 92 -8.49 -9.56 26.29
C VAL G 92 -9.16 -8.84 25.12
N ALA G 93 -10.15 -9.49 24.52
CA ALA G 93 -10.86 -8.91 23.41
C ALA G 93 -11.31 -7.49 23.73
N VAL G 94 -11.91 -7.32 24.91
CA VAL G 94 -12.38 -6.01 25.36
C VAL G 94 -11.22 -5.06 25.66
N CYS G 95 -10.14 -5.61 26.20
CA CYS G 95 -8.97 -4.81 26.50
C CYS G 95 -8.37 -4.29 25.20
N LEU G 96 -8.23 -5.18 24.22
CA LEU G 96 -7.66 -4.79 22.94
C LEU G 96 -8.47 -3.65 22.31
N ARG G 97 -9.79 -3.72 22.43
CA ARG G 97 -10.66 -2.69 21.86
C ARG G 97 -10.43 -1.34 22.53
N LYS G 98 -10.50 -1.33 23.86
CA LYS G 98 -10.32 -0.09 24.61
C LYS G 98 -8.98 0.60 24.34
N ASN G 99 -7.99 -0.16 23.88
CA ASN G 99 -6.68 0.44 23.63
C ASN G 99 -6.29 0.59 22.18
N LEU G 100 -7.28 0.76 21.32
CA LEU G 100 -7.02 0.93 19.89
C LEU G 100 -6.32 2.28 19.62
N ASN G 101 -6.64 3.27 20.44
CA ASN G 101 -6.09 4.62 20.32
C ASN G 101 -4.55 4.71 20.39
N THR G 102 -3.89 3.69 20.93
CA THR G 102 -2.43 3.71 21.00
C THR G 102 -1.82 2.51 20.30
N TYR G 103 -2.61 1.83 19.48
CA TYR G 103 -2.18 0.67 18.71
C TYR G 103 -1.11 1.10 17.72
N ASN G 104 0.09 0.52 17.82
CA ASN G 104 1.20 0.88 16.92
C ASN G 104 1.51 -0.24 15.93
N LYS G 105 1.16 -0.01 14.68
CA LYS G 105 1.39 -0.96 13.59
C LYS G 105 2.85 -1.41 13.46
N LYS G 106 3.78 -0.58 13.92
CA LYS G 106 5.19 -0.92 13.86
C LYS G 106 5.54 -2.01 14.87
N TYR G 107 4.77 -2.09 15.95
CA TYR G 107 5.03 -3.10 16.98
C TYR G 107 4.67 -4.49 16.47
N THR G 108 4.13 -4.52 15.25
CA THR G 108 3.73 -5.73 14.58
C THR G 108 4.96 -6.38 13.96
N TYR G 109 5.98 -5.56 13.70
CA TYR G 109 7.23 -6.03 13.15
C TYR G 109 8.36 -5.37 13.92
N TYR G 110 8.24 -5.39 15.25
CA TYR G 110 9.22 -4.79 16.14
C TYR G 110 10.62 -5.44 16.04
N PRO G 111 11.67 -4.69 16.39
CA PRO G 111 13.05 -5.18 16.36
C PRO G 111 13.17 -6.55 17.03
N ASN G 112 13.96 -7.44 16.42
CA ASN G 112 14.15 -8.77 16.96
C ASN G 112 14.98 -8.85 18.24
N PHE G 113 15.53 -7.72 18.67
CA PHE G 113 16.33 -7.69 19.89
C PHE G 113 15.53 -7.06 21.05
N TRP G 114 14.24 -6.85 20.87
CA TRP G 114 13.41 -6.20 21.89
C TRP G 114 12.81 -6.92 23.08
N CYS G 115 12.64 -8.22 23.04
CA CYS G 115 12.00 -8.84 24.19
C CYS G 115 12.93 -9.67 25.07
N LYS G 116 13.98 -9.03 25.56
CA LYS G 116 14.96 -9.74 26.38
C LYS G 116 14.91 -9.32 27.84
N GLY G 117 13.74 -8.83 28.27
CA GLY G 117 13.59 -8.45 29.65
C GLY G 117 13.38 -9.71 30.46
N ASP G 118 13.03 -9.56 31.72
CA ASP G 118 12.82 -10.72 32.58
C ASP G 118 11.43 -11.33 32.38
N ILE G 119 11.36 -12.65 32.51
CA ILE G 119 10.08 -13.35 32.39
C ILE G 119 9.15 -12.60 33.33
N GLU G 120 8.03 -12.13 32.80
CA GLU G 120 7.10 -11.37 33.61
C GLU G 120 6.40 -12.20 34.70
N LYS G 121 6.15 -11.56 35.84
CA LYS G 121 5.47 -12.22 36.95
C LYS G 121 4.02 -11.74 36.95
N CYS G 122 3.09 -12.69 36.87
CA CYS G 122 1.67 -12.36 36.84
C CYS G 122 1.22 -11.60 38.09
N SER H 1 -34.36 -6.74 -10.22
CA SER H 1 -33.92 -5.31 -10.15
C SER H 1 -32.62 -5.24 -9.37
N VAL H 2 -31.87 -6.34 -9.46
CA VAL H 2 -30.58 -6.48 -8.83
C VAL H 2 -29.61 -5.62 -9.65
N VAL H 3 -30.09 -5.19 -10.81
CA VAL H 3 -29.35 -4.34 -11.73
C VAL H 3 -29.39 -2.91 -11.23
N GLU H 4 -30.58 -2.45 -10.86
CA GLU H 4 -30.74 -1.08 -10.40
C GLU H 4 -30.01 -0.88 -9.08
N LEU H 5 -30.14 -1.86 -8.20
CA LEU H 5 -29.49 -1.81 -6.91
C LEU H 5 -27.98 -1.83 -7.09
N GLY H 6 -27.49 -2.69 -7.98
CA GLY H 6 -26.06 -2.78 -8.22
C GLY H 6 -25.52 -1.45 -8.70
N LYS H 7 -26.14 -0.90 -9.73
CA LYS H 7 -25.72 0.38 -10.27
C LYS H 7 -25.71 1.45 -9.21
N MET H 8 -26.81 1.59 -8.49
CA MET H 8 -26.89 2.60 -7.45
C MET H 8 -25.70 2.53 -6.51
N ILE H 9 -25.32 1.32 -6.15
CA ILE H 9 -24.21 1.13 -5.23
C ILE H 9 -22.81 1.56 -5.71
N ILE H 10 -22.35 1.16 -6.90
CA ILE H 10 -21.01 1.65 -7.31
C ILE H 10 -21.10 3.15 -7.47
N GLN H 11 -22.18 3.59 -8.11
CA GLN H 11 -22.38 5.01 -8.36
C GLN H 11 -22.26 5.83 -7.07
N GLU H 12 -22.92 5.37 -6.01
CA GLU H 12 -22.89 6.10 -4.75
C GLU H 12 -21.65 5.90 -3.90
N THR H 13 -21.09 4.69 -3.92
CA THR H 13 -19.94 4.39 -3.07
C THR H 13 -18.59 4.26 -3.77
N GLY H 14 -18.59 3.92 -5.05
CA GLY H 14 -17.34 3.74 -5.75
C GLY H 14 -16.89 2.31 -5.61
N LYS H 15 -17.65 1.54 -4.85
CA LYS H 15 -17.33 0.13 -4.65
C LYS H 15 -18.25 -0.76 -5.47
N SER H 16 -17.67 -1.82 -6.02
CA SER H 16 -18.45 -2.76 -6.80
C SER H 16 -19.27 -3.56 -5.79
N PRO H 17 -20.59 -3.65 -6.00
CA PRO H 17 -21.45 -4.41 -5.08
C PRO H 17 -20.78 -5.71 -4.69
N PHE H 18 -20.34 -6.46 -5.69
CA PHE H 18 -19.62 -7.71 -5.48
C PHE H 18 -18.17 -7.33 -5.78
N PRO H 19 -17.24 -7.63 -4.86
CA PRO H 19 -17.44 -8.31 -3.56
C PRO H 19 -17.42 -7.41 -2.32
N SER H 20 -17.49 -6.09 -2.50
CA SER H 20 -17.44 -5.19 -1.36
C SER H 20 -18.64 -5.14 -0.42
N TYR H 21 -19.82 -5.57 -0.87
CA TYR H 21 -21.02 -5.53 -0.02
C TYR H 21 -21.87 -6.80 -0.05
N THR H 22 -21.62 -7.69 -1.00
CA THR H 22 -22.38 -8.92 -1.14
C THR H 22 -22.32 -9.91 0.03
N SER H 23 -21.40 -9.71 0.96
CA SER H 23 -21.30 -10.60 2.10
C SER H 23 -20.74 -9.87 3.32
N TYR H 24 -20.90 -8.55 3.32
CA TYR H 24 -20.42 -7.72 4.41
C TYR H 24 -21.25 -7.86 5.68
N GLY H 25 -20.57 -8.12 6.79
CA GLY H 25 -21.25 -8.24 8.06
C GLY H 25 -22.25 -9.36 8.17
N CYS H 26 -23.33 -9.08 8.91
CA CYS H 26 -24.37 -10.07 9.14
C CYS H 26 -25.58 -9.96 8.23
N PHE H 27 -25.85 -8.77 7.70
CA PHE H 27 -27.03 -8.60 6.88
C PHE H 27 -26.84 -8.23 5.41
N CYS H 28 -25.67 -7.71 5.05
CA CYS H 28 -25.43 -7.34 3.66
C CYS H 28 -25.51 -8.59 2.82
N GLY H 29 -26.37 -8.58 1.81
CA GLY H 29 -26.52 -9.76 0.98
C GLY H 29 -27.31 -10.87 1.66
N GLY H 30 -28.27 -10.49 2.49
CA GLY H 30 -29.10 -11.47 3.16
C GLY H 30 -28.75 -11.73 4.62
N GLY H 31 -29.71 -12.26 5.36
CA GLY H 31 -29.48 -12.57 6.76
C GLY H 31 -30.60 -12.08 7.66
N GLU H 32 -30.98 -12.90 8.62
CA GLU H 32 -32.04 -12.57 9.55
C GLU H 32 -31.47 -12.49 10.96
N ARG H 33 -30.21 -12.89 11.11
CA ARG H 33 -29.59 -12.90 12.42
C ARG H 33 -28.36 -12.01 12.55
N GLY H 34 -28.37 -11.17 13.59
CA GLY H 34 -27.27 -10.28 13.85
C GLY H 34 -26.63 -10.64 15.19
N PRO H 35 -26.31 -9.65 16.02
CA PRO H 35 -26.54 -8.23 15.76
C PRO H 35 -25.64 -7.72 14.64
N PRO H 36 -25.97 -6.53 14.08
CA PRO H 36 -25.20 -5.91 12.99
C PRO H 36 -23.78 -5.60 13.46
N LEU H 37 -22.80 -5.77 12.59
CA LEU H 37 -21.42 -5.49 12.96
C LEU H 37 -21.12 -4.00 13.09
N ASP H 38 -21.84 -3.18 12.32
CA ASP H 38 -21.65 -1.74 12.36
C ASP H 38 -22.68 -0.97 11.51
N ALA H 39 -22.45 0.32 11.37
CA ALA H 39 -23.34 1.18 10.60
C ALA H 39 -23.67 0.56 9.24
N THR H 40 -22.63 0.24 8.48
CA THR H 40 -22.81 -0.38 7.17
C THR H 40 -23.78 -1.56 7.27
N ASP H 41 -23.53 -2.45 8.22
CA ASP H 41 -24.39 -3.60 8.42
C ASP H 41 -25.82 -3.13 8.69
N ARG H 42 -25.97 -2.06 9.46
CA ARG H 42 -27.28 -1.52 9.79
C ARG H 42 -28.02 -0.95 8.57
N CYS H 43 -27.26 -0.51 7.57
CA CYS H 43 -27.85 0.02 6.34
C CYS H 43 -28.54 -1.15 5.65
N CYS H 44 -27.86 -2.29 5.63
CA CYS H 44 -28.38 -3.49 5.00
C CYS H 44 -29.58 -4.09 5.71
N LEU H 45 -29.54 -4.18 7.04
CA LEU H 45 -30.70 -4.72 7.75
C LEU H 45 -31.87 -3.82 7.41
N ALA H 46 -31.63 -2.52 7.36
CA ALA H 46 -32.66 -1.55 7.04
C ALA H 46 -33.26 -1.88 5.67
N HIS H 47 -32.38 -2.04 4.68
CA HIS H 47 -32.78 -2.33 3.31
C HIS H 47 -33.66 -3.57 3.20
N SER H 48 -33.26 -4.65 3.87
CA SER H 48 -34.05 -5.87 3.82
C SER H 48 -35.40 -5.70 4.51
N CYS H 49 -35.44 -4.92 5.60
CA CYS H 49 -36.71 -4.66 6.30
C CYS H 49 -37.60 -3.88 5.34
N CYS H 50 -36.98 -2.99 4.59
CA CYS H 50 -37.71 -2.17 3.64
C CYS H 50 -38.38 -3.09 2.63
N TYR H 51 -37.63 -4.07 2.13
CA TYR H 51 -38.15 -5.03 1.17
C TYR H 51 -39.30 -5.81 1.78
N ASP H 52 -39.29 -5.99 3.10
CA ASP H 52 -40.36 -6.74 3.75
C ASP H 52 -41.69 -5.99 3.77
N THR H 53 -41.65 -4.69 3.54
CA THR H 53 -42.89 -3.91 3.53
C THR H 53 -43.43 -3.98 2.10
N LEU H 54 -42.81 -4.82 1.28
CA LEU H 54 -43.21 -4.97 -0.11
C LEU H 54 -43.64 -6.38 -0.51
N PRO H 55 -44.43 -7.07 0.34
CA PRO H 55 -44.87 -8.42 -0.01
C PRO H 55 -45.74 -8.21 -1.22
N ASP H 56 -46.15 -6.95 -1.33
CA ASP H 56 -46.98 -6.43 -2.40
C ASP H 56 -46.29 -6.67 -3.74
N CYS H 57 -44.96 -6.72 -3.72
CA CYS H 57 -44.16 -6.89 -4.94
C CYS H 57 -43.03 -7.90 -4.82
N SER H 58 -42.13 -7.87 -5.81
CA SER H 58 -40.96 -8.75 -5.88
C SER H 58 -39.69 -7.93 -6.08
N PRO H 59 -39.20 -7.28 -5.02
CA PRO H 59 -38.01 -6.43 -4.95
C PRO H 59 -36.75 -6.85 -5.70
N LYS H 60 -36.31 -8.08 -5.52
CA LYS H 60 -35.09 -8.56 -6.18
C LYS H 60 -35.23 -8.76 -7.70
N THR H 61 -36.42 -8.59 -8.25
CA THR H 61 -36.62 -8.83 -9.67
C THR H 61 -37.33 -7.79 -10.54
N ASP H 62 -38.30 -7.06 -9.99
CA ASP H 62 -39.00 -6.06 -10.78
C ASP H 62 -38.04 -4.97 -11.27
N ARG H 63 -37.78 -4.93 -12.57
CA ARG H 63 -36.88 -3.93 -13.11
C ARG H 63 -37.53 -2.53 -13.01
N TYR H 64 -36.71 -1.49 -13.07
CA TYR H 64 -37.22 -0.11 -13.01
C TYR H 64 -36.16 0.90 -13.45
N LYS H 65 -36.52 2.17 -13.46
CA LYS H 65 -35.61 3.22 -13.88
C LYS H 65 -35.53 4.40 -12.93
N TYR H 66 -34.37 5.06 -12.91
CA TYR H 66 -34.19 6.22 -12.05
C TYR H 66 -33.39 7.33 -12.74
N LYS H 67 -33.50 8.54 -12.20
CA LYS H 67 -32.81 9.71 -12.73
C LYS H 67 -31.82 10.18 -11.68
N ARG H 68 -30.60 10.47 -12.09
CA ARG H 68 -29.61 10.93 -11.15
C ARG H 68 -29.98 12.33 -10.68
N GLU H 69 -30.22 13.22 -11.64
CA GLU H 69 -30.59 14.61 -11.41
C GLU H 69 -29.42 15.38 -10.80
N ASN H 70 -29.73 16.26 -9.86
CA ASN H 70 -28.74 17.04 -9.12
C ASN H 70 -28.17 16.29 -7.92
N GLY H 71 -27.50 15.17 -8.19
CA GLY H 71 -26.90 14.40 -7.11
C GLY H 71 -27.85 13.63 -6.20
N GLU H 72 -29.14 13.73 -6.45
CA GLU H 72 -30.11 13.00 -5.64
C GLU H 72 -30.82 11.97 -6.51
N ILE H 73 -30.62 10.69 -6.23
CA ILE H 73 -31.29 9.66 -7.03
C ILE H 73 -32.78 9.97 -7.04
N ILE H 74 -33.36 9.92 -8.22
CA ILE H 74 -34.79 10.20 -8.37
C ILE H 74 -35.49 9.02 -9.00
N CYS H 75 -36.38 8.40 -8.24
CA CYS H 75 -37.14 7.23 -8.68
C CYS H 75 -38.25 7.54 -9.67
N GLU H 76 -38.67 6.50 -10.40
CA GLU H 76 -39.74 6.63 -11.38
C GLU H 76 -41.08 6.38 -10.70
N ASN H 77 -42.18 6.62 -11.43
CA ASN H 77 -43.52 6.40 -10.87
C ASN H 77 -44.47 5.68 -11.82
N SER H 78 -43.95 4.86 -12.74
CA SER H 78 -44.85 4.17 -13.66
C SER H 78 -45.75 3.18 -12.93
N THR H 79 -45.16 2.39 -12.01
CA THR H 79 -45.96 1.46 -11.23
C THR H 79 -45.63 1.68 -9.77
N SER H 80 -46.50 1.18 -8.91
CA SER H 80 -46.30 1.32 -7.47
C SER H 80 -45.03 0.57 -7.04
N CYS H 81 -45.00 -0.73 -7.33
CA CYS H 81 -43.86 -1.56 -6.96
C CYS H 81 -42.52 -1.01 -7.44
N LYS H 82 -42.50 -0.38 -8.61
CA LYS H 82 -41.24 0.17 -9.11
C LYS H 82 -40.82 1.37 -8.28
N LYS H 83 -41.80 2.15 -7.85
CA LYS H 83 -41.52 3.32 -7.02
C LYS H 83 -41.09 2.86 -5.63
N ARG H 84 -41.92 2.04 -4.99
CA ARG H 84 -41.60 1.53 -3.66
C ARG H 84 -40.26 0.81 -3.65
N ILE H 85 -40.04 -0.09 -4.59
CA ILE H 85 -38.77 -0.82 -4.63
C ILE H 85 -37.61 0.13 -4.83
N CYS H 86 -37.71 1.01 -5.83
CA CYS H 86 -36.65 1.96 -6.10
C CYS H 86 -36.29 2.79 -4.85
N GLU H 87 -37.29 3.17 -4.05
CA GLU H 87 -37.03 3.97 -2.86
C GLU H 87 -36.25 3.20 -1.79
N CYS H 88 -36.50 1.89 -1.67
CA CYS H 88 -35.79 1.06 -0.70
C CYS H 88 -34.34 0.96 -1.16
N ASP H 89 -34.16 0.82 -2.47
CA ASP H 89 -32.82 0.71 -3.03
C ASP H 89 -32.04 1.99 -2.84
N LYS H 90 -32.61 3.10 -3.27
CA LYS H 90 -31.96 4.39 -3.12
C LYS H 90 -31.49 4.59 -1.66
N ALA H 91 -32.40 4.36 -0.72
CA ALA H 91 -32.06 4.53 0.69
C ALA H 91 -30.83 3.74 1.15
N VAL H 92 -30.71 2.49 0.70
CA VAL H 92 -29.57 1.67 1.12
C VAL H 92 -28.27 2.19 0.51
N ALA H 93 -28.36 2.68 -0.73
CA ALA H 93 -27.19 3.20 -1.43
C ALA H 93 -26.70 4.47 -0.75
N VAL H 94 -27.62 5.38 -0.45
CA VAL H 94 -27.25 6.63 0.22
C VAL H 94 -26.78 6.31 1.64
N CYS H 95 -27.31 5.25 2.24
CA CYS H 95 -26.91 4.90 3.59
C CYS H 95 -25.47 4.38 3.58
N LEU H 96 -25.16 3.49 2.65
CA LEU H 96 -23.80 2.94 2.53
C LEU H 96 -22.76 4.04 2.33
N ARG H 97 -23.06 4.95 1.42
CA ARG H 97 -22.18 6.07 1.11
C ARG H 97 -21.92 6.86 2.40
N LYS H 98 -23.01 7.29 3.03
CA LYS H 98 -22.92 8.08 4.25
C LYS H 98 -22.12 7.39 5.35
N ASN H 99 -22.00 6.06 5.29
CA ASN H 99 -21.26 5.32 6.31
C ASN H 99 -19.98 4.70 5.82
N LEU H 100 -19.49 5.19 4.68
CA LEU H 100 -18.24 4.69 4.13
C LEU H 100 -17.11 4.99 5.11
N ASN H 101 -17.33 5.98 5.98
CA ASN H 101 -16.30 6.35 6.96
C ASN H 101 -16.05 5.32 8.06
N THR H 102 -16.80 4.22 8.05
CA THR H 102 -16.58 3.19 9.05
C THR H 102 -16.61 1.84 8.36
N TYR H 103 -16.66 1.86 7.02
CA TYR H 103 -16.65 0.63 6.24
C TYR H 103 -15.39 -0.13 6.62
N ASN H 104 -15.54 -1.35 7.10
CA ASN H 104 -14.39 -2.14 7.52
C ASN H 104 -13.97 -3.17 6.48
N LYS H 105 -12.76 -3.04 5.96
CA LYS H 105 -12.23 -3.96 4.96
C LYS H 105 -12.20 -5.45 5.40
N LYS H 106 -12.26 -5.74 6.69
CA LYS H 106 -12.26 -7.15 7.07
C LYS H 106 -13.63 -7.63 7.51
N TYR H 107 -14.65 -6.82 7.25
CA TYR H 107 -16.02 -7.20 7.55
C TYR H 107 -16.64 -7.50 6.18
N THR H 108 -15.90 -7.13 5.14
CA THR H 108 -16.29 -7.34 3.75
C THR H 108 -16.78 -8.77 3.56
N TYR H 109 -15.97 -9.73 3.98
CA TYR H 109 -16.34 -11.14 3.90
C TYR H 109 -16.43 -11.66 5.33
N TYR H 110 -17.67 -11.81 5.79
CA TYR H 110 -17.97 -12.25 7.14
C TYR H 110 -18.87 -13.51 7.12
N PRO H 111 -18.36 -14.63 7.66
CA PRO H 111 -19.11 -15.89 7.71
C PRO H 111 -20.45 -15.70 8.41
N ASN H 112 -21.51 -16.12 7.74
CA ASN H 112 -22.85 -15.98 8.28
C ASN H 112 -23.11 -16.78 9.56
N PHE H 113 -22.54 -17.96 9.68
CA PHE H 113 -22.77 -18.77 10.86
C PHE H 113 -22.17 -18.19 12.14
N TRP H 114 -21.56 -17.02 12.02
CA TRP H 114 -21.01 -16.34 13.19
C TRP H 114 -22.08 -15.43 13.76
N CYS H 115 -23.14 -15.23 12.99
CA CYS H 115 -24.25 -14.36 13.39
C CYS H 115 -25.32 -15.24 14.05
N LYS H 116 -25.29 -15.32 15.38
CA LYS H 116 -26.23 -16.15 16.13
C LYS H 116 -27.44 -15.44 16.71
N GLY H 117 -27.41 -14.11 16.74
CA GLY H 117 -28.52 -13.35 17.27
C GLY H 117 -29.88 -13.88 16.85
N ASP H 118 -30.94 -13.50 17.57
CA ASP H 118 -32.28 -13.96 17.24
C ASP H 118 -32.71 -13.48 15.86
N ILE H 119 -33.83 -14.01 15.37
CA ILE H 119 -34.34 -13.60 14.08
C ILE H 119 -34.78 -12.15 14.20
N GLU H 120 -34.14 -11.29 13.43
CA GLU H 120 -34.41 -9.86 13.45
C GLU H 120 -35.85 -9.47 13.10
N LYS H 121 -36.43 -8.60 13.91
CA LYS H 121 -37.79 -8.12 13.67
C LYS H 121 -37.66 -6.70 13.13
N CYS H 122 -38.49 -6.36 12.15
CA CYS H 122 -38.43 -5.03 11.58
C CYS H 122 -39.27 -4.06 12.40
O35 SVR I . 8.25 -24.97 12.05
S31 SVR I . 7.06 -25.90 12.24
O36 SVR I . 6.16 -25.79 11.04
O34 SVR I . 7.54 -27.31 12.39
C22 SVR I . 6.20 -25.43 13.69
C18 SVR I . 4.81 -25.59 13.77
C11 SVR I . 4.06 -25.25 14.93
S17 SVR I . 2.30 -25.53 14.80
O23 SVR I . 1.84 -26.45 15.90
O24 SVR I . 1.59 -24.21 14.87
O25 SVR I . 2.00 -26.11 13.45
C16 SVR I . 6.90 -24.90 14.80
C10 SVR I . 6.23 -24.53 15.99
C15 SVR I . 7.01 -24.00 17.10
S21 SVR I . 8.75 -23.78 17.01
O28 SVR I . 9.41 -25.11 16.82
O29 SVR I . 9.09 -22.87 15.87
O30 SVR I . 9.26 -23.19 18.30
C12 SVR I . 6.37 -23.62 18.28
C7 SVR I . 5.00 -23.77 18.43
C6 SVR I . 4.77 -24.69 16.11
C3 SVR I . 4.17 -24.28 17.40
N1 SVR I . 2.87 -24.33 17.78
C2 SVR I . 2.08 -23.29 17.48
O4 SVR I . 2.49 -22.33 16.82
C5 SVR I . 0.63 -23.31 18.01
C8 SVR I . -0.22 -22.23 17.69
C9 SVR I . 0.13 -24.37 18.81
C14 SVR I . -1.22 -24.32 19.30
C20 SVR I . -2.06 -23.22 18.97
C27 SVR I . -3.50 -23.19 19.51
C13 SVR I . -1.56 -22.15 18.16
N19 SVR I . -2.30 -21.08 17.81
C26 SVR I . -1.98 -19.89 18.38
O32 SVR I . -0.94 -19.80 19.28
C33 SVR I . -2.75 -18.61 18.04
C37 SVR I . -3.87 -18.54 17.12
C38 SVR I . -2.32 -17.45 18.71
C40 SVR I . -2.93 -16.22 18.51
C42 SVR I . -4.00 -16.12 17.62
C39 SVR I . -4.49 -17.25 16.91
N41 SVR I . -5.52 -16.97 16.09
C43 SVR I . -6.66 -17.61 15.77
O45 SVR I . -7.02 -18.80 16.28
N44 SVR I . -7.40 -16.92 14.89
C46 SVR I . -8.59 -17.16 14.31
C47 SVR I . -9.05 -18.44 13.93
C48 SVR I . -9.41 -16.02 14.06
C50 SVR I . -10.68 -16.14 13.44
C52 SVR I . -11.14 -17.42 13.06
C49 SVR I . -10.33 -18.57 13.31
C51 SVR I . -10.84 -19.95 12.89
O54 SVR I . -10.23 -20.97 13.22
N53 SVR I . -11.98 -19.93 12.17
C55 SVR I . -12.63 -21.01 11.69
C56 SVR I . -12.71 -22.21 12.48
C57 SVR I . -13.26 -20.97 10.41
C59 SVR I . -13.19 -19.70 9.57
C60 SVR I . -13.96 -22.10 9.94
C62 SVR I . -14.03 -23.27 10.72
C58 SVR I . -13.39 -23.33 12.00
C61 SVR I . -13.49 -24.63 12.81
O64 SVR I . -12.49 -25.17 13.31
N63 SVR I . -14.73 -25.10 12.84
C65 SVR I . -15.18 -26.24 13.38
C67 SVR I . -14.55 -27.45 12.98
C70 SVR I . -14.97 -28.69 13.45
C71 SVR I . -16.04 -28.79 14.33
S75 SVR I . -16.49 -30.39 14.87
O80 SVR I . -16.41 -30.45 16.36
O81 SVR I . -17.89 -30.70 14.40
O82 SVR I . -15.54 -31.40 14.29
C66 SVR I . -16.30 -26.29 14.31
C68 SVR I . -16.73 -27.60 14.78
C72 SVR I . -17.84 -27.70 15.66
C69 SVR I . -17.01 -25.11 14.81
S73 SVR I . -16.57 -23.46 14.40
O77 SVR I . -15.19 -23.21 14.91
O78 SVR I . -16.63 -23.23 12.91
O79 SVR I . -17.51 -22.50 15.09
C74 SVR I . -18.10 -25.29 15.68
C76 SVR I . -18.52 -26.54 16.10
S83 SVR I . -19.92 -26.66 17.14
O85 SVR I . -20.12 -28.10 17.57
O86 SVR I . -19.73 -25.79 18.36
O84 SVR I . -21.14 -26.21 16.40
O35 SVR J . 6.41 3.46 8.42
S31 SVR J . 7.31 4.63 8.14
O36 SVR J . 6.58 5.66 7.32
O34 SVR J . 7.77 5.25 9.43
C22 SVR J . 8.71 4.06 7.28
C18 SVR J . 9.96 4.62 7.56
C11 SVR J . 11.13 4.16 6.89
S17 SVR J . 12.61 4.94 7.34
O23 SVR J . 13.56 3.92 7.90
O24 SVR J . 13.19 5.63 6.16
O25 SVR J . 12.33 5.97 8.41
C16 SVR J . 8.57 3.05 6.33
C10 SVR J . 9.70 2.56 5.62
C15 SVR J . 9.52 1.54 4.65
S21 SVR J . 7.92 0.85 4.33
O28 SVR J . 7.39 0.22 5.57
O29 SVR J . 6.99 1.92 3.87
O30 SVR J . 8.03 -0.21 3.26
C12 SVR J . 10.63 1.04 3.95
C7 SVR J . 11.92 1.55 4.18
C6 SVR J . 11.03 3.12 5.89
C3 SVR J . 12.16 2.59 5.15
N1 SVR J . 13.46 3.00 5.33
C2 SVR J . 14.33 3.33 4.32
O4 SVR J . 14.06 3.31 3.12
C5 SVR J . 15.76 3.70 4.79
C8 SVR J . 16.15 3.37 6.10
C9 SVR J . 16.68 4.35 3.93
C14 SVR J . 17.99 4.66 4.40
C20 SVR J . 18.39 4.33 5.72
C27 SVR J . 19.79 4.68 6.21
C13 SVR J . 17.46 3.68 6.58
N19 SVR J . 17.78 3.35 7.85
C26 SVR J . 17.66 2.08 8.31
O32 SVR J . 17.24 1.06 7.51
C33 SVR J . 18.01 1.83 9.78
C37 SVR J . 18.46 2.89 10.64
C38 SVR J . 17.85 0.52 10.28
C40 SVR J . 18.13 0.25 11.62
C42 SVR J . 18.57 1.28 12.48
C39 SVR J . 18.75 2.59 12.01
N41 SVR J . 19.20 3.49 12.93
C43 SVR J . 20.11 4.46 12.73
O45 SVR J . 20.69 4.67 11.52
N44 SVR J . 20.45 5.22 13.79
C46 SVR J . 21.36 6.21 13.77
C47 SVR J . 21.16 7.36 12.97
C48 SVR J . 22.53 6.11 14.57
C50 SVR J . 23.50 7.14 14.56
C52 SVR J . 23.29 8.30 13.76
C49 SVR J . 22.12 8.40 12.96
C51 SVR J . 21.86 9.61 12.08
O54 SVR J . 21.28 9.47 11.00
N53 SVR J . 22.28 10.78 12.59
C55 SVR J . 22.10 11.96 11.98
C56 SVR J . 22.53 12.21 10.64
C57 SVR J . 21.46 13.00 12.71
C59 SVR J . 20.99 12.76 14.14
C60 SVR J . 21.24 14.27 12.12
C62 SVR J . 21.67 14.51 10.79
C58 SVR J . 22.30 13.49 10.04
C61 SVR J . 22.74 13.77 8.59
O64 SVR J . 22.18 14.68 7.95
N63 SVR J . 23.75 13.00 8.11
C65 SVR J . 24.23 13.17 6.86
C67 SVR J . 23.34 12.98 5.74
C70 SVR J . 23.78 13.16 4.42
C71 SVR J . 25.11 13.54 4.15
S75 SVR J . 25.58 13.76 2.47
O80 SVR J . 25.98 15.19 2.28
O81 SVR J . 26.74 12.86 2.12
O82 SVR J . 24.42 13.46 1.56
C66 SVR J . 25.60 13.55 6.61
C68 SVR J . 26.03 13.74 5.23
C72 SVR J . 27.37 14.12 4.95
C69 SVR J . 26.59 13.77 7.68
S73 SVR J . 26.25 13.59 9.41
O77 SVR J . 25.26 14.62 9.81
O78 SVR J . 25.75 12.22 9.72
O79 SVR J . 27.49 13.85 10.20
C74 SVR J . 27.91 14.13 7.34
C76 SVR J . 28.30 14.31 6.00
S83 SVR J . 29.95 14.78 5.63
O85 SVR J . 30.24 14.43 4.20
O86 SVR J . 30.10 16.26 5.85
O84 SVR J . 30.91 14.03 6.53
O35 SVR K . -2.84 0.67 5.25
S31 SVR K . -1.51 0.52 5.92
O36 SVR K . -1.09 -0.93 5.91
O34 SVR K . -0.48 1.34 5.18
C22 SVR K . -1.63 1.06 7.59
C18 SVR K . -0.94 2.21 8.01
C11 SVR K . -1.02 2.69 9.35
S17 SVR K . -0.09 4.13 9.72
O23 SVR K . -1.02 5.21 10.22
O24 SVR K . 0.94 3.81 10.75
O25 SVR K . 0.62 4.59 8.48
C16 SVR K . -2.42 0.34 8.51
C10 SVR K . -2.55 0.76 9.87
C15 SVR K . -3.36 0.02 10.79
S21 SVR K . -4.21 -1.45 10.31
O28 SVR K . -5.19 -1.12 9.20
O29 SVR K . -3.23 -2.47 9.83
O30 SVR K . -4.97 -2.02 11.46
C12 SVR K . -3.49 0.45 12.12
C7 SVR K . -2.83 1.60 12.57
C6 SVR K . -1.84 1.97 10.32
C3 SVR K . -2.00 2.38 11.70
N1 SVR K . -1.41 3.49 12.24
C2 SVR K . -0.60 3.46 13.34
O4 SVR K . -0.32 2.44 13.98
C5 SVR K . -0.05 4.84 13.78
C8 SVR K . 1.06 4.90 14.64
C9 SVR K . -0.66 6.05 13.32
C14 SVR K . -0.16 7.29 13.74
C20 SVR K . 0.96 7.36 14.61
C27 SVR K . 1.47 8.76 15.01
C13 SVR K . 1.59 6.15 15.07
N19 SVR K . 2.68 6.10 15.90
C26 SVR K . 2.64 6.55 17.18
O32 SVR K . 1.50 7.09 17.70
C33 SVR K . 3.90 6.41 18.06
C37 SVR K . 5.14 5.85 17.60
C38 SVR K . 3.81 6.89 19.38
C40 SVR K . 4.89 6.80 20.25
C42 SVR K . 6.10 6.24 19.83
C39 SVR K . 6.25 5.77 18.53
N41 SVR K . 7.47 5.27 18.22
C43 SVR K . 7.74 4.04 17.77
O45 SVR K . 6.76 3.14 17.54
N44 SVR K . 9.03 3.75 17.55
C46 SVR K . 9.61 2.60 17.09
C47 SVR K . 11.01 2.42 17.30
C48 SVR K . 8.90 1.58 16.36
C50 SVR K . 9.58 0.43 15.88
C52 SVR K . 10.97 0.28 16.11
C49 SVR K . 11.69 1.27 16.82
C51 SVR K . 13.19 1.07 17.06
O54 SVR K . 13.63 1.08 18.21
N53 SVR K . 13.93 0.84 15.93
C55 SVR K . 15.28 0.57 15.94
C56 SVR K . 16.18 1.12 16.92
C57 SVR K . 15.80 -0.33 14.94
C59 SVR K . 14.88 -0.95 13.87
C60 SVR K . 17.16 -0.65 14.93
C62 SVR K . 18.04 -0.11 15.89
C58 SVR K . 17.56 0.78 16.88
C61 SVR K . 18.55 1.31 17.93
O64 SVR K . 18.14 1.89 18.94
N63 SVR K . 19.85 0.94 17.66
C65 SVR K . 20.94 1.11 18.46
C67 SVR K . 20.72 0.80 19.83
C70 SVR K . 21.72 0.86 20.78
C71 SVR K . 23.01 1.21 20.42
S75 SVR K . 24.20 1.23 21.68
O80 SVR K . 25.27 0.21 21.36
O81 SVR K . 24.78 2.60 21.75
O82 SVR K . 23.54 0.88 22.98
C66 SVR K . 22.29 1.51 18.04
C68 SVR K . 23.32 1.54 19.06
C72 SVR K . 24.67 1.90 18.72
C69 SVR K . 22.68 1.87 16.69
S73 SVR K . 21.55 1.93 15.35
O77 SVR K . 20.96 0.59 15.18
O78 SVR K . 20.50 2.96 15.65
O79 SVR K . 22.26 2.33 14.10
C74 SVR K . 24.02 2.22 16.39
C76 SVR K . 25.01 2.22 17.40
S83 SVR K . 26.68 2.62 16.98
O85 SVR K . 27.60 1.85 17.89
O86 SVR K . 26.97 2.24 15.54
O84 SVR K . 26.90 4.08 17.17
O35 SVR L . -23.64 13.06 -12.39
S31 SVR L . -24.14 11.65 -12.31
O36 SVR L . -23.59 10.99 -11.07
O34 SVR L . -25.63 11.65 -12.28
C22 SVR L . -23.62 10.74 -13.73
C18 SVR L . -23.89 9.36 -13.83
C11 SVR L . -23.46 8.59 -14.96
S17 SVR L . -23.87 6.90 -14.94
O23 SVR L . -24.78 6.59 -16.09
O24 SVR L . -22.64 6.04 -15.02
O25 SVR L . -24.60 6.61 -13.66
C16 SVR L . -22.94 11.40 -14.77
C10 SVR L . -22.50 10.70 -15.91
C15 SVR L . -21.82 11.42 -16.93
S21 SVR L . -21.52 13.14 -16.80
O28 SVR L . -22.81 13.87 -16.72
O29 SVR L . -20.71 13.43 -15.56
O30 SVR L . -20.76 13.61 -18.00
C12 SVR L . -21.36 10.76 -18.07
C7 SVR L . -21.56 9.38 -18.23
C6 SVR L . -22.75 9.26 -16.04
C3 SVR L . -22.25 8.59 -17.25
N1 SVR L . -22.36 7.24 -17.53
C2 SVR L . -22.98 6.76 -18.65
O4 SVR L . -23.52 7.50 -19.49
C5 SVR L . -22.96 5.22 -18.91
C8 SVR L . -21.90 4.37 -18.41
C9 SVR L . -24.01 4.65 -19.66
C14 SVR L . -24.03 3.26 -19.94
C20 SVR L . -23.00 2.42 -19.47
C27 SVR L . -23.06 0.92 -19.80
C13 SVR L . -21.91 2.95 -18.70
N19 SVR L . -20.94 2.08 -18.27
C26 SVR L . -19.72 2.04 -18.89
O32 SVR L . -19.44 2.87 -19.92
C33 SVR L . -18.65 1.01 -18.44
C37 SVR L . -18.84 0.07 -17.39
C38 SVR L . -17.42 1.03 -19.16
C40 SVR L . -16.39 0.12 -18.85
C42 SVR L . -16.57 -0.81 -17.81
C39 SVR L . -17.78 -0.85 -17.08
N41 SVR L . -17.88 -1.76 -16.08
C43 SVR L . -18.24 -3.07 -16.16
O45 SVR L . -18.61 -3.66 -17.31
N44 SVR L . -18.18 -3.73 -14.98
C46 SVR L . -18.45 -5.00 -14.66
C47 SVR L . -19.72 -5.35 -14.20
C48 SVR L . -17.43 -6.00 -14.73
C50 SVR L . -17.70 -7.34 -14.35
C52 SVR L . -19.00 -7.69 -13.89
C49 SVR L . -20.02 -6.70 -13.81
C51 SVR L . -21.44 -7.04 -13.30
O54 SVR L . -22.40 -6.31 -13.54
N53 SVR L . -21.48 -8.13 -12.55
C55 SVR L . -22.58 -8.64 -11.94
C56 SVR L . -23.90 -8.73 -12.56
C57 SVR L . -22.39 -9.11 -10.62
C59 SVR L . -21.00 -9.03 -9.96
C60 SVR L . -23.45 -9.67 -9.90
C62 SVR L . -24.72 -9.76 -10.48
C58 SVR L . -24.98 -9.30 -11.80
C61 SVR L . -26.44 -9.49 -12.32
O64 SVR L . -27.32 -9.72 -11.47
N63 SVR L . -26.73 -9.45 -13.68
C65 SVR L . -28.04 -9.70 -14.05
C67 SVR L . -29.08 -8.83 -13.58
C70 SVR L . -30.43 -9.06 -13.90
C71 SVR L . -30.82 -10.17 -14.67
S75 SVR L . -32.56 -10.41 -15.01
O80 SVR L . -32.79 -10.49 -16.50
O81 SVR L . -33.04 -11.67 -14.36
O82 SVR L . -33.35 -9.25 -14.47
C66 SVR L . -28.41 -10.86 -14.86
C68 SVR L . -29.82 -11.09 -15.16
C72 SVR L . -30.20 -12.22 -15.95
C69 SVR L . -27.43 -11.80 -15.39
S73 SVR L . -25.71 -11.68 -15.16
O77 SVR L . -25.25 -10.38 -15.76
O78 SVR L . -25.36 -11.78 -13.71
O79 SVR L . -25.02 -12.81 -15.86
C74 SVR L . -27.86 -12.90 -16.16
C76 SVR L . -29.21 -13.11 -16.44
S83 SVR L . -29.65 -14.51 -17.38
O85 SVR L . -30.18 -15.58 -16.48
O86 SVR L . -30.69 -14.13 -18.38
O84 SVR L . -28.44 -15.04 -18.10
O35 SVR M . 2.53 13.30 -27.32
S31 SVR M . 3.48 13.95 -26.35
O36 SVR M . 3.94 12.93 -25.35
O34 SVR M . 4.66 14.50 -27.09
C22 SVR M . 2.65 15.28 -25.54
C18 SVR M . 3.38 16.19 -24.76
C11 SVR M . 2.77 17.30 -24.12
S17 SVR M . 3.87 18.29 -23.18
O23 SVR M . 3.82 19.74 -23.60
O24 SVR M . 3.53 18.15 -21.72
O25 SVR M . 5.25 17.74 -23.31
C16 SVR M . 1.26 15.45 -25.69
C10 SVR M . 0.57 16.53 -25.08
C15 SVR M . -0.85 16.66 -25.27
S21 SVR M . -1.79 15.50 -26.20
O28 SVR M . -1.29 15.48 -27.64
O29 SVR M . -1.65 14.14 -25.59
O30 SVR M . -3.23 15.91 -26.21
C12 SVR M . -1.55 17.72 -24.69
C7 SVR M . -0.90 18.69 -23.94
C6 SVR M . 1.31 17.52 -24.28
C3 SVR M . 0.50 18.64 -23.70
N1 SVR M . 0.92 19.69 -22.94
C2 SVR M . 1.14 19.57 -21.65
O4 SVR M . 1.03 18.50 -21.07
C5 SVR M . 1.52 20.85 -20.86
C8 SVR M . 1.53 20.75 -19.46
C9 SVR M . 1.84 22.08 -21.48
C14 SVR M . 2.17 23.22 -20.68
C20 SVR M . 2.17 23.11 -19.25
C27 SVR M . 2.51 24.33 -18.40
C13 SVR M . 1.86 21.85 -18.64
N19 SVR M . 1.83 21.65 -17.31
C26 SVR M . 0.64 21.65 -16.68
O32 SVR M . -0.51 21.87 -17.38
C33 SVR M . 0.56 21.41 -15.16
C37 SVR M . 1.71 21.17 -14.32
C38 SVR M . -0.73 21.43 -14.60
C40 SVR M . -0.92 21.21 -13.24
C42 SVR M . 0.17 20.97 -12.41
C39 SVR M . 1.49 20.95 -12.92
N41 SVR M . 2.43 20.69 -12.00
C43 SVR M . 3.40 21.49 -11.48
O45 SVR M . 3.57 22.77 -11.84
N44 SVR M . 4.12 20.87 -10.55
C46 SVR M . 5.13 21.31 -9.77
C47 SVR M . 6.36 21.70 -10.31
C48 SVR M . 4.94 21.33 -8.36
C50 SVR M . 5.97 21.74 -7.49
C52 SVR M . 7.20 22.14 -8.02
C49 SVR M . 7.41 22.12 -9.42
C51 SVR M . 8.73 22.53 -10.02
O54 SVR M . 8.81 22.81 -11.22
N53 SVR M . 9.75 22.59 -9.14
C55 SVR M . 11.01 22.95 -9.47
C56 SVR M . 11.26 23.93 -10.49
C57 SVR M . 12.11 22.36 -8.79
C59 SVR M . 11.87 21.33 -7.67
C60 SVR M . 13.43 22.75 -9.11
C62 SVR M . 13.67 23.71 -10.12
C58 SVR M . 12.57 24.31 -10.82
C61 SVR M . 12.85 25.35 -11.92
O64 SVR M . 12.34 25.29 -13.04
N63 SVR M . 13.76 26.25 -11.52
C65 SVR M . 14.33 27.28 -12.18
C67 SVR M . 15.01 26.98 -13.39
C70 SVR M . 15.68 27.97 -14.11
C71 SVR M . 15.73 29.29 -13.65
S75 SVR M . 16.58 30.48 -14.60
O80 SVR M . 15.64 31.57 -15.01
O81 SVR M . 17.72 31.06 -13.79
O82 SVR M . 17.11 29.80 -15.83
C66 SVR M . 14.35 28.65 -11.67
C68 SVR M . 15.08 29.66 -12.42
C72 SVR M . 15.15 30.99 -11.94
C69 SVR M . 13.68 29.07 -10.45
S73 SVR M . 12.69 27.98 -9.47
O77 SVR M . 11.56 27.53 -10.31
O78 SVR M . 13.48 26.82 -8.96
O79 SVR M . 12.14 28.75 -8.31
C74 SVR M . 13.79 30.41 -10.01
C76 SVR M . 14.52 31.37 -10.73
S83 SVR M . 14.65 33.01 -10.10
O85 SVR M . 15.23 33.92 -11.15
O86 SVR M . 13.30 33.50 -9.67
O84 SVR M . 15.57 33.00 -8.92
O35 SVR N . -0.45 -10.96 2.43
S31 SVR N . -1.73 -11.69 2.16
O36 SVR N . -2.29 -11.28 0.84
O34 SVR N . -1.44 -13.15 2.14
C22 SVR N . -2.92 -11.32 3.39
C18 SVR N . -3.82 -12.32 3.80
C11 SVR N . -4.80 -12.06 4.79
S17 SVR N . -5.86 -13.37 5.20
O23 SVR N . -5.73 -13.70 6.66
O24 SVR N . -7.26 -12.99 4.86
O25 SVR N . -5.50 -14.59 4.39
C16 SVR N . -2.98 -10.03 3.93
C10 SVR N . -3.95 -9.71 4.92
C15 SVR N . -4.00 -8.38 5.47
S21 SVR N . -2.88 -7.13 4.93
O28 SVR N . -1.46 -7.53 5.19
O29 SVR N . -3.07 -6.89 3.46
O30 SVR N . -3.17 -5.86 5.68
C12 SVR N . -4.94 -8.06 6.45
C7 SVR N . -5.86 -9.02 6.91
C6 SVR N . -4.90 -10.74 5.38
C3 SVR N . -5.87 -10.36 6.42
N1 SVR N . -6.79 -11.22 6.95
C2 SVR N . -8.14 -10.95 7.12
O4 SVR N . -8.71 -9.89 6.83
C5 SVR N . -8.94 -12.10 7.79
C8 SVR N . -8.26 -13.11 8.47
C9 SVR N . -10.36 -12.12 7.74
C14 SVR N . -11.08 -13.19 8.36
C20 SVR N . -10.38 -14.21 9.05
C27 SVR N . -11.16 -15.35 9.72
C13 SVR N . -8.96 -14.17 9.11
N19 SVR N . -8.26 -15.13 9.75
C26 SVR N . -7.36 -14.84 10.72
O32 SVR N . -7.10 -13.57 11.13
C33 SVR N . -6.60 -16.01 11.35
C37 SVR N . -6.82 -17.37 10.97
C38 SVR N . -5.65 -15.68 12.35
C40 SVR N . -4.92 -16.69 12.96
C42 SVR N . -5.13 -18.04 12.61
C39 SVR N . -6.07 -18.40 11.63
N41 SVR N . -6.17 -19.74 11.40
C43 SVR N . -7.32 -20.42 11.14
O45 SVR N . -8.52 -19.79 11.07
N44 SVR N . -7.23 -21.76 10.98
C46 SVR N . -8.28 -22.57 10.75
C47 SVR N . -9.09 -22.42 9.61
C48 SVR N . -8.59 -23.60 11.69
C50 SVR N . -9.69 -24.48 11.46
C52 SVR N . -10.48 -24.31 10.31
C49 SVR N . -10.19 -23.28 9.38
C51 SVR N . -11.03 -23.09 8.12
O54 SVR N . -11.23 -21.94 7.69
N53 SVR N . -11.50 -24.22 7.56
C55 SVR N . -12.25 -24.25 6.44
C56 SVR N . -13.47 -23.50 6.34
C57 SVR N . -11.81 -25.02 5.31
C59 SVR N . -10.50 -25.83 5.38
C60 SVR N . -12.58 -25.06 4.14
C62 SVR N . -13.79 -24.32 4.06
C58 SVR N . -14.24 -23.54 5.16
C61 SVR N . -15.55 -22.75 5.03
O64 SVR N . -15.91 -22.38 3.91
N63 SVR N . -16.26 -22.49 6.18
C65 SVR N . -17.44 -21.81 6.13
C67 SVR N . -17.45 -20.51 5.54
C70 SVR N . -18.62 -19.76 5.43
C71 SVR N . -19.85 -20.27 5.92
S75 SVR N . -21.29 -19.27 5.74
O80 SVR N . -22.24 -19.97 4.81
O81 SVR N . -21.95 -19.05 7.07
O82 SVR N . -20.93 -17.94 5.15
C66 SVR N . -18.69 -22.37 6.65
C68 SVR N . -19.90 -21.56 6.53
C72 SVR N . -21.14 -22.07 7.01
C69 SVR N . -18.80 -23.68 7.28
S73 SVR N . -17.44 -24.78 7.52
O77 SVR N . -16.87 -25.19 6.19
O78 SVR N . -16.39 -24.12 8.36
O79 SVR N . -17.92 -26.03 8.20
C74 SVR N . -20.06 -24.13 7.74
C76 SVR N . -21.22 -23.33 7.61
S83 SVR N . -22.75 -23.95 8.20
O85 SVR N . -23.81 -22.89 8.07
O86 SVR N . -23.14 -25.16 7.40
O84 SVR N . -22.61 -24.32 9.65
O35 SVR O . 5.03 -3.15 -0.51
S31 SVR O . 4.12 -4.34 -0.29
O36 SVR O . 3.62 -4.32 1.13
O34 SVR O . 2.97 -4.26 -1.24
C22 SVR O . 5.03 -5.83 -0.57
C18 SVR O . 4.36 -7.02 -0.93
C11 SVR O . 5.06 -8.24 -1.16
S17 SVR O . 4.11 -9.65 -1.60
O23 SVR O . 4.54 -10.17 -2.94
O24 SVR O . 4.30 -10.71 -0.55
O25 SVR O . 2.65 -9.28 -1.65
C16 SVR O . 6.43 -5.83 -0.42
C10 SVR O . 7.19 -7.01 -0.65
C15 SVR O . 8.62 -6.97 -0.50
S21 SVR O . 9.47 -5.50 -0.04
O28 SVR O . 9.23 -4.44 -1.07
O29 SVR O . 8.98 -5.02 1.29
O30 SVR O . 10.94 -5.78 0.04
C12 SVR O . 9.37 -8.13 -0.72
C7 SVR O . 8.76 -9.33 -1.07
C6 SVR O . 6.52 -8.25 -1.02
C3 SVR O . 7.34 -9.43 -1.23
N1 SVR O . 6.80 -10.63 -1.60
C2 SVR O . 7.27 -11.84 -1.19
O4 SVR O . 8.25 -12.03 -0.45
C5 SVR O . 6.49 -13.04 -1.73
C8 SVR O . 6.26 -14.15 -0.88
C9 SVR O . 5.97 -13.03 -3.07
C14 SVR O . 5.25 -14.15 -3.54
C20 SVR O . 5.03 -15.27 -2.70
C27 SVR O . 4.23 -16.45 -3.25
C13 SVR O . 5.54 -15.27 -1.34
N19 SVR O . 5.36 -16.31 -0.47
C26 SVR O . 6.10 -17.45 -0.60
O32 SVR O . 6.99 -17.59 -1.63
C33 SVR O . 5.91 -18.59 0.42
C37 SVR O . 5.02 -18.53 1.52
C38 SVR O . 6.71 -19.74 0.22
C40 SVR O . 6.63 -20.83 1.10
C42 SVR O . 5.77 -20.78 2.20
C39 SVR O . 4.96 -19.66 2.43
N41 SVR O . 4.16 -19.72 3.50
C43 SVR O . 4.21 -18.90 4.58
O45 SVR O . 5.12 -17.91 4.67
N44 SVR O . 3.30 -19.14 5.54
C46 SVR O . 3.10 -18.49 6.74
C47 SVR O . 2.37 -19.19 7.73
C48 SVR O . 3.55 -17.16 7.00
C50 SVR O . 3.27 -16.56 8.26
C52 SVR O . 2.54 -17.27 9.24
C49 SVR O . 2.08 -18.58 8.97
C51 SVR O . 1.29 -19.33 10.07
O54 SVR O . 1.62 -20.48 10.38
N53 SVR O . 0.30 -18.60 10.63
C55 SVR O . -0.50 -19.02 11.67
C56 SVR O . -0.70 -20.42 12.00
C57 SVR O . -1.12 -18.02 12.48
C59 SVR O . -0.93 -16.54 12.18
C60 SVR O . -1.92 -18.40 13.58
C62 SVR O . -2.11 -19.76 13.88
C58 SVR O . -1.51 -20.78 13.10
C61 SVR O . -1.71 -22.25 13.51
O64 SVR O . -0.93 -23.12 13.10
N63 SVR O . -2.70 -22.44 14.44
C65 SVR O . -2.99 -23.63 15.11
C67 SVR O . -1.88 -24.47 15.39
C70 SVR O . -2.02 -25.65 16.10
C71 SVR O . -3.25 -26.04 16.60
S75 SVR O . -3.32 -27.52 17.50
O80 SVR O . -3.51 -27.21 18.95
O81 SVR O . -4.45 -28.38 17.00
O82 SVR O . -2.02 -28.26 17.32
C66 SVR O . -4.31 -24.01 15.58
C68 SVR O . -4.41 -25.24 16.35
C72 SVR O . -5.66 -25.64 16.89
C69 SVR O . -5.55 -23.26 15.36
S73 SVR O . -5.64 -21.81 14.43
O77 SVR O . -4.80 -20.74 15.07
O78 SVR O . -5.17 -22.12 13.04
O79 SVR O . -7.05 -21.33 14.39
C74 SVR O . -6.76 -23.72 15.92
C76 SVR O . -6.81 -24.89 16.66
S83 SVR O . -8.33 -25.38 17.36
O85 SVR O . -8.06 -26.19 18.59
O86 SVR O . -9.11 -24.14 17.74
O84 SVR O . -9.10 -26.20 16.36
O35 SVR P . 4.74 5.93 -8.67
S31 SVR P . 6.02 6.58 -8.28
O36 SVR P . 6.81 5.65 -7.41
O34 SVR P . 6.80 6.86 -9.54
C22 SVR P . 5.70 8.05 -7.39
C18 SVR P . 6.49 9.19 -7.60
C11 SVR P . 6.25 10.40 -6.88
S17 SVR P . 7.31 11.74 -7.25
O23 SVR P . 6.52 12.89 -7.77
O24 SVR P . 8.08 12.16 -6.05
O25 SVR P . 8.27 11.28 -8.32
C16 SVR P . 4.67 8.08 -6.44
C10 SVR P . 4.39 9.25 -5.68
C15 SVR P . 3.32 9.23 -4.72
S21 SVR P . 2.35 7.78 -4.45
O28 SVR P . 1.65 7.43 -5.74
O29 SVR P . 3.22 6.65 -4.03
O30 SVR P . 1.31 8.06 -3.40
C12 SVR P . 3.04 10.38 -3.97
C7 SVR P . 3.77 11.55 -4.15
C6 SVR P . 5.18 10.46 -5.89
C3 SVR P . 4.85 11.63 -5.10
N1 SVR P . 5.48 12.83 -5.20
C2 SVR P . 5.93 13.59 -4.14
O4 SVR P . 5.85 13.25 -2.96
C5 SVR P . 6.56 14.96 -4.55
C8 SVR P . 6.40 15.42 -5.88
C9 SVR P . 7.28 15.76 -3.62
C14 SVR P . 7.83 17.01 -4.03
C20 SVR P . 7.66 17.48 -5.36
C27 SVR P . 8.26 18.83 -5.78
C13 SVR P . 6.94 16.67 -6.30
N19 SVR P . 6.74 17.06 -7.59
C26 SVR P . 5.50 17.17 -8.11
O32 SVR P . 4.36 16.94 -7.38
C33 SVR P . 5.36 17.57 -9.58
C37 SVR P . 6.51 17.84 -10.41
C38 SVR P . 4.06 17.65 -10.11
C40 SVR P . 3.87 17.98 -11.46
C42 SVR P . 4.98 18.26 -12.29
C39 SVR P . 6.30 18.20 -11.79
N41 SVR P . 7.28 18.49 -12.68
C43 SVR P . 8.41 19.20 -12.42
O45 SVR P . 8.67 19.67 -11.18
N44 SVR P . 9.25 19.45 -13.44
C46 SVR P . 10.38 20.18 -13.34
C47 SVR P . 11.45 19.75 -12.53
C48 SVR P . 10.50 21.39 -14.07
C50 SVR P . 11.68 22.18 -13.97
C52 SVR P . 12.76 21.72 -13.16
C49 SVR P . 12.63 20.50 -12.44
C51 SVR P . 13.76 19.97 -11.56
O54 SVR P . 13.49 19.42 -10.47
N53 SVR P . 15.00 20.16 -12.07
C55 SVR P . 16.13 19.75 -11.44
C56 SVR P . 16.39 20.15 -10.11
C57 SVR P . 17.05 18.91 -12.14
C59 SVR P . 16.81 18.47 -13.58
C60 SVR P . 18.25 18.48 -11.48
C62 SVR P . 18.50 18.88 -10.15
C58 SVR P . 17.57 19.71 -9.45
C61 SVR P . 17.86 20.12 -8.00
O64 SVR P . 18.61 19.41 -7.32
N63 SVR P . 17.25 21.26 -7.53
C65 SVR P . 17.49 21.67 -6.26
C67 SVR P . 17.09 20.82 -5.19
C70 SVR P . 17.32 21.18 -3.86
C71 SVR P . 17.96 22.39 -3.53
S75 SVR P . 18.24 22.75 -1.83
O80 SVR P . 19.71 22.71 -1.58
O81 SVR P . 17.72 24.12 -1.48
O82 SVR P . 17.56 21.73 -0.99
C66 SVR P . 18.14 22.94 -5.96
C68 SVR P . 18.37 23.28 -4.58
C72 SVR P . 19.00 24.51 -4.24
C69 SVR P . 18.57 23.90 -6.99
S73 SVR P . 18.38 23.67 -8.72
O77 SVR P . 19.16 22.47 -9.17
O78 SVR P . 16.92 23.51 -9.06
O79 SVR P . 18.93 24.85 -9.45
C74 SVR P . 19.20 25.10 -6.59
C76 SVR P . 19.41 25.40 -5.24
S83 SVR P . 20.19 26.90 -4.82
O85 SVR P . 19.97 27.19 -3.36
O86 SVR P . 21.65 26.77 -5.11
O84 SVR P . 19.60 28.01 -5.63
O35 SVR Q . 1.36 -2.47 -5.23
S31 SVR Q . 0.70 -1.35 -6.00
O36 SVR Q . -0.78 -1.45 -5.86
O34 SVR Q . 1.19 -0.03 -5.45
C22 SVR Q . 1.16 -1.50 -7.69
C18 SVR Q . 2.41 -1.00 -8.10
C11 SVR Q . 2.84 -1.09 -9.45
S17 SVR Q . 4.42 -0.42 -9.81
O23 SVR Q . 5.33 -1.48 -10.37
O24 SVR Q . 4.26 0.70 -10.80
O25 SVR Q . 5.02 0.15 -8.56
C16 SVR Q . 0.30 -2.11 -8.61
C10 SVR Q . 0.66 -2.24 -9.97
C15 SVR Q . -0.24 -2.88 -10.90
S21 SVR Q . -1.81 -3.49 -10.41
O28 SVR Q . -1.62 -4.59 -9.41
O29 SVR Q . -2.62 -2.39 -9.81
O30 SVR Q . -2.52 -4.07 -11.61
C12 SVR Q . 0.12 -3.02 -12.25
C7 SVR Q . 1.36 -2.57 -12.71
C6 SVR Q . 1.96 -1.75 -10.43
C3 SVR Q . 2.30 -1.92 -11.84
N1 SVR Q . 3.48 -1.51 -12.36
C2 SVR Q . 3.60 -0.91 -13.58
O4 SVR Q . 2.67 -0.65 -14.34
C5 SVR Q . 5.04 -0.57 -13.98
C8 SVR Q . 5.29 0.52 -14.84
C9 SVR Q . 6.12 -1.36 -13.49
C14 SVR Q . 7.44 -1.05 -13.87
C20 SVR Q . 7.71 0.05 -14.72
C27 SVR Q . 9.18 0.33 -15.08
C13 SVR Q . 6.60 0.86 -15.23
N19 SVR Q . 6.74 1.94 -16.06
C26 SVR Q . 7.27 1.83 -17.30
O32 SVR Q . 7.74 0.63 -17.77
C33 SVR Q . 7.35 3.07 -18.19
C37 SVR Q . 6.88 4.38 -17.82
C38 SVR Q . 7.91 2.85 -19.47
C40 SVR Q . 8.01 3.90 -20.39
C42 SVR Q . 7.56 5.18 -20.05
C39 SVR Q . 6.99 5.44 -18.79
N41 SVR Q . 6.60 6.73 -18.61
C43 SVR Q . 5.57 7.26 -17.90
O45 SVR Q . 4.71 6.49 -17.19
N44 SVR Q . 5.46 8.60 -17.95
C46 SVR Q . 4.55 9.40 -17.34
C47 SVR Q . 4.71 10.80 -17.54
C48 SVR Q . 3.47 8.93 -16.51
C50 SVR Q . 2.58 9.84 -15.90
C52 SVR Q . 2.75 11.22 -16.11
C49 SVR Q . 3.81 11.71 -16.92
C51 SVR Q . 3.97 13.23 -17.14
O54 SVR Q . 4.34 13.65 -18.25
N53 SVR Q . 3.65 13.99 -16.06
C55 SVR Q . 3.67 15.36 -16.02
C56 SVR Q . 4.44 16.16 -16.93
C57 SVR Q . 2.85 16.02 -15.04
C59 SVR Q . 2.01 15.21 -14.05
C60 SVR Q . 2.81 17.43 -14.97
C62 SVR Q . 3.56 18.20 -15.87
C58 SVR Q . 4.39 17.58 -16.85
C61 SVR Q . 5.15 18.48 -17.84
O64 SVR Q . 5.72 17.99 -18.84
N63 SVR Q . 5.00 19.79 -17.56
C65 SVR Q . 5.40 20.84 -18.33
C67 SVR Q . 5.13 20.71 -19.72
C70 SVR Q . 5.41 21.70 -20.63
C71 SVR Q . 5.95 22.90 -20.22
S75 SVR Q . 6.25 24.11 -21.44
O80 SVR Q . 5.46 25.34 -21.10
O81 SVR Q . 7.71 24.42 -21.48
O82 SVR Q . 5.80 23.59 -22.77
C66 SVR Q . 6.00 22.09 -17.84
C68 SVR Q . 6.26 23.12 -18.84
C72 SVR Q . 6.81 24.37 -18.44
C69 SVR Q . 6.35 22.38 -16.45
S73 SVR Q . 6.15 21.24 -15.13
O77 SVR Q . 4.71 20.88 -14.96
O78 SVR Q . 6.98 20.02 -15.42
O79 SVR Q . 6.63 21.89 -13.87
C74 SVR Q . 6.89 23.64 -16.13
C76 SVR Q . 7.11 24.62 -17.10
S83 SVR Q . 7.74 26.19 -16.67
O85 SVR Q . 7.17 27.20 -17.60
O86 SVR Q . 7.32 26.53 -15.28
O84 SVR Q . 9.23 26.20 -16.80
O35 SVR R . 12.74 -0.37 26.91
S31 SVR R . 13.75 0.51 26.21
O36 SVR R . 13.03 1.42 25.25
O34 SVR R . 14.48 1.32 27.24
C22 SVR R . 14.92 -0.50 25.35
C18 SVR R . 15.89 0.08 24.49
C11 SVR R . 16.84 -0.72 23.79
S17 SVR R . 18.00 0.11 22.77
O23 SVR R . 19.38 -0.12 23.30
O24 SVR R . 17.89 -0.36 21.35
O25 SVR R . 17.71 1.58 22.85
C16 SVR R . 14.88 -1.87 25.52
C10 SVR R . 15.78 -2.73 24.86
C15 SVR R . 15.68 -4.14 25.08
S21 SVR R . 14.47 -4.83 26.16
O28 SVR R . 14.70 -4.30 27.54
O29 SVR R . 13.09 -4.46 25.71
O30 SVR R . 14.59 -6.33 26.19
C12 SVR R . 16.56 -5.01 24.44
C7 SVR R . 17.53 -4.52 23.57
C6 SVR R . 16.80 -2.18 23.96
C3 SVR R . 17.70 -3.11 23.30
N1 SVR R . 18.71 -2.81 22.41
C2 SVR R . 20.01 -3.18 22.63
O4 SVR R . 20.39 -3.79 23.64
C5 SVR R . 21.03 -2.88 21.50
C8 SVR R . 20.66 -2.89 20.12
C9 SVR R . 22.38 -2.64 21.85
C14 SVR R . 23.36 -2.40 20.86
C20 SVR R . 23.00 -2.41 19.50
C27 SVR R . 24.08 -2.15 18.42
C13 SVR R . 21.65 -2.65 19.11
N19 SVR R . 21.37 -2.66 17.78
C26 SVR R . 20.93 -3.75 17.10
O32 SVR R . 20.70 -4.95 17.71
C33 SVR R . 20.71 -3.59 15.59
C37 SVR R . 20.96 -2.36 14.98
C38 SVR R . 20.24 -4.69 14.81
C40 SVR R . 20.05 -4.54 13.41
C42 SVR R . 20.31 -3.29 12.80
C39 SVR R . 20.78 -2.18 13.58
N41 SVR R . 21.03 -0.96 13.05
C43 SVR R . 21.39 -0.64 11.78
O45 SVR R . 21.56 -1.60 10.82
N44 SVR R . 21.54 0.68 11.52
C46 SVR R . 21.84 1.27 10.34
C47 SVR R . 22.56 2.49 10.35
C48 SVR R . 21.43 0.71 9.09
C50 SVR R . 21.75 1.36 7.87
C52 SVR R . 22.47 2.58 7.89
C49 SVR R . 22.88 3.14 9.13
C51 SVR R . 23.65 4.44 9.15
O54 SVR R . 24.55 4.63 8.32
N53 SVR R . 23.32 5.31 10.12
C55 SVR R . 23.97 6.47 10.25
C56 SVR R . 25.01 6.55 11.22
C57 SVR R . 23.67 7.63 9.44
C59 SVR R . 22.56 7.61 8.37
C60 SVR R . 24.40 8.82 9.64
C62 SVR R . 25.43 8.88 10.60
C58 SVR R . 25.74 7.74 11.40
C61 SVR R . 26.86 7.87 12.45
O64 SVR R . 26.79 7.30 13.54
N63 SVR R . 27.83 8.68 12.02
C65 SVR R . 28.94 9.11 12.65
C67 SVR R . 28.75 9.86 13.85
C70 SVR R . 29.83 10.40 14.56
C71 SVR R . 31.15 10.23 14.10
S75 SVR R . 32.45 10.94 15.04
O80 SVR R . 33.31 9.85 15.62
O81 SVR R . 33.28 11.83 14.16
O82 SVR R . 31.87 11.75 16.17
C66 SVR R . 30.29 8.89 12.15
C68 SVR R . 31.40 9.48 12.90
C72 SVR R . 32.73 9.33 12.44
C69 SVR R . 30.60 8.14 10.96
S73 SVR R . 29.38 7.32 9.98
O77 SVR R . 28.70 6.31 10.82
O78 SVR R . 28.40 8.29 9.41
O79 SVR R . 30.07 6.60 8.84
C74 SVR R . 31.97 8.02 10.54
C76 SVR R . 33.02 8.62 11.27
S83 SVR R . 34.70 8.51 10.72
O85 SVR R . 35.54 9.51 11.44
O86 SVR R . 35.21 7.13 10.98
O84 SVR R . 34.77 8.81 9.26
O35 SVR S . -10.99 1.83 -2.78
S31 SVR S . -11.76 0.61 -2.41
O36 SVR S . -11.26 0.07 -1.10
O34 SVR S . -13.21 1.00 -2.30
C22 SVR S . -11.57 -0.64 -3.63
C18 SVR S . -12.71 -1.34 -4.08
C11 SVR S . -12.61 -2.36 -5.05
S17 SVR S . -14.10 -3.16 -5.52
O23 SVR S . -14.34 -2.98 -6.99
O24 SVR S . -14.01 -4.61 -5.19
O25 SVR S . -15.23 -2.55 -4.75
C16 SVR S . -10.29 -0.94 -4.14
C10 SVR S . -10.13 -1.96 -5.12
C15 SVR S . -8.83 -2.26 -5.64
S21 SVR S . -7.40 -1.38 -5.10
O28 SVR S . -7.56 0.06 -5.46
O29 SVR S . -7.21 -1.55 -3.62
O30 SVR S . -6.20 -1.93 -5.82
C12 SVR S . -8.67 -3.26 -6.61
C7 SVR S . -9.76 -3.99 -7.09
C6 SVR S . -11.30 -2.71 -5.61
C3 SVR S . -11.09 -3.75 -6.62
N1 SVR S . -12.09 -4.51 -7.17
C2 SVR S . -12.09 -5.87 -7.24
O4 SVR S . -11.20 -6.60 -6.79
C5 SVR S . -13.32 -6.49 -7.98
C8 SVR S . -14.20 -5.64 -8.65
C9 SVR S . -13.56 -7.89 -8.00
C14 SVR S . -14.68 -8.41 -8.71
C20 SVR S . -15.58 -7.53 -9.40
C27 SVR S . -16.79 -8.10 -10.15
C13 SVR S . -15.33 -6.14 -9.37
N19 SVR S . -16.13 -5.26 -9.99
C26 SVR S . -15.66 -4.45 -10.96
O32 SVR S . -14.37 -4.49 -11.39
C33 SVR S . -16.65 -3.47 -11.58
C37 SVR S . -18.03 -3.38 -11.17
C38 SVR S . -16.16 -2.60 -12.57
C40 SVR S . -17.00 -1.66 -13.16
C42 SVR S . -18.35 -1.58 -12.77
C39 SVR S . -18.90 -2.43 -11.79
N41 SVR S . -20.22 -2.25 -11.51
C43 SVR S . -21.13 -3.23 -11.39
O45 SVR S . -20.77 -4.53 -11.51
N44 SVR S . -22.42 -2.91 -11.16
C46 SVR S . -23.41 -3.84 -11.06
C47 SVR S . -23.48 -4.70 -9.92
C48 SVR S . -24.38 -3.99 -12.10
C50 SVR S . -25.41 -4.97 -11.99
C52 SVR S . -25.47 -5.81 -10.84
C49 SVR S . -24.49 -5.66 -9.82
C51 SVR S . -24.52 -6.54 -8.57
O54 SVR S . -23.45 -6.96 -8.10
N53 SVR S . -25.74 -6.79 -8.06
C55 SVR S . -25.93 -7.54 -6.94
C56 SVR S . -25.38 -8.85 -6.83
C57 SVR S . -26.70 -7.01 -5.87
C59 SVR S . -27.31 -5.61 -5.95
C60 SVR S . -26.90 -7.79 -4.71
C62 SVR S . -26.34 -9.08 -4.61
C58 SVR S . -25.58 -9.62 -5.67
C61 SVR S . -24.99 -11.02 -5.54
O64 SVR S . -24.64 -11.42 -4.42
N63 SVR S . -24.92 -11.77 -6.69
C65 SVR S . -24.47 -13.04 -6.66
C67 SVR S . -23.17 -13.31 -6.11
C70 SVR S . -22.67 -14.61 -6.04
C71 SVR S . -23.43 -15.69 -6.52
S75 SVR S . -22.75 -17.30 -6.39
O80 SVR S . -23.58 -18.06 -5.40
O81 SVR S . -22.79 -18.00 -7.74
O82 SVR S . -21.33 -17.23 -5.92
C66 SVR S . -25.26 -14.13 -7.18
C68 SVR S . -24.72 -15.47 -7.09
C72 SVR S . -25.48 -16.56 -7.58
C69 SVR S . -26.58 -13.95 -7.78
S73 SVR S . -27.40 -12.39 -7.98
O77 SVR S . -27.67 -11.79 -6.64
O78 SVR S . -26.57 -11.48 -8.81
O79 SVR S . -28.73 -12.59 -8.65
C74 SVR S . -27.29 -15.08 -8.25
C76 SVR S . -26.75 -16.38 -8.15
S83 SVR S . -27.67 -17.73 -8.75
O85 SVR S . -26.74 -18.76 -9.33
O86 SVR S . -28.44 -18.34 -7.61
O84 SVR S . -28.62 -17.27 -9.82
O35 SVR T . -2.42 5.22 1.63
S31 SVR T . -3.15 5.36 0.33
O36 SVR T . -2.19 5.93 -0.70
O34 SVR T . -3.62 4.01 -0.12
C22 SVR T . -4.51 6.45 0.54
C18 SVR T . -5.77 5.94 0.90
C11 SVR T . -6.90 6.81 1.08
S17 SVR T . -8.42 6.05 1.51
O23 SVR T . -8.90 6.57 2.83
O24 SVR T . -9.43 6.31 0.44
O25 SVR T . -8.20 4.56 1.60
C16 SVR T . -4.33 7.82 0.36
C10 SVR T . -5.40 8.74 0.52
C15 SVR T . -5.16 10.14 0.33
S21 SVR T . -3.59 10.74 -0.12
O28 SVR T . -2.60 10.40 0.96
O29 SVR T . -3.14 10.12 -1.41
O30 SVR T . -3.64 12.23 -0.27
C12 SVR T . -6.20 11.05 0.49
C7 SVR T . -7.49 10.63 0.85
C6 SVR T . -6.72 8.25 0.89
C3 SVR T . -7.79 9.25 1.05
N1 SVR T . -9.05 8.92 1.41
C2 SVR T . -10.16 9.35 0.74
O4 SVR T . -10.16 10.07 -0.27
C5 SVR T . -11.49 8.87 1.36
C8 SVR T . -12.66 8.86 0.58
C9 SVR T . -11.53 8.45 2.71
C14 SVR T . -12.76 8.02 3.28
C20 SVR T . -13.94 7.99 2.50
C27 SVR T . -15.24 7.50 3.17
C13 SVR T . -13.90 8.43 1.12
N19 SVR T . -14.97 8.45 0.28
C26 SVR T . -16.01 9.30 0.45
O32 SVR T . -16.04 10.17 1.51
C33 SVR T . -17.17 9.29 -0.56
C37 SVR T . -17.21 8.42 -1.70
C38 SVR T . -18.22 10.20 -0.34
C40 SVR T . -19.31 10.29 -1.21
C42 SVR T . -19.36 9.46 -2.33
C39 SVR T . -18.34 8.52 -2.60
N41 SVR T . -18.51 7.77 -3.71
C43 SVR T . -17.68 7.68 -4.76
O45 SVR T . -16.49 8.34 -4.80
N44 SVR T . -18.08 6.89 -5.77
C46 SVR T . -17.46 6.61 -6.95
C47 SVR T . -18.24 6.02 -7.97
C48 SVR T . -16.07 6.85 -7.19
C50 SVR T . -15.48 6.51 -8.43
C52 SVR T . -16.28 5.92 -9.44
C49 SVR T . -17.66 5.68 -9.21
C51 SVR T . -18.49 5.04 -10.33
O54 SVR T . -19.50 5.62 -10.76
N53 SVR T . -18.00 3.87 -10.79
C55 SVR T . -18.55 3.16 -11.83
C56 SVR T . -19.96 3.15 -12.11
C57 SVR T . -17.66 2.43 -12.68
C59 SVR T . -16.15 2.43 -12.42
C60 SVR T . -18.17 1.72 -13.77
C62 SVR T . -19.55 1.71 -14.04
C58 SVR T . -20.46 2.41 -13.21
C61 SVR T . -21.97 2.43 -13.58
O64 SVR T . -22.77 3.10 -12.93
N63 SVR T . -22.22 1.74 -14.72
C65 SVR T . -23.39 1.64 -15.43
C67 SVR T . -23.99 2.89 -15.77
C70 SVR T . -25.14 2.98 -16.54
C71 SVR T . -25.75 1.83 -17.04
S75 SVR T . -27.18 2.03 -18.03
O80 SVR T . -26.87 1.61 -19.44
O81 SVR T . -28.29 1.18 -17.50
O82 SVR T . -27.61 3.47 -18.01
C66 SVR T . -24.02 0.41 -15.92
C68 SVR T . -25.22 0.54 -16.75
C72 SVR T . -25.86 -0.60 -17.26
C69 SVR T . -23.55 -0.94 -15.66
S73 SVR T . -22.19 -1.32 -14.68
O77 SVR T . -20.93 -0.74 -15.27
O78 SVR T . -22.43 -0.81 -13.29
O79 SVR T . -22.04 -2.81 -14.64
C74 SVR T . -24.24 -2.04 -16.21
C76 SVR T . -25.37 -1.88 -17.00
S83 SVR T . -26.16 -3.27 -17.66
O85 SVR T . -27.23 -2.83 -18.60
O86 SVR T . -25.14 -4.10 -18.39
O84 SVR T . -26.76 -4.09 -16.55
#